data_7Y78
#
_entry.id   7Y78
#
_cell.length_a   66.936
_cell.length_b   132.741
_cell.length_c   314.680
_cell.angle_alpha   90.000
_cell.angle_beta   90.000
_cell.angle_gamma   90.000
#
_symmetry.space_group_name_H-M   'P 2 21 21'
#
loop_
_entity.id
_entity.type
_entity.pdbx_description
1 polymer Toxin
2 non-polymer 'AMMONIUM ION'
3 non-polymer 1,2-ETHANEDIOL
#
_entity_poly.entity_id   1
_entity_poly.type   'polypeptide(L)'
_entity_poly.pdbx_seq_one_letter_code
;AHMNEIDNGIKALDPFNFYRIRTFCGKMLDVVGQSTSDNAMVVQYSINNKPNQNFLVFTLDDGYSIIAAENSGKVLDISE
DFFFKGMLIQYHFANSDNQKFLISNNGTIAVKRSGKVFDIPGASTSNDAPVIAYNFNNAANQKFTFERVKTFQVPSPSIG
TLPPAPDFKNDINEQLPDKTNPVITHFSTIPYIMANDATFNSHQQIQYSPYYKLVRIQYWEKVTQRILGPRDDYEYNKTK
GISKTDQVSMTETVSMSVGADFGFMFKGFSASLSAQITKELSVTKSTSTTEMTEETYKEKYTNPFNYELARAQYMLVNEF
YVTRMDGTRITANWTLRDNTQTVTRIFPKS
;
_entity_poly.pdbx_strand_id   A,B,C,D
#
loop_
_chem_comp.id
_chem_comp.type
_chem_comp.name
_chem_comp.formula
EDO non-polymer 1,2-ETHANEDIOL 'C2 H6 O2'
NH4 non-polymer 'AMMONIUM ION' 'H4 N 1'
#
# COMPACT_ATOMS: atom_id res chain seq x y z
N ASN A 8 -2.78 -3.91 31.65
CA ASN A 8 -2.98 -3.11 32.86
C ASN A 8 -4.36 -3.37 33.44
N GLY A 9 -5.35 -2.66 32.91
CA GLY A 9 -6.72 -2.79 33.37
C GLY A 9 -7.67 -2.58 32.22
N ILE A 10 -8.96 -2.74 32.51
CA ILE A 10 -9.97 -2.60 31.47
C ILE A 10 -10.03 -1.17 30.98
N LYS A 11 -9.98 -1.00 29.65
CA LYS A 11 -10.10 0.31 29.04
C LYS A 11 -11.57 0.68 28.93
N ALA A 12 -11.89 1.91 29.32
CA ALA A 12 -13.26 2.39 29.32
C ALA A 12 -13.55 3.20 28.07
N LEU A 13 -14.64 2.87 27.38
CA LEU A 13 -15.05 3.59 26.19
C LEU A 13 -16.49 4.04 26.36
N ASP A 14 -16.77 5.27 25.95
CA ASP A 14 -18.13 5.77 26.03
C ASP A 14 -19.04 4.94 25.11
N PRO A 15 -20.25 4.59 25.57
CA PRO A 15 -21.08 3.67 24.78
C PRO A 15 -21.68 4.29 23.52
N PHE A 16 -21.91 5.60 23.50
CA PHE A 16 -22.68 6.24 22.44
C PHE A 16 -21.81 6.77 21.30
N ASN A 17 -20.55 6.35 21.22
CA ASN A 17 -19.64 6.75 20.16
C ASN A 17 -19.40 5.60 19.17
N PHE A 18 -19.35 5.93 17.88
CA PHE A 18 -18.82 5.01 16.88
C PHE A 18 -17.30 5.12 16.86
N TYR A 19 -16.62 3.97 16.84
CA TYR A 19 -15.18 3.88 17.02
C TYR A 19 -14.48 3.27 15.81
N ARG A 20 -13.22 3.69 15.66
CA ARG A 20 -12.31 3.25 14.61
C ARG A 20 -11.19 2.49 15.30
N ILE A 21 -10.90 1.28 14.83
CA ILE A 21 -9.88 0.45 15.47
C ILE A 21 -8.59 0.60 14.66
N ARG A 22 -7.59 1.22 15.28
CA ARG A 22 -6.32 1.52 14.63
C ARG A 22 -5.29 0.44 14.96
N THR A 23 -4.65 -0.09 13.92
CA THR A 23 -3.63 -1.10 14.07
C THR A 23 -2.26 -0.45 14.30
N PHE A 24 -1.26 -1.28 14.57
CA PHE A 24 0.07 -0.77 14.91
C PHE A 24 0.65 0.11 13.80
N CYS A 25 0.27 -0.13 12.55
CA CYS A 25 0.85 0.60 11.44
C CYS A 25 0.05 1.83 11.03
N GLY A 26 -1.02 2.17 11.75
CA GLY A 26 -1.85 3.30 11.37
C GLY A 26 -2.99 2.98 10.44
N LYS A 27 -3.12 1.72 10.03
CA LYS A 27 -4.27 1.26 9.27
C LYS A 27 -5.38 0.81 10.23
N MET A 28 -6.57 0.60 9.68
CA MET A 28 -7.77 0.36 10.46
C MET A 28 -8.43 -0.96 10.06
N LEU A 29 -9.10 -1.58 11.03
CA LEU A 29 -9.86 -2.80 10.74
C LEU A 29 -11.06 -2.45 9.85
N ASP A 30 -11.24 -3.25 8.81
CA ASP A 30 -12.29 -3.08 7.80
C ASP A 30 -12.98 -4.43 7.64
N VAL A 31 -14.32 -4.43 7.74
CA VAL A 31 -15.09 -5.67 7.69
C VAL A 31 -15.37 -6.13 6.27
N VAL A 32 -15.04 -5.34 5.26
CA VAL A 32 -15.22 -5.75 3.87
C VAL A 32 -13.88 -6.07 3.24
N GLY A 33 -13.03 -5.06 3.09
CA GLY A 33 -11.74 -5.23 2.45
C GLY A 33 -11.88 -5.14 0.94
N GLN A 34 -10.75 -5.35 0.25
CA GLN A 34 -10.74 -5.36 -1.21
C GLN A 34 -10.80 -6.79 -1.75
N SER A 35 -9.75 -7.58 -1.51
CA SER A 35 -9.74 -8.95 -2.00
C SER A 35 -10.69 -9.83 -1.18
N THR A 36 -11.08 -9.36 0.00
CA THR A 36 -11.99 -10.07 0.88
C THR A 36 -13.41 -9.52 0.81
N SER A 37 -13.70 -8.69 -0.20
CA SER A 37 -15.00 -8.04 -0.26
C SER A 37 -16.13 -9.06 -0.31
N ASP A 38 -15.84 -10.25 -0.85
CA ASP A 38 -16.85 -11.28 -1.07
C ASP A 38 -16.92 -12.29 0.07
N ASN A 39 -16.27 -12.03 1.20
CA ASN A 39 -16.36 -12.96 2.32
C ASN A 39 -16.42 -12.20 3.63
N ALA A 40 -16.58 -12.96 4.71
CA ALA A 40 -16.84 -12.44 6.05
C ALA A 40 -15.58 -11.97 6.78
N MET A 41 -14.42 -12.01 6.14
CA MET A 41 -13.18 -11.70 6.84
C MET A 41 -13.13 -10.23 7.25
N VAL A 42 -12.55 -9.98 8.40
CA VAL A 42 -12.23 -8.63 8.88
C VAL A 42 -10.73 -8.46 8.80
N VAL A 43 -10.28 -7.41 8.09
CA VAL A 43 -8.89 -7.30 7.68
C VAL A 43 -8.35 -5.91 7.96
N GLN A 44 -7.03 -5.79 7.92
CA GLN A 44 -6.37 -4.50 8.03
C GLN A 44 -6.42 -3.77 6.69
N TYR A 45 -6.89 -2.52 6.70
CA TYR A 45 -7.02 -1.72 5.50
C TYR A 45 -6.79 -0.25 5.85
N SER A 46 -6.39 0.52 4.84
CA SER A 46 -6.15 1.94 5.04
C SER A 46 -7.46 2.67 5.33
N ILE A 47 -7.32 3.85 5.94
CA ILE A 47 -8.45 4.66 6.34
C ILE A 47 -9.35 4.97 5.15
N ASN A 48 -10.67 4.73 5.31
CA ASN A 48 -11.68 4.98 4.28
C ASN A 48 -12.60 6.12 4.68
N ASN A 49 -12.77 6.35 5.98
CA ASN A 49 -13.82 7.25 6.46
C ASN A 49 -15.19 6.71 6.04
N LYS A 50 -15.35 5.39 6.11
CA LYS A 50 -16.57 4.69 5.74
C LYS A 50 -17.06 3.80 6.88
N PRO A 51 -18.34 3.43 6.85
CA PRO A 51 -18.88 2.52 7.89
C PRO A 51 -18.21 1.15 7.94
N ASN A 52 -17.52 0.73 6.88
CA ASN A 52 -16.80 -0.54 6.96
C ASN A 52 -15.84 -0.57 8.14
N GLN A 53 -15.31 0.59 8.53
CA GLN A 53 -14.33 0.67 9.61
C GLN A 53 -14.93 1.19 10.93
N ASN A 54 -16.24 1.40 11.02
CA ASN A 54 -16.89 1.94 12.22
C ASN A 54 -17.47 0.81 13.07
N PHE A 55 -17.28 0.92 14.38
CA PHE A 55 -17.72 -0.08 15.34
C PHE A 55 -18.37 0.57 16.56
N LEU A 56 -19.14 -0.23 17.28
CA LEU A 56 -19.70 0.10 18.57
C LEU A 56 -19.18 -0.89 19.60
N VAL A 57 -18.84 -0.43 20.79
CA VAL A 57 -18.36 -1.31 21.85
C VAL A 57 -19.39 -1.35 22.97
N PHE A 58 -19.89 -2.55 23.26
CA PHE A 58 -20.91 -2.81 24.27
C PHE A 58 -20.21 -3.51 25.42
N THR A 59 -20.00 -2.83 26.53
CA THR A 59 -19.29 -3.43 27.65
C THR A 59 -20.31 -4.07 28.60
N LEU A 60 -20.10 -5.34 28.93
CA LEU A 60 -21.01 -6.12 29.74
C LEU A 60 -20.67 -6.05 31.22
N ASP A 61 -21.49 -6.70 32.04
CA ASP A 61 -21.26 -6.69 33.48
C ASP A 61 -19.93 -7.33 33.84
N ASP A 62 -19.58 -8.43 33.16
CA ASP A 62 -18.34 -9.13 33.48
C ASP A 62 -17.09 -8.37 33.02
N GLY A 63 -17.26 -7.25 32.32
CA GLY A 63 -16.15 -6.48 31.83
C GLY A 63 -15.78 -6.77 30.39
N TYR A 64 -16.26 -7.89 29.85
CA TYR A 64 -16.03 -8.22 28.45
C TYR A 64 -16.98 -7.41 27.58
N SER A 65 -16.51 -7.09 26.37
CA SER A 65 -17.22 -6.21 25.47
C SER A 65 -17.52 -6.89 24.14
N ILE A 66 -18.60 -6.43 23.51
CA ILE A 66 -19.05 -6.88 22.20
C ILE A 66 -18.82 -5.76 21.20
N ILE A 67 -18.15 -6.06 20.09
CA ILE A 67 -17.83 -5.06 19.08
C ILE A 67 -18.71 -5.33 17.86
N ALA A 68 -19.52 -4.36 17.49
CA ALA A 68 -20.50 -4.48 16.42
C ALA A 68 -20.09 -3.58 15.26
N ALA A 69 -20.13 -4.11 14.04
CA ALA A 69 -19.78 -3.29 12.89
C ALA A 69 -20.99 -2.51 12.40
N GLU A 70 -20.75 -1.26 11.97
CA GLU A 70 -21.84 -0.42 11.50
C GLU A 70 -22.32 -0.84 10.12
N ASN A 71 -21.43 -1.42 9.32
CA ASN A 71 -21.74 -1.76 7.94
C ASN A 71 -22.76 -2.89 7.83
N SER A 72 -22.89 -3.71 8.87
CA SER A 72 -23.77 -4.88 8.80
C SER A 72 -24.66 -5.12 10.01
N GLY A 73 -24.27 -4.67 11.20
CA GLY A 73 -24.96 -5.04 12.41
C GLY A 73 -24.40 -6.29 13.05
N LYS A 74 -23.53 -7.00 12.33
CA LYS A 74 -22.87 -8.20 12.80
C LYS A 74 -21.72 -7.82 13.74
N VAL A 75 -21.26 -8.80 14.50
CA VAL A 75 -20.23 -8.56 15.50
C VAL A 75 -18.97 -9.37 15.15
N LEU A 76 -17.86 -8.98 15.77
CA LEU A 76 -16.60 -9.65 15.56
C LEU A 76 -16.67 -11.07 16.15
N ASP A 77 -16.14 -12.04 15.42
CA ASP A 77 -16.23 -13.44 15.79
C ASP A 77 -14.90 -14.10 15.46
N ILE A 78 -14.42 -14.93 16.36
CA ILE A 78 -13.20 -15.72 16.15
C ILE A 78 -13.63 -17.13 15.79
N SER A 79 -13.32 -17.56 14.58
CA SER A 79 -13.81 -18.82 14.07
C SER A 79 -13.23 -20.00 14.84
N GLU A 80 -14.08 -20.99 15.10
CA GLU A 80 -13.65 -22.28 15.61
C GLU A 80 -13.61 -23.32 14.50
N ASP A 81 -13.71 -22.88 13.24
CA ASP A 81 -13.68 -23.81 12.12
C ASP A 81 -12.37 -24.57 12.12
N PHE A 82 -12.45 -25.87 11.88
CA PHE A 82 -11.24 -26.69 11.82
C PHE A 82 -10.24 -26.12 10.82
N PHE A 83 -10.73 -25.70 9.65
CA PHE A 83 -9.83 -25.26 8.60
C PHE A 83 -9.39 -23.81 8.78
N PHE A 84 -10.23 -22.95 9.37
CA PHE A 84 -9.88 -21.55 9.56
C PHE A 84 -9.88 -21.15 11.02
N LYS A 85 -9.45 -22.04 11.91
CA LYS A 85 -9.48 -21.75 13.34
C LYS A 85 -8.66 -20.51 13.64
N GLY A 86 -9.24 -19.60 14.44
CA GLY A 86 -8.56 -18.40 14.89
C GLY A 86 -8.75 -17.18 14.03
N MET A 87 -9.40 -17.30 12.88
CA MET A 87 -9.61 -16.15 12.00
C MET A 87 -10.66 -15.21 12.58
N LEU A 88 -10.50 -13.92 12.32
CA LEU A 88 -11.45 -12.90 12.73
C LEU A 88 -12.37 -12.57 11.57
N ILE A 89 -13.68 -12.71 11.81
CA ILE A 89 -14.72 -12.47 10.80
C ILE A 89 -15.85 -11.69 11.46
N GLN A 90 -16.81 -11.28 10.63
CA GLN A 90 -18.05 -10.71 11.13
C GLN A 90 -19.15 -11.75 11.01
N TYR A 91 -19.90 -11.95 12.09
CA TYR A 91 -20.91 -12.99 12.21
C TYR A 91 -22.07 -12.43 13.02
N HIS A 92 -23.28 -12.88 12.71
CA HIS A 92 -24.44 -12.40 13.46
C HIS A 92 -24.28 -12.74 14.93
N PHE A 93 -24.81 -11.86 15.79
CA PHE A 93 -24.59 -12.00 17.22
C PHE A 93 -25.23 -13.26 17.79
N ALA A 94 -24.44 -13.98 18.57
CA ALA A 94 -24.90 -15.08 19.42
C ALA A 94 -24.20 -14.89 20.76
N ASN A 95 -24.80 -15.41 21.82
CA ASN A 95 -24.23 -15.25 23.17
C ASN A 95 -23.05 -16.22 23.33
N SER A 96 -22.00 -15.99 22.53
CA SER A 96 -20.85 -16.88 22.50
C SER A 96 -19.59 -16.18 22.99
N ASP A 97 -18.76 -16.95 23.72
CA ASP A 97 -17.59 -16.38 24.36
C ASP A 97 -16.56 -15.90 23.35
N ASN A 98 -16.54 -16.52 22.17
CA ASN A 98 -15.59 -16.11 21.14
C ASN A 98 -15.94 -14.72 20.60
N GLN A 99 -17.19 -14.31 20.72
CA GLN A 99 -17.62 -12.97 20.34
C GLN A 99 -17.44 -11.94 21.45
N LYS A 100 -17.06 -12.35 22.66
CA LYS A 100 -16.85 -11.44 23.77
C LYS A 100 -15.36 -11.20 23.99
N PHE A 101 -14.96 -9.93 23.99
CA PHE A 101 -13.55 -9.56 23.99
C PHE A 101 -13.25 -8.62 25.14
N LEU A 102 -12.02 -8.71 25.64
CA LEU A 102 -11.51 -7.90 26.73
C LEU A 102 -10.58 -6.86 26.16
N ILE A 103 -10.99 -5.59 26.26
CA ILE A 103 -10.20 -4.45 25.79
C ILE A 103 -9.46 -3.88 26.99
N SER A 104 -8.13 -3.80 26.88
CA SER A 104 -7.30 -3.38 27.99
C SER A 104 -6.54 -2.11 27.64
N ASN A 105 -6.07 -1.43 28.69
CA ASN A 105 -5.35 -0.16 28.51
C ASN A 105 -4.08 -0.34 27.69
N ASN A 106 -3.43 -1.50 27.80
CA ASN A 106 -2.22 -1.75 27.04
C ASN A 106 -2.46 -1.80 25.54
N GLY A 107 -3.71 -1.96 25.12
CA GLY A 107 -4.07 -1.97 23.70
C GLY A 107 -4.45 -3.33 23.18
N THR A 108 -4.48 -4.36 24.04
CA THR A 108 -4.72 -5.73 23.61
C THR A 108 -6.21 -6.05 23.66
N ILE A 109 -6.70 -6.73 22.64
CA ILE A 109 -8.07 -7.25 22.60
C ILE A 109 -7.98 -8.76 22.79
N ALA A 110 -8.51 -9.25 23.92
CA ALA A 110 -8.37 -10.65 24.29
C ALA A 110 -9.71 -11.37 24.16
N VAL A 111 -9.67 -12.58 23.58
CA VAL A 111 -10.88 -13.37 23.44
C VAL A 111 -11.25 -13.99 24.79
N LYS A 112 -12.53 -13.93 25.15
CA LYS A 112 -12.94 -14.52 26.44
C LYS A 112 -12.79 -16.04 26.38
N ARG A 113 -13.21 -16.66 25.29
CA ARG A 113 -13.19 -18.15 25.18
C ARG A 113 -11.78 -18.71 25.27
N SER A 114 -10.81 -18.09 24.59
CA SER A 114 -9.41 -18.58 24.61
C SER A 114 -8.49 -17.40 24.90
N GLY A 115 -7.45 -17.60 25.72
CA GLY A 115 -6.57 -16.50 26.17
C GLY A 115 -5.92 -15.66 25.08
N LYS A 116 -5.67 -16.22 23.89
CA LYS A 116 -4.99 -15.51 22.78
C LYS A 116 -5.75 -14.23 22.40
N VAL A 117 -4.99 -13.19 22.06
CA VAL A 117 -5.57 -11.85 21.71
C VAL A 117 -5.39 -11.60 20.20
N PHE A 118 -5.91 -10.46 19.74
CA PHE A 118 -5.84 -10.03 18.34
C PHE A 118 -4.39 -9.81 17.95
N ASP A 119 -4.03 -10.29 16.77
CA ASP A 119 -2.66 -10.22 16.29
C ASP A 119 -2.70 -10.03 14.77
N ILE A 120 -1.82 -9.18 14.25
CA ILE A 120 -1.65 -9.03 12.82
C ILE A 120 -0.56 -10.01 12.37
N PRO A 121 -0.90 -11.05 11.62
CA PRO A 121 0.10 -12.07 11.29
C PRO A 121 1.30 -11.48 10.55
N GLY A 122 2.49 -11.90 10.99
CA GLY A 122 3.73 -11.40 10.41
C GLY A 122 3.91 -9.91 10.46
N ALA A 123 3.19 -9.23 11.35
CA ALA A 123 3.24 -7.77 11.43
C ALA A 123 3.05 -7.15 10.05
N SER A 124 2.11 -7.70 9.29
CA SER A 124 1.87 -7.19 7.94
C SER A 124 1.45 -5.73 8.04
N THR A 125 2.03 -4.90 7.18
CA THR A 125 1.67 -3.50 7.07
C THR A 125 0.78 -3.25 5.86
N SER A 126 0.36 -4.31 5.17
CA SER A 126 -0.39 -4.29 3.93
C SER A 126 -1.90 -4.19 4.16
N ASN A 127 -2.61 -3.89 3.08
CA ASN A 127 -4.06 -3.94 3.11
C ASN A 127 -4.50 -5.40 3.07
N ASP A 128 -5.76 -5.63 3.42
CA ASP A 128 -6.36 -6.97 3.47
C ASP A 128 -5.57 -7.95 4.32
N ALA A 129 -4.84 -7.46 5.31
CA ALA A 129 -4.12 -8.34 6.24
C ALA A 129 -5.12 -8.92 7.23
N PRO A 130 -5.15 -10.22 7.44
CA PRO A 130 -6.11 -10.81 8.37
C PRO A 130 -5.72 -10.58 9.83
N VAL A 131 -6.64 -10.92 10.72
CA VAL A 131 -6.41 -10.89 12.16
C VAL A 131 -6.62 -12.30 12.68
N ILE A 132 -5.60 -12.83 13.36
CA ILE A 132 -5.66 -14.20 13.88
C ILE A 132 -5.33 -14.15 15.37
N ALA A 133 -6.14 -14.84 16.16
CA ALA A 133 -5.88 -14.92 17.60
C ALA A 133 -4.60 -15.70 17.85
N TYR A 134 -3.70 -15.10 18.62
CA TYR A 134 -2.36 -15.62 18.86
C TYR A 134 -2.01 -15.37 20.32
N ASN A 135 -1.14 -16.20 20.86
CA ASN A 135 -0.77 -16.10 22.26
C ASN A 135 -0.15 -14.73 22.54
N PHE A 136 -0.47 -14.16 23.69
CA PHE A 136 0.05 -12.85 24.04
C PHE A 136 1.56 -12.87 24.21
N ASN A 137 2.24 -11.95 23.52
CA ASN A 137 3.68 -11.80 23.62
C ASN A 137 4.10 -10.33 23.73
N ASN A 138 3.13 -9.42 23.86
CA ASN A 138 3.39 -7.99 24.03
C ASN A 138 4.09 -7.39 22.81
N ALA A 139 3.87 -7.98 21.64
CA ALA A 139 4.42 -7.41 20.42
C ALA A 139 3.55 -6.25 19.95
N ALA A 140 4.16 -5.37 19.15
CA ALA A 140 3.44 -4.18 18.68
C ALA A 140 2.24 -4.57 17.83
N ASN A 141 2.36 -5.63 17.03
CA ASN A 141 1.26 -6.05 16.16
C ASN A 141 0.06 -6.55 16.95
N GLN A 142 0.19 -6.77 18.25
CA GLN A 142 -0.94 -7.19 19.08
C GLN A 142 -1.71 -6.03 19.71
N LYS A 143 -1.25 -4.78 19.56
CA LYS A 143 -1.85 -3.63 20.21
C LYS A 143 -2.65 -2.77 19.25
N PHE A 144 -3.84 -2.32 19.67
CA PHE A 144 -4.77 -1.56 18.86
C PHE A 144 -5.30 -0.37 19.67
N THR A 145 -5.65 0.71 18.97
CA THR A 145 -6.18 1.92 19.61
C THR A 145 -7.53 2.31 19.02
N PHE A 146 -8.46 2.70 19.89
CA PHE A 146 -9.80 3.10 19.48
C PHE A 146 -9.89 4.62 19.32
N GLU A 147 -10.39 5.07 18.17
CA GLU A 147 -10.55 6.48 17.87
C GLU A 147 -12.03 6.80 17.76
N ARG A 148 -12.44 7.91 18.35
CA ARG A 148 -13.81 8.36 18.19
C ARG A 148 -14.00 8.85 16.76
N VAL A 149 -14.99 8.30 16.08
CA VAL A 149 -15.31 8.67 14.71
C VAL A 149 -16.46 9.65 14.66
N LYS A 150 -17.57 9.31 15.29
CA LYS A 150 -18.75 10.16 15.35
C LYS A 150 -19.55 9.77 16.59
N THR A 151 -20.35 10.70 17.06
CA THR A 151 -21.07 10.52 18.32
C THR A 151 -22.55 10.79 18.11
N PHE A 152 -23.38 10.08 18.88
CA PHE A 152 -24.81 10.28 18.85
C PHE A 152 -25.35 10.28 20.28
N GLN A 153 -26.58 10.78 20.42
CA GLN A 153 -27.23 10.91 21.72
C GLN A 153 -28.51 10.08 21.74
N VAL A 154 -28.82 9.56 22.92
CA VAL A 154 -30.03 8.78 23.15
C VAL A 154 -31.02 9.64 23.93
N PRO A 155 -32.18 10.00 23.35
CA PRO A 155 -33.14 10.83 24.08
C PRO A 155 -33.56 10.17 25.38
N SER A 156 -33.73 10.99 26.42
CA SER A 156 -34.15 10.52 27.73
C SER A 156 -35.59 10.95 28.02
N PRO A 157 -36.45 10.04 28.43
CA PRO A 157 -37.83 10.41 28.76
C PRO A 157 -37.93 11.20 30.06
N SER A 158 -38.97 12.01 30.17
CA SER A 158 -39.20 12.78 31.38
C SER A 158 -39.49 11.85 32.56
N ILE A 159 -38.82 12.09 33.68
CA ILE A 159 -38.88 11.22 34.84
C ILE A 159 -39.63 11.94 35.95
N GLY A 160 -40.55 11.22 36.59
CA GLY A 160 -41.31 11.76 37.71
C GLY A 160 -41.43 10.74 38.81
N THR A 161 -41.64 11.23 40.03
CA THR A 161 -41.80 10.36 41.18
C THR A 161 -43.22 9.81 41.24
N LEU A 162 -43.37 8.69 41.92
CA LEU A 162 -44.70 8.08 42.09
C LEU A 162 -45.56 8.97 42.99
N PRO A 163 -46.75 9.38 42.56
CA PRO A 163 -47.62 10.17 43.42
C PRO A 163 -48.28 9.29 44.47
N PRO A 164 -48.75 9.87 45.56
CA PRO A 164 -49.45 9.06 46.57
C PRO A 164 -50.81 8.63 46.08
N ALA A 165 -51.28 7.50 46.62
CA ALA A 165 -52.60 7.00 46.25
C ALA A 165 -53.66 8.04 46.62
N PRO A 166 -54.69 8.22 45.81
CA PRO A 166 -55.72 9.22 46.11
C PRO A 166 -56.44 8.94 47.42
N ASP A 167 -56.90 10.01 48.06
CA ASP A 167 -57.57 9.95 49.35
C ASP A 167 -58.89 10.72 49.27
N PHE A 168 -59.82 10.37 50.15
CA PHE A 168 -61.11 11.04 50.21
C PHE A 168 -60.95 12.47 50.72
N LYS A 169 -61.80 13.37 50.24
CA LYS A 169 -61.72 14.78 50.62
C LYS A 169 -63.05 15.22 51.24
N ASN A 170 -63.29 14.80 52.48
CA ASN A 170 -64.42 15.19 53.31
C ASN A 170 -65.79 14.81 52.76
N ASP A 171 -65.86 13.96 51.73
CA ASP A 171 -67.13 13.58 51.11
C ASP A 171 -67.20 12.07 50.95
N ILE A 172 -68.01 11.41 51.79
CA ILE A 172 -68.13 9.96 51.69
C ILE A 172 -68.68 9.54 50.33
N ASN A 173 -69.44 10.43 49.68
CA ASN A 173 -70.01 10.11 48.38
C ASN A 173 -69.04 10.35 47.24
N GLU A 174 -67.87 10.91 47.51
CA GLU A 174 -66.93 11.18 46.43
C GLU A 174 -66.35 9.89 45.87
N GLN A 175 -66.27 9.83 44.54
CA GLN A 175 -65.69 8.72 43.80
C GLN A 175 -64.26 9.06 43.43
N LEU A 176 -63.31 8.28 43.95
CA LEU A 176 -61.90 8.50 43.68
C LEU A 176 -61.52 7.97 42.30
N PRO A 177 -60.44 8.51 41.71
CA PRO A 177 -60.05 8.11 40.35
C PRO A 177 -59.77 6.61 40.26
N ASP A 178 -60.13 6.03 39.12
CA ASP A 178 -59.82 4.63 38.86
C ASP A 178 -58.31 4.39 38.82
N LYS A 179 -57.54 5.33 38.28
CA LYS A 179 -56.08 5.22 38.33
C LYS A 179 -55.44 6.59 38.27
N THR A 180 -54.22 6.68 38.85
CA THR A 180 -53.41 7.90 38.80
C THR A 180 -52.83 8.11 37.41
N ASN A 181 -52.41 9.34 37.15
CA ASN A 181 -52.09 9.60 35.78
C ASN A 181 -50.74 8.85 35.67
N PRO A 182 -50.54 7.91 34.73
CA PRO A 182 -49.24 7.21 34.73
C PRO A 182 -48.01 8.10 34.53
N VAL A 183 -46.90 7.72 35.22
CA VAL A 183 -45.64 8.48 35.19
C VAL A 183 -44.48 7.53 34.89
N ILE A 184 -43.52 7.99 34.07
CA ILE A 184 -42.34 7.22 33.70
C ILE A 184 -41.30 7.38 34.81
N THR A 185 -41.17 6.36 35.66
CA THR A 185 -40.19 6.42 36.75
C THR A 185 -38.80 5.98 36.30
N HIS A 186 -38.70 4.97 35.43
CA HIS A 186 -37.37 4.48 35.07
C HIS A 186 -37.29 4.11 33.60
N PHE A 187 -36.06 4.04 33.10
CA PHE A 187 -35.78 3.43 31.81
C PHE A 187 -34.36 2.89 31.81
N SER A 188 -34.14 1.87 30.98
CA SER A 188 -32.86 1.19 30.87
C SER A 188 -32.40 1.22 29.41
N THR A 189 -31.16 1.67 29.18
CA THR A 189 -30.62 1.75 27.83
C THR A 189 -29.84 0.47 27.54
N ILE A 190 -30.25 -0.26 26.50
CA ILE A 190 -29.72 -1.57 26.16
C ILE A 190 -29.30 -1.54 24.69
N PRO A 191 -28.32 -2.37 24.31
CA PRO A 191 -27.89 -2.40 22.90
C PRO A 191 -28.90 -3.12 22.02
N TYR A 192 -28.89 -2.75 20.74
CA TYR A 192 -29.82 -3.34 19.78
C TYR A 192 -29.69 -4.86 19.70
N ILE A 193 -28.50 -5.40 19.97
CA ILE A 193 -28.31 -6.84 19.85
C ILE A 193 -29.19 -7.58 20.84
N MET A 194 -29.56 -6.90 21.94
CA MET A 194 -30.43 -7.51 22.94
C MET A 194 -31.88 -7.59 22.46
N ALA A 195 -32.33 -6.62 21.68
CA ALA A 195 -33.75 -6.46 21.38
C ALA A 195 -34.10 -7.15 20.07
N ASN A 196 -35.19 -7.89 20.07
CA ASN A 196 -35.70 -8.57 18.89
C ASN A 196 -36.75 -7.67 18.26
N ASP A 197 -36.39 -7.01 17.16
CA ASP A 197 -37.26 -6.06 16.49
C ASP A 197 -37.72 -6.70 15.18
N ALA A 198 -39.04 -6.91 15.05
CA ALA A 198 -39.58 -7.56 13.87
C ALA A 198 -39.37 -6.72 12.62
N THR A 199 -39.39 -5.39 12.78
CA THR A 199 -39.41 -4.48 11.64
C THR A 199 -38.04 -3.90 11.30
N PHE A 200 -37.02 -4.19 12.09
CA PHE A 200 -35.66 -3.75 11.81
C PHE A 200 -34.72 -4.95 11.87
N ASN A 201 -33.94 -5.15 10.81
CA ASN A 201 -32.90 -6.16 10.85
C ASN A 201 -31.63 -5.58 11.47
N SER A 202 -30.65 -6.45 11.70
CA SER A 202 -29.45 -6.03 12.43
C SER A 202 -28.81 -4.80 11.81
N HIS A 203 -28.72 -4.77 10.47
CA HIS A 203 -28.12 -3.62 9.81
C HIS A 203 -28.94 -2.36 10.07
N GLN A 204 -30.26 -2.46 9.89
CA GLN A 204 -31.13 -1.33 10.13
C GLN A 204 -31.03 -0.87 11.59
N GLN A 205 -30.96 -1.85 12.51
CA GLN A 205 -30.94 -1.51 13.93
C GLN A 205 -29.74 -0.64 14.26
N ILE A 206 -28.53 -1.10 13.89
CA ILE A 206 -27.33 -0.37 14.28
C ILE A 206 -27.27 0.98 13.58
N GLN A 207 -27.89 1.09 12.40
CA GLN A 207 -27.90 2.37 11.70
C GLN A 207 -28.77 3.39 12.44
N TYR A 208 -29.97 2.98 12.85
CA TYR A 208 -30.99 3.91 13.33
C TYR A 208 -31.31 3.82 14.81
N SER A 209 -31.13 2.65 15.44
CA SER A 209 -31.39 2.49 16.88
C SER A 209 -30.30 1.64 17.51
N PRO A 210 -29.08 2.17 17.61
CA PRO A 210 -27.99 1.38 18.23
C PRO A 210 -28.35 0.88 19.61
N TYR A 211 -29.04 1.69 20.40
CA TYR A 211 -29.51 1.34 21.73
C TYR A 211 -31.02 1.45 21.75
N TYR A 212 -31.67 0.47 22.36
CA TYR A 212 -33.10 0.47 22.63
C TYR A 212 -33.32 0.83 24.11
N LYS A 213 -34.53 1.28 24.44
CA LYS A 213 -34.86 1.69 25.80
C LYS A 213 -35.99 0.85 26.37
N LEU A 214 -35.80 0.33 27.58
CA LEU A 214 -36.81 -0.42 28.30
C LEU A 214 -37.35 0.48 29.42
N VAL A 215 -38.64 0.82 29.34
CA VAL A 215 -39.21 1.90 30.12
C VAL A 215 -40.20 1.34 31.12
N ARG A 216 -40.15 1.88 32.35
CA ARG A 216 -41.01 1.52 33.46
C ARG A 216 -41.89 2.72 33.81
N ILE A 217 -43.20 2.47 33.81
CA ILE A 217 -44.24 3.41 34.19
C ILE A 217 -44.92 2.84 35.43
N GLN A 218 -45.18 3.68 36.41
CA GLN A 218 -45.84 3.26 37.64
C GLN A 218 -47.12 4.06 37.85
N TYR A 219 -48.18 3.38 38.29
CA TYR A 219 -49.36 4.13 38.71
C TYR A 219 -50.23 3.27 39.62
N TRP A 220 -51.09 3.94 40.40
CA TRP A 220 -52.00 3.27 41.32
C TRP A 220 -53.30 2.94 40.60
N GLU A 221 -53.78 1.70 40.77
CA GLU A 221 -55.02 1.25 40.15
C GLU A 221 -56.05 0.92 41.22
N LYS A 222 -57.28 1.40 41.05
CA LYS A 222 -58.31 1.25 42.07
C LYS A 222 -58.87 -0.17 41.96
N VAL A 223 -58.61 -0.99 42.98
CA VAL A 223 -59.15 -2.35 42.97
C VAL A 223 -60.65 -2.35 43.29
N THR A 224 -61.06 -1.57 44.30
CA THR A 224 -62.46 -1.54 44.69
C THR A 224 -62.77 -0.26 45.44
N GLN A 225 -64.03 0.16 45.34
CA GLN A 225 -64.57 1.29 46.08
C GLN A 225 -66.00 0.97 46.47
N ARG A 226 -66.31 1.09 47.76
CA ARG A 226 -67.68 0.83 48.20
C ARG A 226 -67.95 1.54 49.53
N ILE A 227 -69.23 1.87 49.73
CA ILE A 227 -69.72 2.52 50.94
C ILE A 227 -70.57 1.48 51.68
N LEU A 228 -70.32 1.34 52.99
CA LEU A 228 -71.01 0.28 53.73
C LEU A 228 -71.64 0.82 55.01
N GLY A 229 -72.74 0.15 55.39
CA GLY A 229 -73.42 0.37 56.64
C GLY A 229 -72.87 -0.50 57.75
N PRO A 230 -73.49 -0.44 58.92
CA PRO A 230 -73.05 -1.28 60.03
C PRO A 230 -73.02 -2.75 59.64
N ARG A 231 -71.89 -3.40 59.92
CA ARG A 231 -71.69 -4.83 59.67
C ARG A 231 -72.21 -5.24 58.29
N ASP A 232 -71.73 -4.56 57.25
CA ASP A 232 -72.06 -4.92 55.88
C ASP A 232 -70.81 -5.42 55.16
N ASP A 233 -70.98 -6.48 54.37
CA ASP A 233 -69.87 -7.14 53.69
C ASP A 233 -70.16 -7.40 52.22
N TYR A 234 -69.08 -7.42 51.42
CA TYR A 234 -69.21 -7.77 50.01
C TYR A 234 -67.93 -8.42 49.50
N GLU A 235 -68.07 -9.13 48.39
CA GLU A 235 -66.98 -9.81 47.69
C GLU A 235 -66.65 -9.05 46.41
N TYR A 236 -65.36 -8.73 46.23
CA TYR A 236 -64.89 -8.02 45.04
C TYR A 236 -63.68 -8.72 44.44
N ASN A 237 -63.57 -8.65 43.11
CA ASN A 237 -62.45 -9.25 42.41
C ASN A 237 -61.17 -8.41 42.56
N LYS A 238 -60.03 -9.09 42.70
CA LYS A 238 -58.72 -8.48 42.76
C LYS A 238 -57.77 -9.28 41.88
N THR A 239 -56.90 -8.59 41.14
CA THR A 239 -56.03 -9.27 40.19
C THR A 239 -54.58 -8.89 40.48
N LYS A 240 -53.69 -9.89 40.49
CA LYS A 240 -52.27 -9.68 40.76
C LYS A 240 -51.46 -10.39 39.70
N GLY A 241 -50.24 -9.93 39.50
CA GLY A 241 -49.31 -10.63 38.64
C GLY A 241 -49.24 -10.06 37.23
N ILE A 242 -48.67 -10.87 36.34
CA ILE A 242 -48.45 -10.51 34.96
C ILE A 242 -49.00 -11.60 34.05
N SER A 243 -49.61 -11.18 32.94
CA SER A 243 -50.30 -12.10 32.04
C SER A 243 -49.31 -12.98 31.29
N LYS A 244 -49.82 -14.12 30.80
CA LYS A 244 -48.99 -15.07 30.03
C LYS A 244 -48.51 -14.37 28.76
N THR A 245 -49.41 -13.63 28.09
CA THR A 245 -49.04 -12.97 26.85
C THR A 245 -47.89 -11.99 27.09
N ASP A 246 -47.98 -11.21 28.17
CA ASP A 246 -46.92 -10.27 28.49
C ASP A 246 -45.61 -10.99 28.79
N GLN A 247 -45.68 -12.12 29.50
CA GLN A 247 -44.48 -12.88 29.80
C GLN A 247 -43.81 -13.38 28.52
N VAL A 248 -44.60 -13.96 27.61
CA VAL A 248 -44.02 -14.44 26.37
C VAL A 248 -43.48 -13.28 25.54
N SER A 249 -44.24 -12.18 25.44
CA SER A 249 -43.74 -11.05 24.65
C SER A 249 -42.46 -10.49 25.24
N MET A 250 -42.38 -10.38 26.57
CA MET A 250 -41.15 -9.91 27.19
C MET A 250 -39.99 -10.84 26.86
N THR A 251 -40.22 -12.15 26.92
CA THR A 251 -39.17 -13.09 26.59
C THR A 251 -38.75 -12.98 25.12
N GLU A 252 -39.73 -12.89 24.22
CA GLU A 252 -39.42 -12.81 22.80
C GLU A 252 -38.64 -11.54 22.46
N THR A 253 -38.98 -10.42 23.11
CA THR A 253 -38.39 -9.15 22.72
C THR A 253 -37.02 -8.94 23.34
N VAL A 254 -36.87 -9.18 24.64
CA VAL A 254 -35.61 -8.87 25.31
C VAL A 254 -35.14 -10.06 26.15
N SER A 255 -35.73 -11.23 25.93
CA SER A 255 -35.34 -12.44 26.64
C SER A 255 -35.35 -12.22 28.14
N MET A 256 -36.44 -11.63 28.62
CA MET A 256 -36.68 -11.39 30.04
C MET A 256 -38.07 -11.89 30.41
N SER A 257 -38.24 -12.22 31.67
CA SER A 257 -39.55 -12.56 32.20
C SER A 257 -39.59 -12.15 33.67
N VAL A 258 -40.78 -12.15 34.25
CA VAL A 258 -40.96 -11.81 35.66
C VAL A 258 -41.19 -13.08 36.46
N GLY A 259 -40.37 -13.29 37.49
CA GLY A 259 -40.50 -14.44 38.36
C GLY A 259 -41.55 -14.25 39.46
N ALA A 260 -41.88 -15.37 40.10
CA ALA A 260 -42.92 -15.36 41.13
C ALA A 260 -42.57 -14.44 42.29
N ASP A 261 -41.29 -14.10 42.48
CA ASP A 261 -40.89 -13.23 43.59
C ASP A 261 -40.87 -11.77 43.18
N PHE A 262 -41.49 -11.42 42.07
CA PHE A 262 -41.57 -10.07 41.50
C PHE A 262 -40.23 -9.58 41.02
N GLY A 263 -39.23 -10.45 40.92
CA GLY A 263 -37.96 -10.12 40.33
C GLY A 263 -37.93 -10.54 38.87
N PHE A 264 -37.02 -9.94 38.11
CA PHE A 264 -36.90 -10.27 36.71
C PHE A 264 -35.95 -11.45 36.51
N MET A 265 -36.34 -12.34 35.60
CA MET A 265 -35.53 -13.47 35.18
C MET A 265 -34.84 -13.10 33.87
N PHE A 266 -33.53 -13.21 33.83
CA PHE A 266 -32.74 -12.82 32.68
C PHE A 266 -32.29 -14.07 31.93
N LYS A 267 -32.62 -14.11 30.63
CA LYS A 267 -32.41 -15.28 29.79
C LYS A 267 -31.45 -14.91 28.67
N GLY A 268 -30.64 -15.88 28.26
CA GLY A 268 -29.73 -15.65 27.15
C GLY A 268 -28.88 -14.43 27.40
N PHE A 269 -28.74 -13.59 26.38
CA PHE A 269 -27.84 -12.44 26.48
C PHE A 269 -28.19 -11.56 27.66
N SER A 270 -29.48 -11.41 27.96
CA SER A 270 -29.92 -10.45 28.96
C SER A 270 -29.17 -10.61 30.29
N ALA A 271 -28.81 -11.85 30.64
CA ALA A 271 -28.14 -12.06 31.92
C ALA A 271 -26.85 -11.25 32.01
N SER A 272 -26.17 -11.06 30.89
CA SER A 272 -24.90 -10.35 30.90
C SER A 272 -25.06 -8.90 31.37
N LEU A 273 -26.26 -8.34 31.21
CA LEU A 273 -26.53 -6.96 31.59
C LEU A 273 -27.35 -6.87 32.87
N SER A 274 -27.52 -7.99 33.58
CA SER A 274 -28.44 -8.03 34.71
C SER A 274 -28.18 -6.88 35.66
N ALA A 275 -26.92 -6.69 36.05
CA ALA A 275 -26.59 -5.66 37.04
C ALA A 275 -27.00 -4.29 36.55
N GLN A 276 -26.69 -3.95 35.29
CA GLN A 276 -27.06 -2.64 34.79
C GLN A 276 -28.58 -2.48 34.78
N ILE A 277 -29.29 -3.46 34.23
CA ILE A 277 -30.73 -3.32 34.04
C ILE A 277 -31.41 -3.16 35.39
N THR A 278 -31.09 -4.06 36.33
CA THR A 278 -31.70 -3.98 37.65
C THR A 278 -31.44 -2.63 38.29
N LYS A 279 -30.24 -2.08 38.11
CA LYS A 279 -29.95 -0.77 38.69
C LYS A 279 -30.76 0.32 37.99
N GLU A 280 -30.82 0.28 36.66
CA GLU A 280 -31.44 1.37 35.92
C GLU A 280 -32.96 1.39 36.13
N LEU A 281 -33.56 0.22 36.27
CA LEU A 281 -35.00 0.12 36.49
C LEU A 281 -35.37 0.04 37.97
N SER A 282 -34.37 -0.07 38.85
CA SER A 282 -34.61 -0.27 40.29
C SER A 282 -35.51 -1.49 40.54
N VAL A 283 -35.15 -2.62 39.93
CA VAL A 283 -35.91 -3.84 40.06
C VAL A 283 -34.99 -4.91 40.61
N THR A 284 -35.58 -5.92 41.23
CA THR A 284 -34.80 -6.98 41.86
C THR A 284 -34.60 -8.13 40.90
N LYS A 285 -33.40 -8.67 40.88
CA LYS A 285 -33.11 -9.86 40.10
C LYS A 285 -33.82 -11.05 40.73
N SER A 286 -34.50 -11.84 39.91
CA SER A 286 -35.34 -12.88 40.45
C SER A 286 -34.50 -13.97 41.10
N THR A 287 -35.00 -14.50 42.22
CA THR A 287 -34.46 -15.69 42.85
C THR A 287 -35.43 -16.85 42.77
N SER A 288 -36.50 -16.69 41.99
CA SER A 288 -37.56 -17.69 41.92
C SER A 288 -37.29 -18.67 40.80
N THR A 289 -37.59 -19.94 41.06
CA THR A 289 -37.45 -20.95 40.03
C THR A 289 -38.47 -20.77 38.91
N THR A 290 -39.72 -20.48 39.28
CA THR A 290 -40.84 -20.40 38.34
C THR A 290 -41.25 -18.96 38.04
N GLU A 291 -41.85 -18.78 36.87
CA GLU A 291 -42.31 -17.48 36.39
C GLU A 291 -43.69 -17.14 36.94
N MET A 292 -43.93 -15.84 37.11
CA MET A 292 -45.22 -15.39 37.62
C MET A 292 -46.32 -15.46 36.57
N THR A 293 -47.54 -15.64 37.04
CA THR A 293 -48.73 -15.69 36.20
C THR A 293 -49.77 -14.74 36.78
N GLU A 294 -50.64 -14.22 35.92
CA GLU A 294 -51.71 -13.35 36.37
C GLU A 294 -52.82 -14.17 37.02
N GLU A 295 -53.27 -13.73 38.19
CA GLU A 295 -54.30 -14.42 38.97
C GLU A 295 -55.39 -13.43 39.35
N THR A 296 -56.65 -13.81 39.14
CA THR A 296 -57.80 -13.01 39.56
C THR A 296 -58.63 -13.82 40.55
N TYR A 297 -58.86 -13.24 41.73
CA TYR A 297 -59.51 -13.93 42.84
C TYR A 297 -60.46 -12.99 43.58
N LYS A 298 -61.43 -13.57 44.27
CA LYS A 298 -62.37 -12.78 45.08
C LYS A 298 -61.80 -12.58 46.48
N GLU A 299 -61.92 -11.35 46.99
CA GLU A 299 -61.55 -11.01 48.36
C GLU A 299 -62.74 -10.30 49.00
N LYS A 300 -63.02 -10.62 50.26
CA LYS A 300 -64.23 -10.17 50.93
C LYS A 300 -63.87 -9.21 52.05
N TYR A 301 -64.62 -8.10 52.14
CA TYR A 301 -64.42 -7.15 53.22
C TYR A 301 -65.72 -6.95 53.97
N THR A 302 -65.60 -6.88 55.30
CA THR A 302 -66.71 -6.66 56.22
C THR A 302 -66.48 -5.35 56.95
N ASN A 303 -67.49 -4.49 56.98
CA ASN A 303 -67.36 -3.26 57.76
C ASN A 303 -67.46 -3.61 59.23
N PRO A 304 -66.42 -3.35 60.03
CA PRO A 304 -66.48 -3.68 61.46
C PRO A 304 -67.09 -2.58 62.31
N PHE A 305 -67.29 -1.39 61.76
CA PHE A 305 -67.77 -0.21 62.47
C PHE A 305 -69.22 0.12 62.13
N ASN A 306 -69.95 0.68 63.11
CA ASN A 306 -71.30 1.21 62.89
C ASN A 306 -71.37 2.50 62.08
N TYR A 307 -70.40 3.41 62.16
CA TYR A 307 -70.38 4.33 61.03
C TYR A 307 -70.41 3.76 59.62
N GLU A 308 -71.15 4.53 58.80
CA GLU A 308 -71.15 4.41 57.35
C GLU A 308 -69.81 4.90 56.83
N LEU A 309 -69.12 4.06 56.09
CA LEU A 309 -67.74 4.31 55.69
C LEU A 309 -67.60 3.99 54.22
N ALA A 310 -66.66 4.67 53.60
CA ALA A 310 -66.28 4.46 52.22
C ALA A 310 -64.86 3.92 52.26
N ARG A 311 -64.64 2.83 51.52
CA ARG A 311 -63.35 2.17 51.45
C ARG A 311 -62.92 2.17 49.99
N ALA A 312 -61.70 2.63 49.74
CA ALA A 312 -61.12 2.53 48.41
C ALA A 312 -59.70 1.99 48.51
N GLN A 313 -59.39 0.96 47.72
CA GLN A 313 -58.07 0.36 47.75
C GLN A 313 -57.40 0.46 46.39
N TYR A 314 -56.13 0.85 46.40
CA TYR A 314 -55.31 1.04 45.22
C TYR A 314 -54.16 0.03 45.25
N MET A 315 -53.82 -0.49 44.08
CA MET A 315 -52.72 -1.43 43.92
C MET A 315 -51.67 -0.80 43.01
N LEU A 316 -50.40 -0.97 43.35
CA LEU A 316 -49.33 -0.49 42.50
C LEU A 316 -49.25 -1.30 41.21
N VAL A 317 -49.20 -0.60 40.07
CA VAL A 317 -49.15 -1.25 38.76
C VAL A 317 -47.94 -0.73 37.99
N ASN A 318 -47.18 -1.66 37.42
CA ASN A 318 -46.00 -1.38 36.60
C ASN A 318 -46.30 -1.75 35.15
N GLU A 319 -45.88 -0.90 34.23
CA GLU A 319 -45.94 -1.18 32.80
C GLU A 319 -44.53 -1.11 32.21
N PHE A 320 -44.10 -2.18 31.54
CA PHE A 320 -42.77 -2.23 30.95
C PHE A 320 -42.90 -2.37 29.43
N TYR A 321 -42.16 -1.54 28.69
CA TYR A 321 -42.21 -1.63 27.23
C TYR A 321 -40.89 -1.19 26.63
N VAL A 322 -40.64 -1.61 25.40
CA VAL A 322 -39.37 -1.32 24.71
C VAL A 322 -39.63 -0.37 23.55
N THR A 323 -38.77 0.63 23.43
CA THR A 323 -38.80 1.60 22.36
C THR A 323 -37.45 1.63 21.67
N ARG A 324 -37.43 2.15 20.45
CA ARG A 324 -36.18 2.40 19.76
C ARG A 324 -35.54 3.69 20.27
N MET A 325 -34.31 3.94 19.84
CA MET A 325 -33.57 5.10 20.33
C MET A 325 -34.38 6.38 20.15
N ASP A 326 -35.02 6.53 18.98
CA ASP A 326 -35.79 7.74 18.73
C ASP A 326 -37.03 7.83 19.61
N GLY A 327 -37.50 6.71 20.14
CA GLY A 327 -38.68 6.66 20.98
C GLY A 327 -39.81 5.84 20.40
N THR A 328 -39.66 5.35 19.18
CA THR A 328 -40.70 4.53 18.57
C THR A 328 -40.94 3.28 19.39
N ARG A 329 -42.19 3.00 19.70
CA ARG A 329 -42.56 1.86 20.53
C ARG A 329 -42.70 0.63 19.64
N ILE A 330 -41.99 -0.44 19.99
CA ILE A 330 -42.02 -1.66 19.20
C ILE A 330 -42.85 -2.77 19.85
N THR A 331 -43.33 -2.57 21.07
CA THR A 331 -44.11 -3.60 21.75
C THR A 331 -45.14 -2.96 22.68
N ALA A 332 -46.18 -3.74 22.97
CA ALA A 332 -47.21 -3.28 23.89
C ALA A 332 -46.68 -3.24 25.32
N ASN A 333 -47.33 -2.43 26.15
CA ASN A 333 -46.93 -2.33 27.54
C ASN A 333 -47.15 -3.67 28.23
N TRP A 334 -46.15 -4.12 29.00
CA TRP A 334 -46.24 -5.36 29.75
C TRP A 334 -46.66 -5.00 31.18
N THR A 335 -47.83 -5.48 31.58
CA THR A 335 -48.48 -5.02 32.80
C THR A 335 -48.19 -5.99 33.94
N LEU A 336 -47.61 -5.46 35.02
CA LEU A 336 -47.29 -6.22 36.22
C LEU A 336 -47.97 -5.56 37.41
N ARG A 337 -48.84 -6.31 38.08
CA ARG A 337 -49.57 -5.80 39.23
C ARG A 337 -48.98 -6.38 40.52
N ASP A 338 -48.45 -5.49 41.37
CA ASP A 338 -47.80 -5.88 42.62
C ASP A 338 -48.77 -5.71 43.79
N ASN A 339 -49.35 -6.82 44.25
CA ASN A 339 -50.27 -6.80 45.38
C ASN A 339 -49.54 -6.46 46.68
N THR A 340 -48.24 -6.71 46.75
CA THR A 340 -47.51 -6.41 47.97
C THR A 340 -47.57 -4.93 48.30
N GLN A 341 -47.45 -4.07 47.28
CA GLN A 341 -47.53 -2.62 47.46
C GLN A 341 -48.97 -2.17 47.20
N THR A 342 -49.70 -1.95 48.29
CA THR A 342 -51.11 -1.54 48.23
C THR A 342 -51.39 -0.52 49.33
N VAL A 343 -52.35 0.35 49.05
CA VAL A 343 -52.78 1.40 49.95
C VAL A 343 -54.29 1.29 50.13
N THR A 344 -54.75 1.37 51.36
CA THR A 344 -56.17 1.31 51.68
C THR A 344 -56.60 2.65 52.24
N ARG A 345 -57.73 3.17 51.76
CA ARG A 345 -58.25 4.45 52.20
C ARG A 345 -59.60 4.26 52.87
N ILE A 346 -59.80 5.01 53.95
CA ILE A 346 -61.02 5.00 54.76
C ILE A 346 -61.49 6.44 54.98
N PHE A 347 -62.73 6.57 55.42
CA PHE A 347 -63.36 7.87 55.65
C PHE A 347 -63.81 8.00 57.11
N ASN B 8 31.46 -5.22 11.88
CA ASN B 8 30.90 -5.14 10.53
C ASN B 8 31.77 -4.26 9.63
N GLY B 9 31.76 -4.58 8.33
CA GLY B 9 32.63 -3.94 7.37
C GLY B 9 32.01 -3.75 5.99
N ILE B 10 32.83 -3.36 5.02
CA ILE B 10 32.32 -3.08 3.68
C ILE B 10 31.64 -4.32 3.11
N LYS B 11 30.45 -4.10 2.56
CA LYS B 11 29.72 -5.17 1.90
C LYS B 11 30.25 -5.39 0.49
N ALA B 12 30.48 -6.64 0.15
CA ALA B 12 30.96 -7.01 -1.17
C ALA B 12 29.80 -7.51 -2.01
N LEU B 13 29.66 -6.94 -3.21
CA LEU B 13 28.62 -7.30 -4.15
C LEU B 13 29.24 -7.62 -5.49
N ASP B 14 28.73 -8.65 -6.16
CA ASP B 14 29.23 -8.96 -7.49
C ASP B 14 28.90 -7.80 -8.43
N PRO B 15 29.84 -7.40 -9.28
CA PRO B 15 29.60 -6.21 -10.11
C PRO B 15 28.60 -6.44 -11.24
N PHE B 16 28.49 -7.66 -11.75
CA PHE B 16 27.72 -7.93 -12.95
C PHE B 16 26.27 -8.32 -12.66
N ASN B 17 25.78 -8.08 -11.45
CA ASN B 17 24.38 -8.33 -11.11
C ASN B 17 23.64 -7.00 -11.01
N PHE B 18 22.40 -6.98 -11.50
CA PHE B 18 21.48 -5.90 -11.20
C PHE B 18 20.84 -6.15 -9.85
N TYR B 19 20.74 -5.11 -9.04
CA TYR B 19 20.29 -5.28 -7.67
C TYR B 19 18.99 -4.54 -7.36
N ARG B 20 18.28 -5.12 -6.40
CA ARG B 20 17.01 -4.63 -5.86
C ARG B 20 17.30 -4.21 -4.43
N ILE B 21 16.99 -2.97 -4.08
CA ILE B 21 17.31 -2.46 -2.76
C ILE B 21 16.05 -2.55 -1.90
N ARG B 22 16.09 -3.43 -0.90
CA ARG B 22 14.93 -3.70 -0.05
C ARG B 22 15.02 -2.89 1.23
N THR B 23 13.95 -2.16 1.54
CA THR B 23 13.83 -1.35 2.73
C THR B 23 13.31 -2.18 3.90
N PHE B 24 13.26 -1.55 5.09
CA PHE B 24 12.86 -2.28 6.28
C PHE B 24 11.48 -2.91 6.16
N CYS B 25 10.59 -2.31 5.37
CA CYS B 25 9.23 -2.84 5.26
C CYS B 25 9.02 -3.79 4.08
N GLY B 26 10.07 -4.14 3.35
CA GLY B 26 9.92 -5.04 2.21
C GLY B 26 9.64 -4.36 0.89
N LYS B 27 9.52 -3.04 0.88
CA LYS B 27 9.37 -2.30 -0.36
C LYS B 27 10.75 -1.94 -0.91
N MET B 28 10.79 -1.52 -2.17
CA MET B 28 12.03 -1.35 -2.91
C MET B 28 12.16 0.09 -3.39
N LEU B 29 13.41 0.57 -3.46
CA LEU B 29 13.65 1.90 -3.97
C LEU B 29 13.30 1.97 -5.45
N ASP B 30 12.56 3.01 -5.82
CA ASP B 30 12.06 3.24 -7.16
C ASP B 30 12.41 4.67 -7.54
N VAL B 31 13.07 4.83 -8.70
CA VAL B 31 13.49 6.15 -9.15
C VAL B 31 12.39 6.90 -9.88
N VAL B 32 11.25 6.26 -10.13
CA VAL B 32 10.11 6.95 -10.75
C VAL B 32 9.02 7.25 -9.73
N GLY B 33 8.36 6.20 -9.24
CA GLY B 33 7.27 6.37 -8.28
C GLY B 33 5.95 6.66 -8.96
N GLN B 34 4.92 6.85 -8.13
CA GLN B 34 3.58 7.16 -8.64
C GLN B 34 3.33 8.67 -8.63
N SER B 35 3.29 9.28 -7.44
CA SER B 35 3.09 10.72 -7.36
C SER B 35 4.36 11.49 -7.70
N THR B 36 5.51 10.82 -7.68
CA THR B 36 6.79 11.41 -8.02
C THR B 36 7.23 11.09 -9.45
N SER B 37 6.30 10.58 -10.26
CA SER B 37 6.66 10.13 -11.61
C SER B 37 7.27 11.27 -12.43
N ASP B 38 6.86 12.51 -12.17
CA ASP B 38 7.29 13.66 -12.94
C ASP B 38 8.46 14.41 -12.32
N ASN B 39 9.13 13.85 -11.31
CA ASN B 39 10.29 14.53 -10.74
C ASN B 39 11.38 13.52 -10.42
N ALA B 40 12.52 14.04 -9.95
CA ALA B 40 13.74 13.27 -9.75
C ALA B 40 13.76 12.50 -8.43
N MET B 41 12.70 12.53 -7.64
CA MET B 41 12.71 11.90 -6.33
C MET B 41 12.82 10.39 -6.44
N VAL B 42 13.54 9.80 -5.48
CA VAL B 42 13.66 8.35 -5.34
C VAL B 42 12.88 7.97 -4.09
N VAL B 43 11.94 7.04 -4.23
CA VAL B 43 11.05 6.67 -3.13
C VAL B 43 10.97 5.15 -3.03
N GLN B 44 10.60 4.66 -1.86
CA GLN B 44 10.36 3.23 -1.69
C GLN B 44 8.93 2.89 -2.11
N TYR B 45 8.79 1.92 -3.00
CA TYR B 45 7.53 1.56 -3.66
C TYR B 45 7.37 0.05 -3.63
N SER B 46 6.15 -0.41 -3.84
CA SER B 46 5.91 -1.85 -3.92
C SER B 46 6.63 -2.46 -5.12
N ILE B 47 6.97 -3.74 -4.99
CA ILE B 47 7.75 -4.44 -6.01
C ILE B 47 7.02 -4.35 -7.35
N ASN B 48 7.74 -3.90 -8.38
CA ASN B 48 7.21 -3.76 -9.72
C ASN B 48 7.83 -4.71 -10.73
N ASN B 49 9.00 -5.28 -10.43
CA ASN B 49 9.72 -6.09 -11.40
C ASN B 49 10.03 -5.26 -12.65
N LYS B 50 10.43 -4.01 -12.43
CA LYS B 50 10.74 -3.06 -13.50
C LYS B 50 12.14 -2.49 -13.33
N PRO B 51 12.72 -1.97 -14.41
CA PRO B 51 14.08 -1.43 -14.31
C PRO B 51 14.20 -0.21 -13.41
N ASN B 52 13.11 0.52 -13.17
CA ASN B 52 13.19 1.66 -12.25
C ASN B 52 13.61 1.22 -10.86
N GLN B 53 13.41 -0.05 -10.52
CA GLN B 53 13.83 -0.60 -9.25
C GLN B 53 15.13 -1.39 -9.31
N ASN B 54 15.77 -1.47 -10.47
CA ASN B 54 17.01 -2.23 -10.63
C ASN B 54 18.21 -1.28 -10.59
N PHE B 55 19.25 -1.68 -9.88
CA PHE B 55 20.44 -0.85 -9.73
C PHE B 55 21.70 -1.68 -9.96
N LEU B 56 22.77 -0.96 -10.28
CA LEU B 56 24.12 -1.49 -10.40
C LEU B 56 24.98 -0.82 -9.34
N VAL B 57 25.82 -1.57 -8.66
CA VAL B 57 26.70 -1.02 -7.64
C VAL B 57 28.15 -1.12 -8.14
N PHE B 58 28.80 0.04 -8.27
CA PHE B 58 30.17 0.16 -8.76
C PHE B 58 31.06 0.53 -7.58
N THR B 59 31.88 -0.39 -7.11
CA THR B 59 32.72 -0.13 -5.95
C THR B 59 34.05 0.44 -6.39
N LEU B 60 34.42 1.58 -5.81
CA LEU B 60 35.63 2.31 -6.17
C LEU B 60 36.80 1.90 -5.29
N ASP B 61 37.98 2.46 -5.58
CA ASP B 61 39.19 2.13 -4.82
C ASP B 61 39.03 2.51 -3.36
N ASP B 62 38.39 3.65 -3.08
CA ASP B 62 38.26 4.11 -1.71
C ASP B 62 37.24 3.31 -0.90
N GLY B 63 36.53 2.38 -1.53
CA GLY B 63 35.53 1.58 -0.87
C GLY B 63 34.13 2.12 -1.04
N TYR B 64 34.01 3.37 -1.45
CA TYR B 64 32.70 3.95 -1.73
C TYR B 64 32.22 3.50 -3.10
N SER B 65 30.91 3.38 -3.23
CA SER B 65 30.31 2.83 -4.44
C SER B 65 29.34 3.82 -5.07
N ILE B 66 29.16 3.65 -6.38
CA ILE B 66 28.22 4.41 -7.18
C ILE B 66 27.06 3.49 -7.50
N ILE B 67 25.84 3.93 -7.20
CA ILE B 67 24.64 3.15 -7.45
C ILE B 67 23.91 3.77 -8.64
N ALA B 68 23.78 3.00 -9.72
CA ALA B 68 23.22 3.47 -10.97
C ALA B 68 21.89 2.77 -11.23
N ALA B 69 20.88 3.54 -11.57
CA ALA B 69 19.58 2.96 -11.88
C ALA B 69 19.53 2.50 -13.32
N GLU B 70 18.79 1.41 -13.57
CA GLU B 70 18.67 0.88 -14.92
C GLU B 70 17.73 1.72 -15.78
N ASN B 71 16.80 2.45 -15.16
CA ASN B 71 15.79 3.16 -15.92
C ASN B 71 16.42 4.24 -16.79
N SER B 72 17.55 4.80 -16.36
CA SER B 72 18.31 5.77 -17.12
C SER B 72 19.79 5.49 -16.88
N GLY B 73 20.63 6.38 -17.38
CA GLY B 73 22.04 6.25 -17.07
C GLY B 73 22.41 6.93 -15.77
N LYS B 74 21.45 7.62 -15.17
CA LYS B 74 21.66 8.45 -13.99
C LYS B 74 21.83 7.61 -12.73
N VAL B 75 22.41 8.24 -11.71
CA VAL B 75 22.79 7.61 -10.46
C VAL B 75 22.11 8.31 -9.29
N LEU B 76 22.16 7.66 -8.12
CA LEU B 76 21.60 8.23 -6.90
C LEU B 76 22.41 9.46 -6.47
N ASP B 77 21.72 10.49 -6.00
CA ASP B 77 22.33 11.75 -5.64
C ASP B 77 21.59 12.29 -4.41
N ILE B 78 22.35 12.83 -3.46
CA ILE B 78 21.78 13.48 -2.28
C ILE B 78 21.85 14.99 -2.46
N SER B 79 20.69 15.63 -2.53
CA SER B 79 20.65 17.05 -2.84
C SER B 79 21.27 17.88 -1.72
N GLU B 80 22.08 18.86 -2.11
CA GLU B 80 22.57 19.90 -1.22
C GLU B 80 21.81 21.20 -1.42
N ASP B 81 20.67 21.14 -2.10
CA ASP B 81 19.85 22.32 -2.33
C ASP B 81 19.39 22.90 -1.00
N PHE B 82 19.42 24.23 -0.90
CA PHE B 82 18.99 24.88 0.34
C PHE B 82 17.57 24.47 0.70
N PHE B 83 16.67 24.44 -0.29
CA PHE B 83 15.26 24.18 -0.02
C PHE B 83 14.94 22.71 0.18
N PHE B 84 15.65 21.80 -0.49
CA PHE B 84 15.42 20.37 -0.37
C PHE B 84 16.67 19.61 0.10
N LYS B 85 17.43 20.21 1.01
CA LYS B 85 18.67 19.60 1.48
C LYS B 85 18.42 18.21 2.07
N GLY B 86 19.24 17.24 1.66
CA GLY B 86 19.20 15.90 2.20
C GLY B 86 18.33 14.90 1.47
N MET B 87 17.60 15.33 0.44
CA MET B 87 16.73 14.44 -0.32
C MET B 87 17.55 13.52 -1.22
N LEU B 88 17.04 12.31 -1.43
CA LEU B 88 17.61 11.38 -2.39
C LEU B 88 16.87 11.47 -3.72
N ILE B 89 17.61 11.78 -4.79
CA ILE B 89 17.06 12.01 -6.11
C ILE B 89 17.92 11.27 -7.12
N GLN B 90 17.47 11.24 -8.37
CA GLN B 90 18.25 10.68 -9.46
C GLN B 90 18.84 11.81 -10.29
N TYR B 91 20.15 11.78 -10.47
CA TYR B 91 20.92 12.82 -11.13
C TYR B 91 22.04 12.17 -11.92
N HIS B 92 22.44 12.80 -13.02
CA HIS B 92 23.52 12.24 -13.81
C HIS B 92 24.81 12.21 -13.00
N PHE B 93 25.67 11.23 -13.32
CA PHE B 93 26.93 11.09 -12.60
C PHE B 93 27.79 12.34 -12.77
N ALA B 94 28.28 12.88 -11.65
CA ALA B 94 29.18 14.02 -11.68
C ALA B 94 30.41 13.83 -10.79
N ASN B 95 30.69 12.60 -10.38
CA ASN B 95 31.82 12.28 -9.51
C ASN B 95 31.88 13.24 -8.32
N SER B 96 30.80 13.26 -7.56
CA SER B 96 30.63 14.13 -6.41
C SER B 96 30.42 13.28 -5.16
N ASP B 97 30.89 13.79 -4.02
CA ASP B 97 30.89 12.99 -2.79
C ASP B 97 29.47 12.64 -2.35
N ASN B 98 28.48 13.45 -2.67
CA ASN B 98 27.10 13.08 -2.34
C ASN B 98 26.62 11.89 -3.17
N GLN B 99 27.24 11.64 -4.32
CA GLN B 99 26.91 10.47 -5.14
C GLN B 99 27.70 9.22 -4.75
N LYS B 100 28.67 9.31 -3.86
CA LYS B 100 29.46 8.17 -3.44
C LYS B 100 28.94 7.64 -2.12
N PHE B 101 28.62 6.34 -2.08
CA PHE B 101 27.98 5.74 -0.93
C PHE B 101 28.77 4.54 -0.44
N LEU B 102 28.76 4.35 0.88
CA LEU B 102 29.46 3.25 1.54
C LEU B 102 28.40 2.24 2.01
N ILE B 103 28.43 1.07 1.40
CA ILE B 103 27.53 -0.02 1.75
C ILE B 103 28.23 -0.95 2.73
N SER B 104 27.62 -1.17 3.89
CA SER B 104 28.25 -1.92 4.96
C SER B 104 27.44 -3.16 5.30
N ASN B 105 28.09 -4.13 5.93
CA ASN B 105 27.43 -5.36 6.30
C ASN B 105 26.29 -5.11 7.28
N ASN B 106 26.39 -4.06 8.10
CA ASN B 106 25.31 -3.76 9.04
C ASN B 106 24.01 -3.42 8.34
N GLY B 107 24.06 -3.07 7.05
CA GLY B 107 22.88 -2.74 6.28
C GLY B 107 22.75 -1.27 5.96
N THR B 108 23.67 -0.44 6.41
CA THR B 108 23.58 1.00 6.24
C THR B 108 24.26 1.44 4.95
N ILE B 109 23.62 2.36 4.24
CA ILE B 109 24.21 3.04 3.09
C ILE B 109 24.60 4.44 3.53
N ALA B 110 25.90 4.73 3.57
CA ALA B 110 26.41 5.97 4.14
C ALA B 110 26.91 6.89 3.04
N VAL B 111 26.57 8.17 3.16
CA VAL B 111 27.02 9.19 2.22
C VAL B 111 28.48 9.53 2.48
N LYS B 112 29.26 9.69 1.41
CA LYS B 112 30.66 10.10 1.57
C LYS B 112 30.76 11.54 2.06
N ARG B 113 30.00 12.44 1.44
CA ARG B 113 30.12 13.86 1.78
C ARG B 113 29.84 14.10 3.25
N SER B 114 28.75 13.52 3.76
CA SER B 114 28.31 13.68 5.13
C SER B 114 28.15 12.31 5.74
N GLY B 115 28.44 12.20 7.04
CA GLY B 115 28.32 10.89 7.66
C GLY B 115 26.90 10.35 7.67
N LYS B 116 25.91 11.16 7.34
CA LYS B 116 24.52 10.71 7.39
C LYS B 116 24.31 9.52 6.46
N VAL B 117 23.32 8.70 6.82
CA VAL B 117 22.99 7.49 6.08
C VAL B 117 21.57 7.59 5.54
N PHE B 118 21.23 6.68 4.63
CA PHE B 118 19.89 6.59 4.07
C PHE B 118 18.88 6.33 5.18
N ASP B 119 17.77 7.05 5.18
CA ASP B 119 16.80 6.87 6.23
C ASP B 119 15.41 7.07 5.63
N ILE B 120 14.47 6.25 6.08
CA ILE B 120 13.06 6.37 5.69
C ILE B 120 12.39 7.28 6.71
N PRO B 121 11.98 8.49 6.32
CA PRO B 121 11.43 9.45 7.30
C PRO B 121 10.22 8.89 8.03
N GLY B 122 10.26 9.01 9.36
CA GLY B 122 9.16 8.53 10.18
C GLY B 122 8.90 7.04 10.03
N ALA B 123 9.88 6.28 9.55
CA ALA B 123 9.70 4.86 9.28
C ALA B 123 8.45 4.60 8.45
N SER B 124 8.24 5.44 7.43
CA SER B 124 7.07 5.28 6.58
C SER B 124 7.10 3.92 5.88
N THR B 125 5.94 3.28 5.84
CA THR B 125 5.76 2.05 5.08
C THR B 125 5.01 2.29 3.77
N SER B 126 4.84 3.55 3.37
CA SER B 126 4.02 3.93 2.23
C SER B 126 4.79 3.75 0.92
N ASN B 127 4.03 3.72 -0.18
CA ASN B 127 4.60 3.48 -1.51
C ASN B 127 5.38 4.65 -2.09
N ASP B 128 5.09 5.89 -1.70
CA ASP B 128 5.87 7.01 -2.23
C ASP B 128 6.74 7.65 -1.17
N ALA B 129 7.09 6.88 -0.16
CA ALA B 129 7.92 7.39 0.93
C ALA B 129 9.31 7.74 0.42
N PRO B 130 9.79 8.96 0.64
CA PRO B 130 11.09 9.37 0.15
C PRO B 130 12.20 8.86 1.06
N VAL B 131 13.43 9.12 0.64
CA VAL B 131 14.62 8.80 1.43
C VAL B 131 15.35 10.09 1.71
N ILE B 132 15.65 10.35 2.98
CA ILE B 132 16.34 11.56 3.40
C ILE B 132 17.54 11.15 4.25
N ALA B 133 18.66 11.83 4.03
CA ALA B 133 19.86 11.56 4.79
C ALA B 133 19.68 11.97 6.24
N TYR B 134 20.05 11.08 7.17
CA TYR B 134 19.85 11.32 8.59
C TYR B 134 21.04 10.74 9.36
N ASN B 135 21.32 11.34 10.51
CA ASN B 135 22.43 10.86 11.32
C ASN B 135 22.18 9.42 11.73
N PHE B 136 23.26 8.62 11.75
CA PHE B 136 23.12 7.21 12.08
C PHE B 136 22.62 7.05 13.51
N ASN B 137 21.56 6.26 13.68
CA ASN B 137 21.03 5.93 15.00
C ASN B 137 20.73 4.44 15.15
N ASN B 138 21.11 3.61 14.18
CA ASN B 138 20.93 2.17 14.25
C ASN B 138 19.45 1.77 14.28
N ALA B 139 18.59 2.60 13.72
CA ALA B 139 17.19 2.19 13.59
C ALA B 139 17.01 1.29 12.37
N ALA B 140 15.96 0.47 12.41
CA ALA B 140 15.74 -0.48 11.33
C ALA B 140 15.48 0.24 10.02
N ASN B 141 14.82 1.40 10.06
CA ASN B 141 14.48 2.10 8.83
C ASN B 141 15.72 2.65 8.12
N GLN B 142 16.87 2.67 8.79
CA GLN B 142 18.12 3.07 8.17
C GLN B 142 18.85 1.92 7.49
N LYS B 143 18.36 0.68 7.63
CA LYS B 143 19.04 -0.50 7.14
C LYS B 143 18.39 -1.02 5.86
N PHE B 144 19.23 -1.42 4.89
CA PHE B 144 18.79 -1.85 3.56
C PHE B 144 19.48 -3.14 3.16
N THR B 145 18.79 -3.95 2.36
CA THR B 145 19.32 -5.22 1.87
C THR B 145 19.28 -5.27 0.34
N PHE B 146 20.37 -5.75 -0.26
CA PHE B 146 20.52 -5.87 -1.70
C PHE B 146 20.18 -7.28 -2.16
N GLU B 147 19.28 -7.39 -3.15
CA GLU B 147 18.85 -8.66 -3.71
C GLU B 147 19.30 -8.77 -5.16
N ARG B 148 19.82 -9.94 -5.54
CA ARG B 148 20.19 -10.18 -6.93
C ARG B 148 18.92 -10.29 -7.77
N VAL B 149 18.82 -9.48 -8.81
CA VAL B 149 17.66 -9.49 -9.69
C VAL B 149 17.93 -10.26 -10.98
N LYS B 150 19.00 -9.92 -11.67
CA LYS B 150 19.37 -10.60 -12.91
C LYS B 150 20.87 -10.44 -13.11
N THR B 151 21.45 -11.33 -13.91
CA THR B 151 22.88 -11.39 -14.09
C THR B 151 23.22 -11.32 -15.58
N PHE B 152 24.34 -10.67 -15.88
CA PHE B 152 24.88 -10.60 -17.23
C PHE B 152 26.37 -10.89 -17.18
N GLN B 153 26.94 -11.22 -18.34
CA GLN B 153 28.34 -11.59 -18.46
C GLN B 153 29.07 -10.61 -19.36
N VAL B 154 30.33 -10.36 -19.03
CA VAL B 154 31.22 -9.54 -19.83
C VAL B 154 32.20 -10.50 -20.52
N PRO B 155 32.14 -10.64 -21.84
CA PRO B 155 33.07 -11.56 -22.52
C PRO B 155 34.51 -11.14 -22.26
N SER B 156 35.38 -12.14 -22.13
CA SER B 156 36.79 -11.84 -21.91
C SER B 156 37.55 -12.06 -23.20
N PRO B 157 38.39 -11.12 -23.61
CA PRO B 157 39.16 -11.33 -24.83
C PRO B 157 40.21 -12.39 -24.60
N SER B 158 40.56 -13.09 -25.67
CA SER B 158 41.58 -14.13 -25.55
C SER B 158 42.92 -13.49 -25.19
N ILE B 159 43.60 -14.03 -24.18
CA ILE B 159 44.83 -13.43 -23.67
C ILE B 159 46.02 -14.33 -23.99
N GLY B 160 47.09 -13.70 -24.44
CA GLY B 160 48.33 -14.39 -24.75
C GLY B 160 49.49 -13.57 -24.22
N THR B 161 50.59 -14.27 -23.96
CA THR B 161 51.80 -13.61 -23.49
C THR B 161 52.59 -13.00 -24.65
N LEU B 162 53.43 -12.02 -24.31
CA LEU B 162 54.29 -11.37 -25.31
C LEU B 162 55.40 -12.32 -25.78
N PRO B 163 55.52 -12.54 -27.09
CA PRO B 163 56.61 -13.37 -27.61
C PRO B 163 57.93 -12.63 -27.61
N PRO B 164 59.05 -13.35 -27.65
CA PRO B 164 60.36 -12.70 -27.72
C PRO B 164 60.60 -12.07 -29.08
N ALA B 165 61.46 -11.06 -29.09
CA ALA B 165 61.79 -10.40 -30.35
C ALA B 165 62.42 -11.40 -31.31
N PRO B 166 62.08 -11.33 -32.60
CA PRO B 166 62.63 -12.31 -33.57
C PRO B 166 64.15 -12.20 -33.66
N ASP B 167 64.78 -13.34 -33.96
CA ASP B 167 66.23 -13.44 -34.04
C ASP B 167 66.66 -14.05 -35.36
N PHE B 168 67.92 -13.78 -35.73
CA PHE B 168 68.49 -14.34 -36.95
C PHE B 168 68.66 -15.85 -36.85
N LYS B 169 68.47 -16.53 -37.99
CA LYS B 169 68.57 -17.99 -38.04
C LYS B 169 69.56 -18.39 -39.13
N ASN B 170 70.85 -18.21 -38.84
CA ASN B 170 71.99 -18.64 -39.66
C ASN B 170 72.06 -18.00 -41.05
N ASP B 171 71.27 -16.97 -41.35
CA ASP B 171 71.29 -16.33 -42.67
C ASP B 171 71.43 -14.82 -42.49
N ILE B 172 72.63 -14.30 -42.77
CA ILE B 172 72.87 -12.87 -42.61
C ILE B 172 71.99 -12.02 -43.55
N ASN B 173 71.50 -12.57 -44.65
CA ASN B 173 70.66 -11.77 -45.54
C ASN B 173 69.16 -11.96 -45.30
N GLU B 174 68.77 -12.67 -44.24
CA GLU B 174 67.36 -12.85 -43.97
C GLU B 174 66.74 -11.56 -43.44
N GLN B 175 65.54 -11.24 -43.92
CA GLN B 175 64.81 -10.09 -43.40
C GLN B 175 63.90 -10.54 -42.27
N LEU B 176 64.13 -9.96 -41.10
CA LEU B 176 63.33 -10.33 -39.95
C LEU B 176 61.99 -9.60 -40.04
N PRO B 177 60.95 -10.13 -39.38
CA PRO B 177 59.64 -9.50 -39.50
C PRO B 177 59.67 -8.06 -39.03
N ASP B 178 58.90 -7.21 -39.74
CA ASP B 178 58.75 -5.82 -39.33
C ASP B 178 58.10 -5.77 -37.95
N LYS B 179 57.14 -6.66 -37.70
CA LYS B 179 56.60 -6.77 -36.35
C LYS B 179 56.00 -8.12 -36.05
N THR B 180 56.01 -8.43 -34.76
CA THR B 180 55.43 -9.65 -34.24
C THR B 180 53.91 -9.55 -34.26
N ASN B 181 53.28 -10.70 -34.29
CA ASN B 181 51.84 -10.73 -34.28
C ASN B 181 51.29 -10.06 -33.02
N PRO B 182 50.43 -9.06 -33.14
CA PRO B 182 49.90 -8.41 -31.95
C PRO B 182 49.12 -9.38 -31.09
N VAL B 183 49.32 -9.28 -29.78
CA VAL B 183 48.67 -10.16 -28.81
C VAL B 183 48.07 -9.32 -27.71
N ILE B 184 46.86 -9.69 -27.27
CA ILE B 184 46.17 -8.98 -26.21
C ILE B 184 46.73 -9.53 -24.89
N THR B 185 47.60 -8.76 -24.24
CA THR B 185 48.16 -9.19 -22.98
C THR B 185 47.27 -8.84 -21.79
N HIS B 186 46.62 -7.68 -21.79
CA HIS B 186 45.85 -7.29 -20.62
C HIS B 186 44.56 -6.59 -21.02
N PHE B 187 43.60 -6.53 -20.09
CA PHE B 187 42.43 -5.69 -20.25
C PHE B 187 41.86 -5.29 -18.89
N SER B 188 41.18 -4.14 -18.87
CA SER B 188 40.59 -3.58 -17.66
C SER B 188 39.09 -3.36 -17.85
N THR B 189 38.30 -3.89 -16.93
CA THR B 189 36.84 -3.78 -16.98
C THR B 189 36.37 -2.60 -16.11
N ILE B 190 35.72 -1.63 -16.75
CA ILE B 190 35.31 -0.38 -16.08
C ILE B 190 33.84 -0.13 -16.38
N PRO B 191 33.16 0.60 -15.49
CA PRO B 191 31.73 0.89 -15.70
C PRO B 191 31.48 1.97 -16.75
N TYR B 192 30.28 1.94 -17.33
CA TYR B 192 29.93 2.89 -18.38
C TYR B 192 30.10 4.34 -17.95
N ILE B 193 29.96 4.61 -16.64
CA ILE B 193 30.04 6.00 -16.18
C ILE B 193 31.42 6.55 -16.48
N MET B 194 32.43 5.68 -16.58
CA MET B 194 33.80 6.14 -16.82
C MET B 194 34.06 6.41 -18.30
N ALA B 195 33.45 5.65 -19.20
CA ALA B 195 33.77 5.73 -20.62
C ALA B 195 32.73 6.60 -21.32
N ASN B 196 33.20 7.51 -22.17
CA ASN B 196 32.34 8.39 -22.93
C ASN B 196 32.18 7.82 -24.34
N ASP B 197 30.98 7.35 -24.65
CA ASP B 197 30.66 6.73 -25.94
C ASP B 197 29.83 7.71 -26.76
N ALA B 198 30.38 8.14 -27.90
CA ALA B 198 29.70 9.15 -28.70
C ALA B 198 28.37 8.63 -29.24
N THR B 199 28.28 7.32 -29.50
CA THR B 199 27.14 6.75 -30.20
C THR B 199 26.12 6.15 -29.23
N PHE B 200 26.39 6.18 -27.93
CA PHE B 200 25.46 5.71 -26.92
C PHE B 200 25.30 6.77 -25.84
N ASN B 201 24.06 7.12 -25.52
CA ASN B 201 23.84 8.00 -24.38
C ASN B 201 23.85 7.18 -23.08
N SER B 202 23.85 7.89 -21.96
CA SER B 202 24.03 7.23 -20.66
C SER B 202 23.00 6.11 -20.46
N HIS B 203 21.75 6.37 -20.83
CA HIS B 203 20.70 5.36 -20.68
C HIS B 203 21.00 4.15 -21.56
N GLN B 204 21.35 4.41 -22.82
CA GLN B 204 21.67 3.34 -23.75
C GLN B 204 22.84 2.51 -23.21
N GLN B 205 23.83 3.18 -22.62
CA GLN B 205 25.03 2.48 -22.15
C GLN B 205 24.66 1.44 -21.10
N ILE B 206 23.96 1.86 -20.05
CA ILE B 206 23.65 0.94 -18.97
C ILE B 206 22.76 -0.19 -19.45
N GLN B 207 21.94 0.07 -20.49
CA GLN B 207 21.13 -1.00 -21.04
C GLN B 207 21.97 -2.05 -21.77
N TYR B 208 22.92 -1.60 -22.59
CA TYR B 208 23.60 -2.50 -23.52
C TYR B 208 25.07 -2.74 -23.23
N SER B 209 25.78 -1.79 -22.62
CA SER B 209 27.19 -1.97 -22.27
C SER B 209 27.45 -1.43 -20.88
N PRO B 210 26.96 -2.10 -19.84
CA PRO B 210 27.16 -1.58 -18.48
C PRO B 210 28.63 -1.37 -18.15
N TYR B 211 29.48 -2.26 -18.60
CA TYR B 211 30.92 -2.15 -18.43
C TYR B 211 31.56 -2.08 -19.81
N TYR B 212 32.53 -1.18 -19.96
CA TYR B 212 33.39 -1.09 -21.12
C TYR B 212 34.73 -1.73 -20.78
N LYS B 213 35.46 -2.12 -21.83
CA LYS B 213 36.74 -2.80 -21.62
C LYS B 213 37.87 -2.00 -22.25
N LEU B 214 38.94 -1.78 -21.49
CA LEU B 214 40.14 -1.11 -21.99
C LEU B 214 41.20 -2.18 -22.21
N VAL B 215 41.61 -2.37 -23.46
CA VAL B 215 42.38 -3.53 -23.87
C VAL B 215 43.78 -3.10 -24.29
N ARG B 216 44.78 -3.87 -23.85
CA ARG B 216 46.19 -3.68 -24.11
C ARG B 216 46.75 -4.80 -24.97
N ILE B 217 47.34 -4.41 -26.10
CA ILE B 217 48.03 -5.27 -27.06
C ILE B 217 49.51 -4.87 -27.05
N GLN B 218 50.39 -5.86 -27.02
CA GLN B 218 51.83 -5.63 -27.05
C GLN B 218 52.44 -6.34 -28.25
N TYR B 219 53.38 -5.67 -28.93
CA TYR B 219 54.14 -6.36 -29.95
C TYR B 219 55.47 -5.67 -30.21
N TRP B 220 56.39 -6.43 -30.78
CA TRP B 220 57.72 -5.92 -31.09
C TRP B 220 57.68 -5.29 -32.48
N GLU B 221 58.19 -4.06 -32.59
CA GLU B 221 58.23 -3.35 -33.85
C GLU B 221 59.68 -3.14 -34.26
N LYS B 222 60.00 -3.45 -35.51
CA LYS B 222 61.38 -3.37 -35.99
C LYS B 222 61.70 -1.92 -36.28
N VAL B 223 62.64 -1.35 -35.51
CA VAL B 223 63.06 0.02 -35.74
C VAL B 223 63.91 0.12 -37.00
N THR B 224 64.88 -0.77 -37.16
CA THR B 224 65.70 -0.77 -38.36
C THR B 224 66.39 -2.11 -38.51
N GLN B 225 66.69 -2.46 -39.76
CA GLN B 225 67.56 -3.58 -40.06
C GLN B 225 68.43 -3.19 -41.24
N ARG B 226 69.75 -3.35 -41.10
CA ARG B 226 70.65 -3.03 -42.19
C ARG B 226 71.91 -3.86 -42.07
N ILE B 227 72.50 -4.14 -43.22
CA ILE B 227 73.78 -4.86 -43.33
C ILE B 227 74.83 -3.84 -43.76
N LEU B 228 75.94 -3.79 -43.03
CA LEU B 228 76.96 -2.77 -43.24
C LEU B 228 78.34 -3.38 -43.10
N GLY B 229 79.34 -2.64 -43.59
CA GLY B 229 80.69 -3.14 -43.68
C GLY B 229 81.39 -3.18 -42.34
N PRO B 230 82.62 -3.68 -42.36
CA PRO B 230 83.36 -3.86 -41.10
C PRO B 230 83.53 -2.61 -40.27
N ARG B 231 83.51 -1.43 -40.88
CA ARG B 231 83.95 -0.23 -40.19
C ARG B 231 83.25 0.92 -40.90
N ASP B 232 81.95 0.71 -41.12
CA ASP B 232 80.97 1.58 -41.74
C ASP B 232 79.95 2.00 -40.69
N ASP B 233 79.38 3.18 -40.86
CA ASP B 233 78.37 3.74 -39.96
C ASP B 233 77.16 4.22 -40.76
N TYR B 234 75.99 4.20 -40.12
CA TYR B 234 74.80 4.79 -40.75
C TYR B 234 73.86 5.36 -39.69
N GLU B 235 73.01 6.29 -40.16
CA GLU B 235 72.05 7.01 -39.34
C GLU B 235 70.64 6.56 -39.70
N TYR B 236 69.84 6.23 -38.69
CA TYR B 236 68.48 5.75 -38.86
C TYR B 236 67.52 6.48 -37.92
N ASN B 237 66.30 6.69 -38.37
CA ASN B 237 65.26 7.30 -37.54
C ASN B 237 64.67 6.29 -36.57
N LYS B 238 64.36 6.76 -35.36
CA LYS B 238 63.74 6.00 -34.29
C LYS B 238 62.63 6.84 -33.68
N THR B 239 61.51 6.21 -33.32
CA THR B 239 60.37 6.95 -32.79
C THR B 239 59.95 6.39 -31.44
N LYS B 240 59.66 7.28 -30.50
CA LYS B 240 59.25 6.91 -29.15
C LYS B 240 58.03 7.74 -28.75
N GLY B 241 57.24 7.23 -27.82
CA GLY B 241 56.18 8.02 -27.23
C GLY B 241 54.82 7.78 -27.85
N ILE B 242 53.90 8.71 -27.54
CA ILE B 242 52.51 8.63 -27.97
C ILE B 242 52.11 9.96 -28.59
N SER B 243 51.30 9.88 -29.65
CA SER B 243 50.89 11.06 -30.40
C SER B 243 49.91 11.93 -29.60
N LYS B 244 49.87 13.22 -29.95
CA LYS B 244 48.93 14.12 -29.30
C LYS B 244 47.49 13.70 -29.58
N THR B 245 47.18 13.26 -30.80
CA THR B 245 45.83 12.82 -31.12
C THR B 245 45.41 11.66 -30.22
N ASP B 246 46.30 10.70 -30.03
CA ASP B 246 46.00 9.60 -29.12
C ASP B 246 45.84 10.09 -27.68
N GLN B 247 46.66 11.05 -27.28
CA GLN B 247 46.55 11.61 -25.93
C GLN B 247 45.18 12.25 -25.73
N VAL B 248 44.75 13.06 -26.70
CA VAL B 248 43.47 13.75 -26.59
C VAL B 248 42.32 12.75 -26.61
N SER B 249 42.37 11.79 -27.54
CA SER B 249 41.30 10.81 -27.65
C SER B 249 41.20 9.97 -26.39
N MET B 250 42.33 9.59 -25.82
CA MET B 250 42.31 8.85 -24.57
C MET B 250 41.66 9.66 -23.47
N THR B 251 42.00 10.94 -23.38
CA THR B 251 41.41 11.78 -22.34
C THR B 251 39.91 11.96 -22.57
N GLU B 252 39.51 12.20 -23.82
CA GLU B 252 38.09 12.40 -24.10
C GLU B 252 37.27 11.15 -23.79
N THR B 253 37.83 9.96 -24.05
CA THR B 253 37.05 8.74 -23.88
C THR B 253 37.04 8.26 -22.44
N VAL B 254 38.20 8.20 -21.79
CA VAL B 254 38.27 7.63 -20.45
C VAL B 254 39.00 8.57 -19.49
N SER B 255 39.18 9.82 -19.88
CA SER B 255 39.83 10.81 -19.02
C SER B 255 41.18 10.30 -18.53
N MET B 256 41.98 9.78 -19.46
CA MET B 256 43.33 9.31 -19.18
C MET B 256 44.30 9.92 -20.18
N SER B 257 45.56 9.99 -19.77
CA SER B 257 46.65 10.38 -20.65
C SER B 257 47.91 9.66 -20.20
N VAL B 258 48.94 9.69 -21.03
CA VAL B 258 50.21 9.04 -20.73
C VAL B 258 51.21 10.11 -20.32
N GLY B 259 51.81 9.93 -19.14
CA GLY B 259 52.80 10.88 -18.66
C GLY B 259 54.18 10.64 -19.26
N ALA B 260 55.04 11.64 -19.09
CA ALA B 260 56.37 11.58 -19.66
C ALA B 260 57.19 10.40 -19.10
N ASP B 261 56.80 9.87 -17.94
CA ASP B 261 57.51 8.76 -17.32
C ASP B 261 56.94 7.41 -17.72
N PHE B 262 56.13 7.36 -18.78
CA PHE B 262 55.51 6.15 -19.29
C PHE B 262 54.46 5.60 -18.34
N GLY B 263 54.07 6.37 -17.34
CA GLY B 263 52.99 6.00 -16.45
C GLY B 263 51.71 6.65 -16.92
N PHE B 264 50.58 6.10 -16.49
CA PHE B 264 49.30 6.66 -16.87
C PHE B 264 48.88 7.76 -15.90
N MET B 265 48.32 8.83 -16.46
CA MET B 265 47.79 9.96 -15.70
C MET B 265 46.27 9.82 -15.66
N PHE B 266 45.72 9.76 -14.46
CA PHE B 266 44.29 9.59 -14.26
C PHE B 266 43.68 10.94 -13.89
N LYS B 267 42.69 11.36 -14.68
CA LYS B 267 42.06 12.66 -14.51
C LYS B 267 40.56 12.47 -14.28
N GLY B 268 39.98 13.39 -13.52
CA GLY B 268 38.54 13.37 -13.32
C GLY B 268 38.08 12.04 -12.78
N PHE B 269 37.04 11.49 -13.41
CA PHE B 269 36.39 10.30 -12.86
C PHE B 269 37.40 9.16 -12.73
N SER B 270 38.31 9.05 -13.71
CA SER B 270 39.20 7.90 -13.78
C SER B 270 40.03 7.74 -12.52
N ALA B 271 40.34 8.85 -11.84
CA ALA B 271 41.22 8.76 -10.67
C ALA B 271 40.66 7.79 -9.63
N SER B 272 39.33 7.72 -9.52
CA SER B 272 38.75 6.88 -8.48
C SER B 272 39.13 5.41 -8.64
N LEU B 273 39.41 4.99 -9.87
CA LEU B 273 39.78 3.60 -10.13
C LEU B 273 41.27 3.42 -10.45
N SER B 274 42.11 4.41 -10.16
CA SER B 274 43.50 4.33 -10.61
C SER B 274 44.11 3.00 -10.21
N ALA B 275 43.97 2.63 -8.93
CA ALA B 275 44.61 1.41 -8.44
C ALA B 275 44.12 0.19 -9.19
N GLN B 276 42.81 0.08 -9.41
CA GLN B 276 42.29 -1.08 -10.10
C GLN B 276 42.84 -1.17 -11.52
N ILE B 277 42.76 -0.06 -12.26
CA ILE B 277 43.17 -0.08 -13.66
C ILE B 277 44.64 -0.43 -13.80
N THR B 278 45.49 0.24 -13.01
CA THR B 278 46.91 -0.03 -13.11
C THR B 278 47.19 -1.50 -12.90
N LYS B 279 46.53 -2.07 -11.90
CA LYS B 279 46.74 -3.46 -11.54
C LYS B 279 46.29 -4.38 -12.66
N GLU B 280 45.14 -4.08 -13.26
CA GLU B 280 44.58 -4.96 -14.28
C GLU B 280 45.37 -4.88 -15.59
N LEU B 281 45.93 -3.71 -15.91
CA LEU B 281 46.71 -3.57 -17.14
C LEU B 281 48.20 -3.79 -16.95
N SER B 282 48.67 -3.99 -15.71
CA SER B 282 50.09 -4.13 -15.43
C SER B 282 50.86 -2.90 -15.88
N VAL B 283 50.34 -1.72 -15.55
CA VAL B 283 50.96 -0.45 -15.90
C VAL B 283 51.18 0.37 -14.64
N THR B 284 52.12 1.31 -14.72
CA THR B 284 52.52 2.13 -13.58
C THR B 284 51.78 3.46 -13.58
N LYS B 285 51.37 3.88 -12.39
CA LYS B 285 50.74 5.19 -12.22
C LYS B 285 51.78 6.29 -12.38
N SER B 286 51.45 7.31 -13.14
CA SER B 286 52.43 8.34 -13.48
C SER B 286 52.79 9.19 -12.26
N THR B 287 54.07 9.56 -12.18
CA THR B 287 54.56 10.53 -11.22
C THR B 287 55.00 11.81 -11.92
N SER B 288 54.76 11.93 -13.21
CA SER B 288 55.25 13.03 -14.02
C SER B 288 54.20 14.14 -14.10
N THR B 289 54.68 15.38 -14.01
CA THR B 289 53.80 16.53 -14.15
C THR B 289 53.30 16.70 -15.58
N THR B 290 54.18 16.50 -16.56
CA THR B 290 53.88 16.75 -17.96
C THR B 290 53.53 15.47 -18.71
N GLU B 291 52.73 15.63 -19.76
CA GLU B 291 52.30 14.52 -20.59
C GLU B 291 53.32 14.23 -21.69
N MET B 292 53.41 12.95 -22.07
CA MET B 292 54.34 12.52 -23.11
C MET B 292 53.87 12.92 -24.50
N THR B 293 54.84 13.12 -25.38
CA THR B 293 54.62 13.43 -26.79
C THR B 293 55.38 12.44 -27.66
N GLU B 294 54.90 12.25 -28.89
CA GLU B 294 55.61 11.39 -29.83
C GLU B 294 56.81 12.15 -30.37
N GLU B 295 57.98 11.53 -30.32
CA GLU B 295 59.22 12.12 -30.78
C GLU B 295 59.88 11.16 -31.76
N THR B 296 60.32 11.70 -32.89
CA THR B 296 61.10 10.93 -33.86
C THR B 296 62.47 11.60 -33.96
N TYR B 297 63.52 10.82 -33.72
CA TYR B 297 64.87 11.34 -33.63
C TYR B 297 65.84 10.41 -34.36
N LYS B 298 66.95 10.99 -34.82
CA LYS B 298 67.94 10.24 -35.58
C LYS B 298 69.01 9.67 -34.66
N GLU B 299 69.34 8.40 -34.87
CA GLU B 299 70.35 7.68 -34.08
C GLU B 299 71.37 7.05 -35.02
N LYS B 300 72.64 7.07 -34.64
CA LYS B 300 73.72 6.64 -35.51
C LYS B 300 74.36 5.38 -34.94
N TYR B 301 74.61 4.40 -35.81
CA TYR B 301 75.26 3.16 -35.41
C TYR B 301 76.49 2.90 -36.26
N THR B 302 77.58 2.48 -35.61
CA THR B 302 78.83 2.14 -36.25
C THR B 302 79.19 0.69 -35.95
N ASN B 303 79.62 -0.04 -36.98
CA ASN B 303 79.99 -1.45 -36.81
C ASN B 303 81.26 -1.59 -35.99
N PRO B 304 81.21 -2.24 -34.83
CA PRO B 304 82.43 -2.45 -34.02
C PRO B 304 83.25 -3.69 -34.38
N PHE B 305 82.71 -4.59 -35.20
CA PHE B 305 83.38 -5.83 -35.58
C PHE B 305 83.95 -5.75 -36.98
N ASN B 306 85.12 -6.37 -37.18
CA ASN B 306 85.75 -6.37 -38.50
C ASN B 306 85.09 -7.34 -39.48
N TYR B 307 84.05 -8.07 -39.11
CA TYR B 307 83.49 -8.92 -40.14
C TYR B 307 82.19 -8.25 -40.55
N GLU B 308 81.73 -8.55 -41.75
CA GLU B 308 80.50 -7.91 -42.19
C GLU B 308 79.37 -8.33 -41.25
N LEU B 309 78.55 -7.37 -40.86
CA LEU B 309 77.58 -7.60 -39.79
C LEU B 309 76.20 -7.07 -40.18
N ALA B 310 75.17 -7.79 -39.73
CA ALA B 310 73.77 -7.43 -39.93
C ALA B 310 73.15 -7.14 -38.57
N ARG B 311 72.45 -6.01 -38.48
CA ARG B 311 71.84 -5.59 -37.22
C ARG B 311 70.37 -5.27 -37.38
N ALA B 312 69.53 -5.79 -36.48
CA ALA B 312 68.12 -5.47 -36.43
C ALA B 312 67.71 -5.15 -35.00
N GLN B 313 66.98 -4.06 -34.81
CA GLN B 313 66.53 -3.65 -33.48
C GLN B 313 65.01 -3.59 -33.41
N TYR B 314 64.46 -4.11 -32.32
CA TYR B 314 63.02 -4.12 -32.09
C TYR B 314 62.70 -3.25 -30.88
N MET B 315 61.59 -2.55 -30.96
CA MET B 315 61.06 -1.71 -29.88
C MET B 315 59.72 -2.26 -29.44
N LEU B 316 59.49 -2.29 -28.13
CA LEU B 316 58.20 -2.71 -27.61
C LEU B 316 57.13 -1.65 -27.88
N VAL B 317 55.98 -2.07 -28.42
CA VAL B 317 54.92 -1.14 -28.75
C VAL B 317 53.62 -1.58 -28.09
N ASN B 318 52.94 -0.61 -27.48
CA ASN B 318 51.64 -0.80 -26.80
C ASN B 318 50.54 -0.11 -27.61
N GLU B 319 49.40 -0.80 -27.75
CA GLU B 319 48.20 -0.24 -28.34
C GLU B 319 47.06 -0.39 -27.34
N PHE B 320 46.40 0.70 -26.99
CA PHE B 320 45.30 0.70 -26.03
C PHE B 320 44.01 1.15 -26.68
N TYR B 321 42.93 0.42 -26.44
CA TYR B 321 41.65 0.84 -27.00
C TYR B 321 40.49 0.39 -26.11
N VAL B 322 39.35 1.07 -26.29
CA VAL B 322 38.16 0.87 -25.47
C VAL B 322 37.10 0.22 -26.34
N THR B 323 36.44 -0.79 -25.80
CA THR B 323 35.36 -1.50 -26.46
C THR B 323 34.14 -1.48 -25.56
N ARG B 324 32.99 -1.71 -26.17
CA ARG B 324 31.79 -1.95 -25.38
C ARG B 324 31.80 -3.37 -24.84
N MET B 325 30.86 -3.66 -23.96
CA MET B 325 30.81 -4.96 -23.30
C MET B 325 30.84 -6.09 -24.32
N ASP B 326 30.08 -5.96 -25.40
CA ASP B 326 30.02 -6.99 -26.42
C ASP B 326 31.32 -7.13 -27.19
N GLY B 327 32.16 -6.10 -27.19
CA GLY B 327 33.41 -6.10 -27.94
C GLY B 327 33.48 -5.05 -29.03
N THR B 328 32.40 -4.31 -29.30
CA THR B 328 32.44 -3.29 -30.33
C THR B 328 33.50 -2.26 -29.95
N ARG B 329 34.42 -1.99 -30.86
CA ARG B 329 35.50 -1.05 -30.55
C ARG B 329 35.00 0.34 -30.93
N ILE B 330 35.07 1.27 -29.97
CA ILE B 330 34.50 2.60 -30.12
C ILE B 330 35.56 3.64 -30.41
N THR B 331 36.83 3.26 -30.39
CA THR B 331 37.92 4.19 -30.61
C THR B 331 39.07 3.47 -31.30
N ALA B 332 39.88 4.24 -32.01
CA ALA B 332 41.04 3.67 -32.68
C ALA B 332 42.10 3.31 -31.64
N ASN B 333 42.99 2.41 -32.02
CA ASN B 333 44.06 2.02 -31.12
C ASN B 333 44.97 3.22 -30.83
N TRP B 334 45.29 3.41 -29.56
CA TRP B 334 46.18 4.48 -29.13
C TRP B 334 47.58 3.90 -28.96
N THR B 335 48.52 4.42 -29.74
CA THR B 335 49.83 3.80 -29.90
C THR B 335 50.85 4.48 -28.99
N LEU B 336 51.51 3.68 -28.15
CA LEU B 336 52.56 4.14 -27.25
C LEU B 336 53.80 3.29 -27.51
N ARG B 337 54.90 3.95 -27.89
CA ARG B 337 56.16 3.26 -28.17
C ARG B 337 57.12 3.47 -27.00
N ASP B 338 57.50 2.37 -26.35
CA ASP B 338 58.36 2.42 -25.17
C ASP B 338 59.80 2.20 -25.62
N ASN B 339 60.57 3.28 -25.72
CA ASN B 339 61.97 3.16 -26.11
C ASN B 339 62.79 2.44 -25.05
N THR B 340 62.34 2.47 -23.79
CA THR B 340 63.08 1.82 -22.72
C THR B 340 63.18 0.31 -22.95
N GLN B 341 62.09 -0.31 -23.40
CA GLN B 341 62.07 -1.75 -23.64
C GLN B 341 62.38 -2.03 -25.12
N THR B 342 63.63 -2.43 -25.37
CA THR B 342 64.12 -2.70 -26.71
C THR B 342 65.04 -3.91 -26.68
N VAL B 343 65.07 -4.64 -27.80
CA VAL B 343 65.92 -5.82 -27.95
C VAL B 343 66.74 -5.64 -29.22
N THR B 344 68.03 -5.93 -29.13
CA THR B 344 68.95 -5.77 -30.25
C THR B 344 69.38 -7.14 -30.76
N ARG B 345 69.32 -7.33 -32.07
CA ARG B 345 69.70 -8.59 -32.70
C ARG B 345 70.78 -8.34 -33.73
N ILE B 346 71.76 -9.25 -33.74
CA ILE B 346 72.88 -9.21 -34.67
C ILE B 346 73.16 -10.61 -35.19
N PHE B 347 73.89 -10.67 -36.31
CA PHE B 347 74.33 -11.95 -36.83
C PHE B 347 75.51 -12.47 -36.01
N PRO B 348 75.51 -13.76 -35.64
CA PRO B 348 76.61 -14.39 -34.89
C PRO B 348 77.99 -14.13 -35.50
N ASP C 7 -16.05 20.30 -4.34
CA ASP C 7 -17.32 19.77 -4.83
C ASP C 7 -18.49 20.49 -4.17
N ASN C 8 -18.57 20.42 -2.84
CA ASN C 8 -19.67 21.05 -2.13
C ASN C 8 -19.61 22.57 -2.23
N GLY C 9 -18.41 23.13 -2.26
CA GLY C 9 -18.24 24.58 -2.37
C GLY C 9 -17.10 25.12 -1.55
N ILE C 10 -16.87 26.44 -1.63
CA ILE C 10 -15.76 27.04 -0.91
C ILE C 10 -16.03 27.02 0.58
N LYS C 11 -15.05 26.55 1.35
CA LYS C 11 -15.13 26.57 2.80
C LYS C 11 -14.70 27.93 3.31
N ALA C 12 -15.47 28.50 4.23
CA ALA C 12 -15.21 29.83 4.77
C ALA C 12 -14.52 29.70 6.11
N LEU C 13 -13.44 30.46 6.29
CA LEU C 13 -12.69 30.50 7.53
C LEU C 13 -12.56 31.94 8.03
N ASP C 14 -12.69 32.11 9.34
CA ASP C 14 -12.56 33.44 9.93
C ASP C 14 -11.13 33.96 9.72
N PRO C 15 -10.97 35.24 9.41
CA PRO C 15 -9.62 35.73 9.07
C PRO C 15 -8.69 35.86 10.27
N PHE C 16 -9.24 36.08 11.46
CA PHE C 16 -8.44 36.40 12.63
C PHE C 16 -8.12 35.18 13.50
N ASN C 17 -8.33 33.97 12.99
CA ASN C 17 -7.99 32.74 13.68
C ASN C 17 -6.77 32.07 13.03
N PHE C 18 -5.87 31.55 13.85
CA PHE C 18 -4.84 30.63 13.39
C PHE C 18 -5.39 29.22 13.34
N TYR C 19 -5.11 28.50 12.27
CA TYR C 19 -5.67 27.18 12.08
C TYR C 19 -4.58 26.11 12.01
N ARG C 20 -4.99 24.90 12.40
CA ARG C 20 -4.17 23.71 12.38
C ARG C 20 -4.77 22.79 11.33
N ILE C 21 -3.95 22.32 10.39
CA ILE C 21 -4.45 21.54 9.27
C ILE C 21 -4.26 20.07 9.60
N ARG C 22 -5.38 19.36 9.77
CA ARG C 22 -5.39 17.96 10.19
C ARG C 22 -5.52 17.06 8.96
N THR C 23 -4.63 16.08 8.88
CA THR C 23 -4.62 15.12 7.79
C THR C 23 -5.54 13.93 8.10
N PHE C 24 -5.70 13.05 7.11
CA PHE C 24 -6.65 11.96 7.22
C PHE C 24 -6.37 11.05 8.43
N CYS C 25 -5.11 10.94 8.84
CA CYS C 25 -4.74 10.04 9.92
C CYS C 25 -4.72 10.72 11.29
N GLY C 26 -5.13 11.98 11.37
CA GLY C 26 -5.16 12.70 12.62
C GLY C 26 -3.90 13.48 12.95
N LYS C 27 -2.89 13.44 12.09
CA LYS C 27 -1.69 14.24 12.25
C LYS C 27 -1.88 15.61 11.60
N MET C 28 -0.95 16.53 11.90
CA MET C 28 -1.03 17.93 11.49
C MET C 28 0.13 18.31 10.60
N LEU C 29 -0.14 19.21 9.66
CA LEU C 29 0.92 19.73 8.80
C LEU C 29 1.91 20.56 9.63
N ASP C 30 3.20 20.29 9.46
CA ASP C 30 4.29 20.88 10.23
C ASP C 30 5.34 21.36 9.24
N VAL C 31 5.71 22.65 9.35
CA VAL C 31 6.67 23.24 8.42
C VAL C 31 8.13 22.98 8.80
N VAL C 32 8.39 22.36 9.94
CA VAL C 32 9.77 22.04 10.30
C VAL C 32 9.99 20.55 10.07
N GLY C 33 9.31 19.72 10.85
CA GLY C 33 9.48 18.29 10.75
C GLY C 33 10.68 17.88 11.56
N GLN C 34 10.96 16.57 11.53
CA GLN C 34 12.12 16.02 12.23
C GLN C 34 13.30 15.86 11.26
N SER C 35 13.17 14.94 10.32
CA SER C 35 14.21 14.70 9.33
C SER C 35 14.26 15.80 8.28
N THR C 36 13.23 16.64 8.21
CA THR C 36 13.17 17.78 7.31
C THR C 36 13.47 19.11 8.00
N SER C 37 13.97 19.08 9.25
CA SER C 37 14.18 20.31 9.99
C SER C 37 15.12 21.27 9.27
N ASP C 38 16.05 20.73 8.48
CA ASP C 38 17.06 21.55 7.83
C ASP C 38 16.68 22.00 6.42
N ASN C 39 15.43 21.79 6.00
CA ASN C 39 15.00 22.21 4.68
C ASN C 39 13.57 22.74 4.75
N ALA C 40 13.09 23.21 3.61
CA ALA C 40 11.81 23.90 3.50
C ALA C 40 10.61 22.95 3.39
N MET C 41 10.82 21.64 3.46
CA MET C 41 9.73 20.71 3.26
C MET C 41 8.69 20.86 4.37
N VAL C 42 7.41 20.71 3.99
CA VAL C 42 6.28 20.72 4.91
C VAL C 42 5.74 19.30 4.99
N VAL C 43 5.64 18.76 6.20
CA VAL C 43 5.25 17.36 6.37
C VAL C 43 4.18 17.23 7.44
N GLN C 44 3.41 16.14 7.37
CA GLN C 44 2.45 15.86 8.42
C GLN C 44 3.18 15.19 9.58
N TYR C 45 2.98 15.71 10.79
CA TYR C 45 3.69 15.30 11.99
C TYR C 45 2.70 15.16 13.13
N SER C 46 3.12 14.47 14.18
CA SER C 46 2.26 14.32 15.35
C SER C 46 2.03 15.66 16.03
N ILE C 47 0.90 15.78 16.73
CA ILE C 47 0.55 17.05 17.36
C ILE C 47 1.61 17.45 18.38
N ASN C 48 2.10 18.68 18.25
CA ASN C 48 3.06 19.25 19.19
C ASN C 48 2.57 20.57 19.79
N ASN C 49 1.51 21.16 19.24
CA ASN C 49 0.97 22.44 19.71
C ASN C 49 2.01 23.56 19.68
N LYS C 50 2.79 23.62 18.61
CA LYS C 50 3.83 24.61 18.45
C LYS C 50 3.56 25.40 17.18
N PRO C 51 4.15 26.58 17.03
CA PRO C 51 3.85 27.41 15.85
C PRO C 51 4.14 26.73 14.52
N ASN C 52 5.07 25.77 14.47
CA ASN C 52 5.38 25.14 13.20
C ASN C 52 4.16 24.41 12.63
N GLN C 53 3.19 24.06 13.46
CA GLN C 53 1.94 23.47 13.00
C GLN C 53 0.79 24.48 12.88
N ASN C 54 1.03 25.76 13.15
CA ASN C 54 -0.02 26.78 13.11
C ASN C 54 0.03 27.54 11.80
N PHE C 55 -1.16 27.80 11.23
CA PHE C 55 -1.26 28.55 9.98
C PHE C 55 -2.35 29.60 10.08
N LEU C 56 -2.20 30.61 9.23
CA LEU C 56 -3.09 31.75 9.08
C LEU C 56 -3.52 31.81 7.62
N VAL C 57 -4.82 32.00 7.37
CA VAL C 57 -5.37 31.86 6.03
C VAL C 57 -5.78 33.24 5.53
N PHE C 58 -5.27 33.62 4.35
CA PHE C 58 -5.57 34.90 3.71
C PHE C 58 -6.41 34.61 2.47
N THR C 59 -7.69 34.94 2.49
CA THR C 59 -8.52 34.70 1.32
C THR C 59 -8.55 35.93 0.43
N LEU C 60 -8.24 35.73 -0.85
CA LEU C 60 -8.12 36.80 -1.82
C LEU C 60 -9.44 37.02 -2.56
N ASP C 61 -9.44 38.02 -3.44
CA ASP C 61 -10.65 38.37 -4.19
C ASP C 61 -11.11 37.21 -5.07
N ASP C 62 -10.19 36.49 -5.69
CA ASP C 62 -10.55 35.41 -6.61
C ASP C 62 -11.09 34.17 -5.91
N GLY C 63 -11.13 34.15 -4.57
CA GLY C 63 -11.61 33.01 -3.83
C GLY C 63 -10.52 32.07 -3.38
N TYR C 64 -9.34 32.20 -3.96
CA TYR C 64 -8.17 31.43 -3.59
C TYR C 64 -7.51 32.04 -2.37
N SER C 65 -6.89 31.20 -1.56
CA SER C 65 -6.34 31.62 -0.28
C SER C 65 -4.85 31.33 -0.20
N ILE C 66 -4.17 32.14 0.62
CA ILE C 66 -2.75 32.01 0.93
C ILE C 66 -2.66 31.47 2.35
N ILE C 67 -1.91 30.39 2.53
CA ILE C 67 -1.74 29.77 3.84
C ILE C 67 -0.35 30.14 4.34
N ALA C 68 -0.31 30.85 5.46
CA ALA C 68 0.94 31.38 6.01
C ALA C 68 1.25 30.68 7.33
N ALA C 69 2.51 30.29 7.51
CA ALA C 69 2.92 29.63 8.73
C ALA C 69 3.16 30.65 9.85
N GLU C 70 2.89 30.23 11.09
CA GLU C 70 3.20 31.07 12.24
C GLU C 70 4.68 31.00 12.61
N ASN C 71 5.34 29.88 12.32
CA ASN C 71 6.73 29.68 12.75
C ASN C 71 7.68 30.61 12.00
N SER C 72 7.33 30.99 10.78
CA SER C 72 8.12 31.88 9.95
C SER C 72 7.17 32.82 9.24
N GLY C 73 7.72 33.82 8.57
CA GLY C 73 6.81 34.63 7.79
C GLY C 73 6.41 34.00 6.48
N LYS C 74 7.01 32.85 6.14
CA LYS C 74 6.83 32.21 4.86
C LYS C 74 5.46 31.55 4.73
N VAL C 75 5.08 31.26 3.48
CA VAL C 75 3.79 30.66 3.14
C VAL C 75 4.01 29.32 2.42
N LEU C 76 2.94 28.54 2.36
CA LEU C 76 2.93 27.27 1.65
C LEU C 76 3.11 27.45 0.14
N ASP C 77 3.95 26.61 -0.48
CA ASP C 77 4.26 26.76 -1.90
C ASP C 77 4.47 25.39 -2.52
N ILE C 78 4.07 25.24 -3.78
CA ILE C 78 4.25 24.03 -4.56
C ILE C 78 5.42 24.22 -5.52
N SER C 79 6.47 23.42 -5.35
CA SER C 79 7.67 23.58 -6.14
C SER C 79 7.41 23.31 -7.61
N GLU C 80 7.95 24.17 -8.47
CA GLU C 80 7.98 23.94 -9.90
C GLU C 80 9.38 23.56 -10.37
N ASP C 81 10.27 23.24 -9.43
CA ASP C 81 11.62 22.82 -9.78
C ASP C 81 11.55 21.50 -10.55
N PHE C 82 12.40 21.37 -11.57
CA PHE C 82 12.44 20.15 -12.35
C PHE C 82 12.62 18.92 -11.48
N PHE C 83 13.51 19.02 -10.49
CA PHE C 83 13.86 17.84 -9.69
C PHE C 83 12.85 17.53 -8.59
N PHE C 84 12.19 18.54 -8.02
CA PHE C 84 11.27 18.35 -6.91
C PHE C 84 9.87 18.89 -7.22
N LYS C 85 9.43 18.74 -8.48
CA LYS C 85 8.14 19.28 -8.89
C LYS C 85 7.00 18.69 -8.06
N GLY C 86 6.12 19.56 -7.58
CA GLY C 86 4.93 19.15 -6.87
C GLY C 86 5.05 19.07 -5.36
N MET C 87 6.26 19.26 -4.83
CA MET C 87 6.47 19.17 -3.40
C MET C 87 5.92 20.41 -2.70
N LEU C 88 5.43 20.22 -1.47
CA LEU C 88 4.93 21.32 -0.66
C LEU C 88 6.04 21.79 0.27
N ILE C 89 6.36 23.08 0.20
CA ILE C 89 7.41 23.68 1.01
C ILE C 89 6.91 25.02 1.54
N GLN C 90 7.70 25.62 2.43
CA GLN C 90 7.46 26.98 2.87
C GLN C 90 8.45 27.90 2.16
N TYR C 91 7.94 28.96 1.56
CA TYR C 91 8.70 29.85 0.71
C TYR C 91 8.17 31.26 0.88
N HIS C 92 9.04 32.25 0.67
CA HIS C 92 8.61 33.63 0.84
C HIS C 92 7.46 33.91 -0.11
N PHE C 93 6.49 34.69 0.36
CA PHE C 93 5.30 34.95 -0.44
C PHE C 93 5.63 35.68 -1.73
N ALA C 94 5.10 35.18 -2.83
CA ALA C 94 5.14 35.84 -4.13
C ALA C 94 3.77 35.67 -4.75
N ASN C 95 3.32 36.66 -5.52
CA ASN C 95 2.00 36.58 -6.12
C ASN C 95 1.97 35.56 -7.25
N SER C 96 2.17 34.28 -6.92
CA SER C 96 2.24 33.21 -7.90
C SER C 96 1.16 32.18 -7.61
N ASP C 97 0.59 31.62 -8.68
CA ASP C 97 -0.58 30.74 -8.55
C ASP C 97 -0.26 29.45 -7.80
N ASN C 98 0.98 28.98 -7.83
CA ASN C 98 1.30 27.77 -7.08
C ASN C 98 1.21 28.00 -5.57
N GLN C 99 1.29 29.25 -5.12
CA GLN C 99 1.05 29.60 -3.73
C GLN C 99 -0.41 29.89 -3.39
N LYS C 100 -1.30 29.90 -4.38
CA LYS C 100 -2.72 30.16 -4.15
C LYS C 100 -3.52 28.86 -4.17
N PHE C 101 -4.28 28.61 -3.10
CA PHE C 101 -4.97 27.34 -2.91
C PHE C 101 -6.46 27.56 -2.65
N LEU C 102 -7.25 26.57 -3.10
CA LEU C 102 -8.70 26.56 -2.97
C LEU C 102 -9.11 25.57 -1.88
N ILE C 103 -9.66 26.08 -0.78
CA ILE C 103 -10.14 25.25 0.33
C ILE C 103 -11.63 25.04 0.14
N SER C 104 -12.06 23.79 0.04
CA SER C 104 -13.45 23.47 -0.24
C SER C 104 -14.05 22.62 0.88
N ASN C 105 -15.39 22.65 0.94
CA ASN C 105 -16.10 21.91 1.98
C ASN C 105 -15.86 20.41 1.86
N ASN C 106 -15.59 19.91 0.65
CA ASN C 106 -15.31 18.49 0.49
C ASN C 106 -14.05 18.06 1.22
N GLY C 107 -13.18 19.01 1.59
CA GLY C 107 -11.99 18.73 2.36
C GLY C 107 -10.71 18.87 1.56
N THR C 108 -10.81 19.21 0.28
CA THR C 108 -9.67 19.28 -0.61
C THR C 108 -9.05 20.66 -0.64
N ILE C 109 -7.72 20.69 -0.67
CA ILE C 109 -6.97 21.92 -0.94
C ILE C 109 -6.40 21.80 -2.35
N ALA C 110 -6.86 22.66 -3.25
CA ALA C 110 -6.54 22.54 -4.66
C ALA C 110 -5.56 23.63 -5.07
N VAL C 111 -4.51 23.25 -5.81
CA VAL C 111 -3.55 24.22 -6.30
C VAL C 111 -4.14 24.96 -7.50
N LYS C 112 -4.03 26.29 -7.49
CA LYS C 112 -4.60 27.08 -8.57
C LYS C 112 -3.90 26.81 -9.89
N ARG C 113 -2.57 26.75 -9.86
CA ARG C 113 -1.79 26.65 -11.10
C ARG C 113 -2.12 25.40 -11.88
N SER C 114 -2.26 24.26 -11.20
CA SER C 114 -2.38 22.97 -11.86
C SER C 114 -3.69 22.25 -11.64
N GLY C 115 -4.50 22.65 -10.67
CA GLY C 115 -5.74 21.97 -10.41
C GLY C 115 -5.57 20.76 -9.52
N LYS C 116 -4.33 20.33 -9.30
CA LYS C 116 -4.02 19.20 -8.43
C LYS C 116 -4.29 19.59 -6.98
N VAL C 117 -4.47 18.57 -6.14
CA VAL C 117 -4.81 18.77 -4.74
C VAL C 117 -3.71 18.22 -3.84
N PHE C 118 -3.75 18.67 -2.58
CA PHE C 118 -2.81 18.18 -1.57
C PHE C 118 -3.01 16.68 -1.36
N ASP C 119 -1.92 15.94 -1.26
CA ASP C 119 -2.01 14.49 -1.16
C ASP C 119 -0.91 13.99 -0.24
N ILE C 120 -1.25 13.01 0.59
CA ILE C 120 -0.27 12.32 1.43
C ILE C 120 0.21 11.10 0.65
N PRO C 121 1.46 11.07 0.20
CA PRO C 121 1.90 9.97 -0.66
C PRO C 121 1.74 8.61 0.00
N GLY C 122 1.19 7.66 -0.76
CA GLY C 122 0.96 6.33 -0.25
C GLY C 122 0.11 6.27 1.00
N ALA C 123 -0.67 7.32 1.26
CA ALA C 123 -1.46 7.40 2.48
C ALA C 123 -0.59 7.11 3.69
N SER C 124 0.62 7.68 3.68
CA SER C 124 1.52 7.48 4.78
C SER C 124 0.94 8.05 6.07
N THR C 125 1.11 7.29 7.15
CA THR C 125 0.73 7.70 8.48
C THR C 125 1.96 8.13 9.27
N SER C 126 3.09 8.26 8.60
CA SER C 126 4.39 8.48 9.23
C SER C 126 4.50 9.92 9.71
N ASN C 127 5.49 10.14 10.57
CA ASN C 127 5.68 11.46 11.17
C ASN C 127 6.27 12.49 10.21
N ASP C 128 7.02 12.09 9.20
CA ASP C 128 7.59 13.04 8.26
C ASP C 128 7.06 12.84 6.85
N ALA C 129 5.84 12.34 6.72
CA ALA C 129 5.24 12.15 5.42
C ALA C 129 5.09 13.49 4.69
N PRO C 130 5.64 13.62 3.49
CA PRO C 130 5.55 14.90 2.77
C PRO C 130 4.18 15.06 2.13
N VAL C 131 3.97 16.24 1.55
CA VAL C 131 2.74 16.54 0.80
C VAL C 131 3.12 16.83 -0.63
N ILE C 132 2.45 16.13 -1.56
CA ILE C 132 2.69 16.26 -2.99
C ILE C 132 1.37 16.55 -3.69
N ALA C 133 1.39 17.51 -4.60
CA ALA C 133 0.20 17.79 -5.39
C ALA C 133 -0.06 16.61 -6.32
N TYR C 134 -1.29 16.10 -6.30
CA TYR C 134 -1.66 14.89 -7.01
C TYR C 134 -3.06 15.06 -7.56
N ASN C 135 -3.36 14.37 -8.66
CA ASN C 135 -4.66 14.53 -9.28
C ASN C 135 -5.77 14.12 -8.32
N PHE C 136 -6.86 14.86 -8.35
CA PHE C 136 -7.98 14.57 -7.45
C PHE C 136 -8.57 13.20 -7.78
N ASN C 137 -8.68 12.35 -6.76
CA ASN C 137 -9.31 11.05 -6.88
C ASN C 137 -10.29 10.79 -5.75
N ASN C 138 -10.56 11.79 -4.91
CA ASN C 138 -11.51 11.69 -3.81
C ASN C 138 -11.07 10.66 -2.78
N ALA C 139 -9.77 10.43 -2.66
CA ALA C 139 -9.28 9.52 -1.63
C ALA C 139 -9.24 10.24 -0.29
N ALA C 140 -9.29 9.45 0.78
CA ALA C 140 -9.33 10.04 2.12
C ALA C 140 -8.08 10.87 2.39
N ASN C 141 -6.92 10.42 1.88
CA ASN C 141 -5.67 11.13 2.14
C ASN C 141 -5.60 12.50 1.47
N GLN C 142 -6.51 12.80 0.55
CA GLN C 142 -6.53 14.13 -0.06
C GLN C 142 -7.40 15.13 0.70
N LYS C 143 -8.06 14.70 1.78
CA LYS C 143 -8.98 15.54 2.52
C LYS C 143 -8.33 16.04 3.81
N PHE C 144 -8.55 17.32 4.12
CA PHE C 144 -7.93 17.98 5.26
C PHE C 144 -8.97 18.78 6.03
N THR C 145 -8.75 18.92 7.34
CA THR C 145 -9.67 19.66 8.20
C THR C 145 -8.90 20.76 8.94
N PHE C 146 -9.49 21.94 9.00
CA PHE C 146 -8.90 23.08 9.69
C PHE C 146 -9.47 23.21 11.10
N GLU C 147 -8.59 23.30 12.09
CA GLU C 147 -8.97 23.43 13.49
C GLU C 147 -8.52 24.78 14.02
N ARG C 148 -9.38 25.45 14.77
CA ARG C 148 -9.05 26.73 15.39
C ARG C 148 -8.06 26.51 16.53
N VAL C 149 -6.92 27.19 16.48
CA VAL C 149 -5.89 27.09 17.52
C VAL C 149 -5.91 28.30 18.45
N LYS C 150 -5.89 29.50 17.88
CA LYS C 150 -5.89 30.72 18.69
C LYS C 150 -6.61 31.83 17.93
N THR C 151 -7.12 32.80 18.69
CA THR C 151 -7.88 33.91 18.12
C THR C 151 -7.31 35.23 18.59
N PHE C 152 -7.32 36.21 17.69
CA PHE C 152 -6.84 37.56 17.99
C PHE C 152 -7.81 38.58 17.37
N GLN C 153 -7.72 39.81 17.85
CA GLN C 153 -8.60 40.89 17.41
C GLN C 153 -7.79 42.01 16.77
N VAL C 154 -8.38 42.66 15.78
CA VAL C 154 -7.75 43.78 15.07
C VAL C 154 -8.43 45.07 15.53
N PRO C 155 -7.73 45.97 16.21
CA PRO C 155 -8.36 47.23 16.62
C PRO C 155 -8.80 48.04 15.40
N SER C 156 -9.97 48.65 15.52
CA SER C 156 -10.51 49.47 14.44
C SER C 156 -10.44 50.93 14.81
N PRO C 157 -9.96 51.80 13.93
CA PRO C 157 -9.92 53.22 14.26
C PRO C 157 -11.32 53.81 14.32
N SER C 158 -11.47 54.85 15.15
CA SER C 158 -12.74 55.54 15.30
C SER C 158 -13.09 56.26 14.00
N ILE C 159 -14.34 56.14 13.60
CA ILE C 159 -14.85 56.70 12.37
C ILE C 159 -15.86 57.83 12.53
N GLY C 160 -15.60 58.86 11.74
CA GLY C 160 -16.42 60.05 11.71
C GLY C 160 -16.65 60.46 10.27
N THR C 161 -17.74 61.17 10.08
CA THR C 161 -18.12 61.70 8.79
C THR C 161 -17.37 63.00 8.48
N LEU C 162 -17.29 63.32 7.19
CA LEU C 162 -16.66 64.57 6.77
C LEU C 162 -17.54 65.75 7.18
N PRO C 163 -17.00 66.70 7.94
CA PRO C 163 -17.80 67.89 8.29
C PRO C 163 -17.92 68.83 7.11
N PRO C 164 -18.88 69.76 7.14
CA PRO C 164 -19.00 70.73 6.06
C PRO C 164 -17.86 71.73 6.12
N ALA C 165 -17.54 72.29 4.96
CA ALA C 165 -16.47 73.28 4.87
C ALA C 165 -16.80 74.48 5.75
N PRO C 166 -15.80 75.09 6.39
CA PRO C 166 -16.07 76.25 7.25
C PRO C 166 -16.68 77.40 6.47
N ASP C 167 -17.54 78.17 7.16
CA ASP C 167 -18.23 79.29 6.55
C ASP C 167 -18.13 80.55 7.40
N PHE C 168 -18.30 81.69 6.75
CA PHE C 168 -18.30 83.00 7.41
C PHE C 168 -19.53 83.16 8.29
N LYS C 169 -19.36 83.89 9.40
CA LYS C 169 -20.47 84.14 10.33
C LYS C 169 -20.64 85.65 10.56
N ASN C 170 -21.03 86.36 9.48
CA ASN C 170 -21.35 87.79 9.44
C ASN C 170 -20.18 88.71 9.74
N ASP C 171 -18.94 88.20 9.78
CA ASP C 171 -17.75 89.02 10.06
C ASP C 171 -16.82 88.94 8.85
N ILE C 172 -16.82 89.99 8.03
CA ILE C 172 -16.00 89.98 6.82
C ILE C 172 -14.52 89.89 7.15
N ASN C 173 -14.10 90.32 8.34
CA ASN C 173 -12.70 90.29 8.72
C ASN C 173 -12.32 89.03 9.49
N GLU C 174 -13.23 88.06 9.59
CA GLU C 174 -12.92 86.83 10.30
C GLU C 174 -11.93 85.99 9.50
N GLN C 175 -10.96 85.41 10.21
CA GLN C 175 -10.00 84.50 9.61
C GLN C 175 -10.51 83.08 9.79
N LEU C 176 -10.82 82.41 8.69
CA LEU C 176 -11.35 81.06 8.74
C LEU C 176 -10.23 80.04 8.95
N PRO C 177 -10.56 78.86 9.47
CA PRO C 177 -9.51 77.88 9.78
C PRO C 177 -8.71 77.51 8.55
N ASP C 178 -7.40 77.34 8.74
CA ASP C 178 -6.54 76.91 7.64
C ASP C 178 -6.90 75.50 7.20
N LYS C 179 -7.27 74.64 8.14
CA LYS C 179 -7.75 73.31 7.83
C LYS C 179 -8.70 72.85 8.93
N THR C 180 -9.67 72.03 8.56
CA THR C 180 -10.59 71.44 9.53
C THR C 180 -9.91 70.30 10.28
N ASN C 181 -10.49 69.96 11.42
CA ASN C 181 -9.95 68.85 12.20
C ASN C 181 -9.97 67.59 11.35
N PRO C 182 -8.83 66.93 11.15
CA PRO C 182 -8.83 65.70 10.34
C PRO C 182 -9.69 64.63 10.99
N VAL C 183 -10.41 63.88 10.16
CA VAL C 183 -11.29 62.82 10.64
C VAL C 183 -11.00 61.56 9.81
N ILE C 184 -10.97 60.42 10.50
CA ILE C 184 -10.73 59.13 9.86
C ILE C 184 -12.06 58.62 9.30
N THR C 185 -12.23 58.73 7.98
CA THR C 185 -13.47 58.28 7.35
C THR C 185 -13.43 56.80 7.01
N HIS C 186 -12.29 56.27 6.56
CA HIS C 186 -12.27 54.87 6.12
C HIS C 186 -11.00 54.17 6.55
N PHE C 187 -11.05 52.83 6.57
CA PHE C 187 -9.84 52.04 6.72
C PHE C 187 -10.04 50.66 6.08
N SER C 188 -8.93 50.06 5.65
CA SER C 188 -8.91 48.77 4.98
C SER C 188 -7.94 47.83 5.69
N THR C 189 -8.42 46.64 6.03
CA THR C 189 -7.61 45.64 6.72
C THR C 189 -7.00 44.68 5.70
N ILE C 190 -5.67 44.61 5.66
CA ILE C 190 -4.96 43.82 4.67
C ILE C 190 -3.95 42.92 5.39
N PRO C 191 -3.60 41.78 4.79
CA PRO C 191 -2.64 40.88 5.43
C PRO C 191 -1.21 41.41 5.32
N TYR C 192 -0.37 40.96 6.25
CA TYR C 192 1.01 41.44 6.28
C TYR C 192 1.75 41.17 4.98
N ILE C 193 1.34 40.14 4.23
CA ILE C 193 2.02 39.81 2.98
C ILE C 193 1.92 40.95 1.97
N MET C 194 0.88 41.78 2.07
CA MET C 194 0.70 42.86 1.12
C MET C 194 1.60 44.06 1.43
N ALA C 195 1.86 44.33 2.72
CA ALA C 195 2.58 45.52 3.15
C ALA C 195 4.04 45.21 3.47
N ASN C 196 4.93 46.10 3.02
CA ASN C 196 6.36 45.99 3.30
C ASN C 196 6.71 46.88 4.49
N ASP C 197 7.11 46.26 5.59
CA ASP C 197 7.45 46.96 6.83
C ASP C 197 8.97 46.97 6.98
N ALA C 198 9.54 48.18 6.99
CA ALA C 198 11.00 48.30 7.05
C ALA C 198 11.56 47.78 8.37
N THR C 199 10.80 47.94 9.46
CA THR C 199 11.30 47.66 10.80
C THR C 199 10.87 46.31 11.34
N PHE C 200 10.03 45.57 10.62
CA PHE C 200 9.62 44.22 10.99
C PHE C 200 9.82 43.28 9.81
N ASN C 201 10.51 42.17 10.05
CA ASN C 201 10.64 41.17 9.00
C ASN C 201 9.41 40.27 8.97
N SER C 202 9.32 39.45 7.93
CA SER C 202 8.11 38.66 7.70
C SER C 202 7.77 37.80 8.92
N HIS C 203 8.79 37.20 9.54
CA HIS C 203 8.55 36.37 10.71
C HIS C 203 7.96 37.22 11.84
N GLN C 204 8.55 38.39 12.07
CA GLN C 204 8.03 39.31 13.08
C GLN C 204 6.61 39.71 12.76
N GLN C 205 6.31 39.92 11.48
CA GLN C 205 4.99 40.39 11.07
C GLN C 205 3.92 39.37 11.47
N ILE C 206 4.10 38.12 11.07
CA ILE C 206 3.10 37.11 11.40
C ILE C 206 2.98 36.94 12.91
N GLN C 207 4.07 37.20 13.63
CA GLN C 207 4.01 37.10 15.09
C GLN C 207 3.20 38.25 15.69
N TYR C 208 3.45 39.48 15.23
CA TYR C 208 2.97 40.66 15.94
C TYR C 208 1.92 41.48 15.17
N SER C 209 1.96 41.51 13.84
CA SER C 209 0.99 42.28 13.06
C SER C 209 0.57 41.49 11.83
N PRO C 210 -0.13 40.37 12.02
CA PRO C 210 -0.59 39.59 10.87
C PRO C 210 -1.37 40.40 9.85
N TYR C 211 -2.16 41.36 10.32
CA TYR C 211 -2.91 42.25 9.46
C TYR C 211 -2.42 43.68 9.69
N TYR C 212 -2.21 44.41 8.60
CA TYR C 212 -1.94 45.83 8.59
C TYR C 212 -3.22 46.60 8.22
N LYS C 213 -3.25 47.88 8.58
CA LYS C 213 -4.41 48.72 8.30
C LYS C 213 -4.00 49.91 7.42
N LEU C 214 -4.78 50.13 6.36
CA LEU C 214 -4.62 51.26 5.45
C LEU C 214 -5.75 52.26 5.70
N VAL C 215 -5.41 53.45 6.18
CA VAL C 215 -6.38 54.38 6.76
C VAL C 215 -6.48 55.64 5.92
N ARG C 216 -7.72 56.10 5.72
CA ARG C 216 -8.07 57.30 4.97
C ARG C 216 -8.63 58.34 5.92
N ILE C 217 -8.03 59.54 5.88
CA ILE C 217 -8.43 60.73 6.61
C ILE C 217 -8.86 61.78 5.59
N GLN C 218 -9.97 62.46 5.85
CA GLN C 218 -10.43 63.53 4.98
C GLN C 218 -10.59 64.82 5.77
N TYR C 219 -10.19 65.95 5.16
CA TYR C 219 -10.46 67.24 5.79
C TYR C 219 -10.39 68.36 4.76
N TRP C 220 -10.98 69.50 5.10
CA TRP C 220 -10.95 70.68 4.25
C TRP C 220 -9.73 71.55 4.59
N GLU C 221 -8.99 71.95 3.56
CA GLU C 221 -7.79 72.78 3.70
C GLU C 221 -8.00 74.08 2.94
N LYS C 222 -7.69 75.22 3.57
CA LYS C 222 -8.00 76.52 3.00
C LYS C 222 -6.94 76.89 1.96
N VAL C 223 -7.37 77.00 0.69
CA VAL C 223 -6.42 77.39 -0.35
C VAL C 223 -6.08 78.88 -0.24
N THR C 224 -7.08 79.73 -0.07
CA THR C 224 -6.83 81.16 0.05
C THR C 224 -8.03 81.86 0.68
N GLN C 225 -7.74 82.99 1.32
CA GLN C 225 -8.72 83.92 1.85
C GLN C 225 -8.26 85.34 1.58
N ARG C 226 -9.13 86.18 1.02
CA ARG C 226 -8.74 87.56 0.75
C ARG C 226 -9.93 88.50 0.78
N ILE C 227 -9.68 89.73 1.21
CA ILE C 227 -10.66 90.81 1.24
C ILE C 227 -10.18 91.87 0.24
N LEU C 228 -11.05 92.27 -0.68
CA LEU C 228 -10.63 93.21 -1.71
C LEU C 228 -11.75 94.17 -2.08
N GLY C 229 -11.35 95.24 -2.78
CA GLY C 229 -12.23 96.31 -3.20
C GLY C 229 -13.07 95.92 -4.39
N PRO C 230 -13.86 96.88 -4.88
CA PRO C 230 -14.75 96.60 -6.03
C PRO C 230 -14.06 96.03 -7.25
N ARG C 231 -12.87 96.52 -7.62
CA ARG C 231 -12.19 96.05 -8.84
C ARG C 231 -10.69 95.83 -8.62
N ASP C 232 -10.34 94.89 -7.75
CA ASP C 232 -8.96 94.59 -7.41
C ASP C 232 -8.56 93.22 -7.94
N ASP C 233 -7.31 93.09 -8.36
CA ASP C 233 -6.79 91.85 -8.94
C ASP C 233 -5.66 91.30 -8.08
N TYR C 234 -5.65 89.98 -7.91
CA TYR C 234 -4.52 89.29 -7.29
C TYR C 234 -4.43 87.86 -7.78
N GLU C 235 -3.21 87.33 -7.74
CA GLU C 235 -2.88 85.97 -8.13
C GLU C 235 -2.40 85.18 -6.91
N TYR C 236 -2.97 83.99 -6.71
CA TYR C 236 -2.69 83.14 -5.56
C TYR C 236 -2.35 81.72 -6.01
N ASN C 237 -1.48 81.07 -5.26
CA ASN C 237 -1.10 79.69 -5.54
C ASN C 237 -2.18 78.70 -5.08
N LYS C 238 -2.40 77.67 -5.91
CA LYS C 238 -3.33 76.57 -5.64
C LYS C 238 -2.61 75.28 -6.03
N THR C 239 -2.77 74.22 -5.24
CA THR C 239 -2.00 73.00 -5.50
C THR C 239 -2.92 71.79 -5.57
N LYS C 240 -2.68 70.91 -6.55
CA LYS C 240 -3.51 69.72 -6.69
C LYS C 240 -2.64 68.49 -6.94
N GLY C 241 -3.18 67.33 -6.59
CA GLY C 241 -2.55 66.05 -6.85
C GLY C 241 -1.85 65.46 -5.64
N ILE C 242 -0.97 64.50 -5.93
CA ILE C 242 -0.21 63.76 -4.93
C ILE C 242 1.27 63.87 -5.28
N SER C 243 2.09 64.03 -4.26
CA SER C 243 3.52 64.28 -4.47
C SER C 243 4.22 63.04 -4.99
N LYS C 244 5.37 63.25 -5.64
CA LYS C 244 6.16 62.12 -6.18
C LYS C 244 6.63 61.26 -5.01
N THR C 245 7.07 61.88 -3.92
CA THR C 245 7.56 61.11 -2.80
C THR C 245 6.47 60.21 -2.24
N ASP C 246 5.25 60.74 -2.13
CA ASP C 246 4.13 59.94 -1.67
C ASP C 246 3.83 58.81 -2.64
N GLN C 247 3.93 59.06 -3.94
CA GLN C 247 3.70 58.01 -4.92
C GLN C 247 4.71 56.88 -4.75
N VAL C 248 5.98 57.23 -4.62
CA VAL C 248 7.02 56.21 -4.44
C VAL C 248 6.83 55.49 -3.12
N SER C 249 6.56 56.23 -2.03
CA SER C 249 6.38 55.57 -0.74
C SER C 249 5.18 54.65 -0.75
N MET C 250 4.07 55.08 -1.35
CA MET C 250 2.89 54.24 -1.44
C MET C 250 3.19 52.96 -2.20
N THR C 251 3.89 53.09 -3.35
CA THR C 251 4.23 51.88 -4.11
C THR C 251 5.23 51.01 -3.33
N GLU C 252 6.21 51.64 -2.69
CA GLU C 252 7.22 50.89 -1.96
C GLU C 252 6.57 50.03 -0.90
N THR C 253 5.62 50.61 -0.18
CA THR C 253 5.02 50.03 1.01
C THR C 253 3.91 49.04 0.70
N VAL C 254 2.98 49.40 -0.18
CA VAL C 254 1.83 48.52 -0.43
C VAL C 254 1.65 48.30 -1.93
N SER C 255 2.67 48.66 -2.72
CA SER C 255 2.62 48.44 -4.16
C SER C 255 1.36 49.07 -4.76
N MET C 256 1.08 50.31 -4.34
CA MET C 256 -0.03 51.09 -4.85
C MET C 256 0.46 52.47 -5.28
N SER C 257 -0.29 53.09 -6.18
CA SER C 257 -0.03 54.47 -6.57
C SER C 257 -1.37 55.10 -6.96
N VAL C 258 -1.39 56.41 -7.12
CA VAL C 258 -2.61 57.12 -7.52
C VAL C 258 -2.48 57.54 -8.98
N GLY C 259 -3.46 57.12 -9.79
CA GLY C 259 -3.47 57.48 -11.19
C GLY C 259 -4.03 58.87 -11.43
N ALA C 260 -3.79 59.38 -12.65
CA ALA C 260 -4.21 60.73 -12.99
C ALA C 260 -5.71 60.93 -12.91
N ASP C 261 -6.50 59.87 -12.97
CA ASP C 261 -7.95 60.00 -12.91
C ASP C 261 -8.47 59.94 -11.49
N PHE C 262 -7.59 60.13 -10.50
CA PHE C 262 -7.95 60.14 -9.08
C PHE C 262 -8.32 58.75 -8.60
N GLY C 263 -8.05 57.73 -9.41
CA GLY C 263 -8.20 56.35 -9.00
C GLY C 263 -6.88 55.76 -8.58
N PHE C 264 -6.94 54.67 -7.81
CA PHE C 264 -5.74 53.99 -7.37
C PHE C 264 -5.30 52.92 -8.37
N MET C 265 -3.99 52.85 -8.58
CA MET C 265 -3.36 51.84 -9.43
C MET C 265 -2.78 50.77 -8.52
N PHE C 266 -3.17 49.53 -8.75
CA PHE C 266 -2.76 48.40 -7.93
C PHE C 266 -1.68 47.61 -8.67
N LYS C 267 -0.55 47.44 -8.01
CA LYS C 267 0.62 46.80 -8.61
C LYS C 267 0.97 45.57 -7.80
N GLY C 268 1.49 44.56 -8.50
CA GLY C 268 2.00 43.39 -7.83
C GLY C 268 1.00 42.78 -6.87
N PHE C 269 1.45 42.54 -5.65
CA PHE C 269 0.65 41.79 -4.69
C PHE C 269 -0.69 42.47 -4.45
N SER C 270 -0.70 43.80 -4.42
CA SER C 270 -1.90 44.55 -4.02
C SER C 270 -3.09 44.18 -4.89
N ALA C 271 -2.85 43.87 -6.16
CA ALA C 271 -3.97 43.64 -7.07
C ALA C 271 -4.89 42.55 -6.54
N SER C 272 -4.34 41.57 -5.83
CA SER C 272 -5.14 40.43 -5.40
C SER C 272 -6.33 40.86 -4.55
N LEU C 273 -6.19 41.93 -3.77
CA LEU C 273 -7.25 42.42 -2.91
C LEU C 273 -7.88 43.71 -3.41
N SER C 274 -7.66 44.06 -4.68
CA SER C 274 -8.12 45.34 -5.19
C SER C 274 -9.58 45.59 -4.83
N ALA C 275 -10.43 44.58 -5.05
CA ALA C 275 -11.85 44.75 -4.77
C ALA C 275 -12.09 45.08 -3.31
N GLN C 276 -11.43 44.36 -2.40
CA GLN C 276 -11.63 44.64 -0.98
C GLN C 276 -11.16 46.04 -0.65
N ILE C 277 -9.95 46.39 -1.09
CA ILE C 277 -9.37 47.68 -0.70
C ILE C 277 -10.25 48.82 -1.19
N THR C 278 -10.61 48.78 -2.48
CA THR C 278 -11.45 49.83 -3.04
C THR C 278 -12.77 49.92 -2.29
N LYS C 279 -13.34 48.77 -1.91
CA LYS C 279 -14.61 48.80 -1.17
C LYS C 279 -14.42 49.40 0.22
N GLU C 280 -13.37 48.98 0.93
CA GLU C 280 -13.20 49.40 2.32
C GLU C 280 -12.83 50.89 2.42
N LEU C 281 -12.09 51.40 1.45
CA LEU C 281 -11.69 52.81 1.44
C LEU C 281 -12.66 53.69 0.65
N SER C 282 -13.64 53.09 -0.03
CA SER C 282 -14.57 53.83 -0.89
C SER C 282 -13.81 54.65 -1.94
N VAL C 283 -12.88 53.99 -2.63
CA VAL C 283 -12.09 54.63 -3.68
C VAL C 283 -12.26 53.84 -4.98
N THR C 284 -12.02 54.54 -6.09
CA THR C 284 -12.20 53.98 -7.42
C THR C 284 -10.87 53.46 -7.97
N LYS C 285 -10.93 52.30 -8.63
CA LYS C 285 -9.75 51.76 -9.32
C LYS C 285 -9.43 52.59 -10.56
N SER C 286 -8.16 52.91 -10.75
CA SER C 286 -7.75 53.78 -11.84
C SER C 286 -7.92 53.12 -13.20
N THR C 287 -8.30 53.92 -14.18
CA THR C 287 -8.33 53.50 -15.58
C THR C 287 -7.28 54.21 -16.41
N SER C 288 -6.42 55.00 -15.77
CA SER C 288 -5.42 55.82 -16.46
C SER C 288 -4.07 55.11 -16.45
N THR C 289 -3.37 55.19 -17.59
CA THR C 289 -2.03 54.64 -17.68
C THR C 289 -1.02 55.45 -16.86
N THR C 290 -1.17 56.76 -16.82
CA THR C 290 -0.18 57.62 -16.19
C THR C 290 -0.53 57.89 -14.73
N GLU C 291 0.51 58.06 -13.92
CA GLU C 291 0.36 58.31 -12.49
C GLU C 291 0.26 59.81 -12.24
N MET C 292 -0.52 60.18 -11.22
CA MET C 292 -0.71 61.58 -10.90
C MET C 292 0.52 62.18 -10.23
N THR C 293 0.70 63.48 -10.46
CA THR C 293 1.79 64.24 -9.84
C THR C 293 1.21 65.49 -9.20
N GLU C 294 1.84 65.96 -8.14
CA GLU C 294 1.42 67.19 -7.49
C GLU C 294 1.99 68.40 -8.23
N GLU C 295 1.14 69.36 -8.59
CA GLU C 295 1.68 70.57 -9.18
C GLU C 295 1.00 71.76 -8.51
N THR C 296 1.70 72.88 -8.53
CA THR C 296 1.22 74.14 -7.99
C THR C 296 1.08 75.16 -9.13
N TYR C 297 -0.10 75.76 -9.22
CA TYR C 297 -0.42 76.68 -10.30
C TYR C 297 -1.10 77.92 -9.72
N LYS C 298 -0.95 79.03 -10.41
CA LYS C 298 -1.47 80.31 -9.96
C LYS C 298 -2.84 80.60 -10.58
N GLU C 299 -3.76 81.11 -9.76
CA GLU C 299 -5.09 81.51 -10.18
C GLU C 299 -5.36 82.95 -9.78
N LYS C 300 -6.01 83.68 -10.68
CA LYS C 300 -6.18 85.12 -10.59
C LYS C 300 -7.65 85.42 -10.30
N TYR C 301 -7.94 86.27 -9.30
CA TYR C 301 -9.36 86.57 -9.04
C TYR C 301 -9.65 88.07 -9.02
N THR C 302 -10.77 88.44 -9.62
CA THR C 302 -11.31 89.79 -9.63
C THR C 302 -12.73 89.81 -9.06
N ASN C 303 -13.00 90.77 -8.18
CA ASN C 303 -14.31 90.89 -7.52
C ASN C 303 -15.39 91.35 -8.50
N PRO C 304 -16.49 90.59 -8.66
CA PRO C 304 -17.54 90.99 -9.62
C PRO C 304 -18.59 91.95 -9.05
N PHE C 305 -18.63 92.11 -7.73
CA PHE C 305 -19.64 92.95 -7.09
C PHE C 305 -19.02 94.28 -6.64
N ASN C 306 -19.83 95.34 -6.69
CA ASN C 306 -19.33 96.65 -6.27
C ASN C 306 -19.16 96.73 -4.77
N TYR C 307 -19.91 95.94 -4.01
CA TYR C 307 -19.77 96.01 -2.56
C TYR C 307 -18.55 95.19 -2.15
N GLU C 308 -17.92 95.58 -1.04
CA GLU C 308 -16.79 94.84 -0.52
C GLU C 308 -17.23 93.50 0.06
N LEU C 309 -16.51 92.44 -0.31
CA LEU C 309 -16.79 91.08 0.12
C LEU C 309 -15.47 90.34 0.35
N ALA C 310 -15.55 89.27 1.14
CA ALA C 310 -14.42 88.40 1.42
C ALA C 310 -14.64 87.03 0.80
N ARG C 311 -13.59 86.49 0.15
CA ARG C 311 -13.67 85.21 -0.54
C ARG C 311 -12.66 84.24 0.09
N ALA C 312 -13.14 83.05 0.47
CA ALA C 312 -12.30 81.99 1.01
C ALA C 312 -12.65 80.68 0.33
N GLN C 313 -11.63 79.94 -0.12
CA GLN C 313 -11.86 78.66 -0.80
C GLN C 313 -11.15 77.53 -0.07
N TYR C 314 -11.86 76.41 0.09
CA TYR C 314 -11.39 75.20 0.73
C TYR C 314 -11.30 74.10 -0.31
N MET C 315 -10.27 73.27 -0.20
CA MET C 315 -10.08 72.10 -1.04
C MET C 315 -10.09 70.85 -0.17
N LEU C 316 -10.79 69.81 -0.65
CA LEU C 316 -10.83 68.54 0.06
C LEU C 316 -9.48 67.84 -0.07
N VAL C 317 -8.95 67.36 1.06
CA VAL C 317 -7.65 66.71 1.10
C VAL C 317 -7.80 65.33 1.72
N ASN C 318 -7.18 64.33 1.10
CA ASN C 318 -7.15 62.96 1.56
C ASN C 318 -5.75 62.64 2.04
N GLU C 319 -5.64 61.97 3.17
CA GLU C 319 -4.38 61.45 3.69
C GLU C 319 -4.50 59.95 3.89
N PHE C 320 -3.58 59.18 3.33
CA PHE C 320 -3.61 57.73 3.45
C PHE C 320 -2.35 57.26 4.15
N TYR C 321 -2.50 56.36 5.11
CA TYR C 321 -1.34 55.88 5.85
C TYR C 321 -1.55 54.44 6.27
N VAL C 322 -0.43 53.76 6.53
CA VAL C 322 -0.43 52.34 6.89
C VAL C 322 0.08 52.20 8.31
N THR C 323 -0.62 51.40 9.11
CA THR C 323 -0.22 51.12 10.47
C THR C 323 -0.17 49.61 10.70
N ARG C 324 0.52 49.22 11.76
CA ARG C 324 0.50 47.84 12.23
C ARG C 324 -0.80 47.59 13.01
N MET C 325 -1.04 46.32 13.34
CA MET C 325 -2.31 45.96 13.98
C MET C 325 -2.55 46.78 15.24
N ASP C 326 -1.51 46.96 16.07
CA ASP C 326 -1.68 47.70 17.31
C ASP C 326 -1.95 49.18 17.07
N GLY C 327 -1.63 49.69 15.88
CA GLY C 327 -1.84 51.08 15.53
C GLY C 327 -0.57 51.82 15.26
N THR C 328 0.58 51.18 15.45
CA THR C 328 1.86 51.81 15.19
C THR C 328 1.95 52.24 13.74
N ARG C 329 2.31 53.50 13.54
CA ARG C 329 2.41 54.07 12.20
C ARG C 329 3.79 53.78 11.63
N ILE C 330 3.83 53.15 10.46
CA ILE C 330 5.07 52.78 9.79
C ILE C 330 5.39 53.68 8.61
N THR C 331 4.49 54.59 8.25
CA THR C 331 4.76 55.50 7.13
C THR C 331 4.06 56.84 7.37
N ALA C 332 4.60 57.87 6.74
CA ALA C 332 4.02 59.19 6.82
C ALA C 332 2.72 59.24 6.03
N ASN C 333 1.87 60.21 6.38
CA ASN C 333 0.60 60.36 5.66
C ASN C 333 0.87 60.72 4.21
N TRP C 334 0.19 60.03 3.30
CA TRP C 334 0.32 60.24 1.87
C TRP C 334 -0.83 61.17 1.46
N THR C 335 -0.47 62.36 0.99
CA THR C 335 -1.45 63.44 0.82
C THR C 335 -1.88 63.54 -0.64
N LEU C 336 -3.19 63.50 -0.86
CA LEU C 336 -3.80 63.64 -2.17
C LEU C 336 -4.75 64.83 -2.15
N ARG C 337 -4.54 65.80 -3.04
CA ARG C 337 -5.34 67.00 -3.11
C ARG C 337 -6.35 66.87 -4.24
N ASP C 338 -7.64 66.86 -3.89
CA ASP C 338 -8.71 66.65 -4.85
C ASP C 338 -9.15 68.03 -5.35
N ASN C 339 -8.74 68.37 -6.57
CA ASN C 339 -9.09 69.67 -7.14
C ASN C 339 -10.58 69.79 -7.40
N THR C 340 -11.22 68.70 -7.83
CA THR C 340 -12.62 68.78 -8.23
C THR C 340 -13.53 69.07 -7.04
N GLN C 341 -13.18 68.56 -5.87
CA GLN C 341 -13.96 68.76 -4.65
C GLN C 341 -13.45 70.02 -3.96
N THR C 342 -14.11 71.15 -4.21
CA THR C 342 -13.73 72.44 -3.65
C THR C 342 -14.98 73.23 -3.33
N VAL C 343 -14.89 74.09 -2.30
CA VAL C 343 -16.01 74.92 -1.86
C VAL C 343 -15.53 76.36 -1.74
N THR C 344 -16.33 77.30 -2.24
CA THR C 344 -16.02 78.71 -2.16
C THR C 344 -17.03 79.40 -1.24
N ARG C 345 -16.53 80.25 -0.35
CA ARG C 345 -17.35 80.93 0.65
C ARG C 345 -17.21 82.43 0.50
N ILE C 346 -18.32 83.13 0.73
CA ILE C 346 -18.36 84.58 0.69
C ILE C 346 -19.10 85.15 1.90
N ASN D 8 3.46 -16.58 -22.59
CA ASN D 8 2.13 -16.62 -22.01
C ASN D 8 1.52 -18.01 -22.06
N GLY D 9 2.27 -18.98 -22.58
CA GLY D 9 1.76 -20.33 -22.71
C GLY D 9 1.91 -21.13 -21.42
N ILE D 10 1.45 -22.39 -21.50
CA ILE D 10 1.46 -23.26 -20.33
C ILE D 10 2.90 -23.61 -19.98
N LYS D 11 3.23 -23.49 -18.70
CA LYS D 11 4.56 -23.83 -18.20
C LYS D 11 4.69 -25.34 -17.97
N ALA D 12 5.81 -25.89 -18.43
CA ALA D 12 6.09 -27.32 -18.30
C ALA D 12 7.02 -27.56 -17.12
N LEU D 13 6.66 -28.49 -16.25
CA LEU D 13 7.48 -28.86 -15.10
C LEU D 13 7.69 -30.36 -15.10
N ASP D 14 8.92 -30.79 -14.81
CA ASP D 14 9.20 -32.22 -14.74
C ASP D 14 8.37 -32.85 -13.62
N PRO D 15 7.80 -34.04 -13.85
CA PRO D 15 6.89 -34.61 -12.84
C PRO D 15 7.60 -35.11 -11.59
N PHE D 16 8.86 -35.50 -11.68
CA PHE D 16 9.54 -36.20 -10.59
C PHE D 16 10.33 -35.27 -9.67
N ASN D 17 10.11 -33.96 -9.77
CA ASN D 17 10.79 -33.00 -8.92
C ASN D 17 9.82 -32.46 -7.87
N PHE D 18 10.31 -32.32 -6.65
CA PHE D 18 9.63 -31.53 -5.63
C PHE D 18 9.96 -30.07 -5.88
N TYR D 19 8.94 -29.21 -5.82
CA TYR D 19 9.13 -27.82 -6.18
C TYR D 19 8.80 -26.89 -5.02
N ARG D 20 9.46 -25.75 -5.04
CA ARG D 20 9.30 -24.68 -4.06
C ARG D 20 8.64 -23.52 -4.80
N ILE D 21 7.53 -23.02 -4.26
CA ILE D 21 6.78 -21.97 -4.93
C ILE D 21 7.22 -20.63 -4.36
N ARG D 22 7.89 -19.85 -5.20
CA ARG D 22 8.51 -18.59 -4.81
C ARG D 22 7.59 -17.43 -5.15
N THR D 23 7.30 -16.58 -4.16
CA THR D 23 6.41 -15.45 -4.35
C THR D 23 7.16 -14.22 -4.85
N PHE D 24 6.40 -13.16 -5.14
CA PHE D 24 6.97 -11.95 -5.72
C PHE D 24 8.06 -11.34 -4.85
N CYS D 25 8.00 -11.52 -3.54
CA CYS D 25 8.98 -10.94 -2.64
C CYS D 25 10.10 -11.88 -2.25
N GLY D 26 10.14 -13.09 -2.82
CA GLY D 26 11.19 -14.04 -2.51
C GLY D 26 10.87 -14.98 -1.38
N LYS D 27 9.70 -14.85 -0.77
CA LYS D 27 9.21 -15.79 0.24
C LYS D 27 8.45 -16.92 -0.44
N MET D 28 8.17 -17.97 0.33
CA MET D 28 7.65 -19.23 -0.18
C MET D 28 6.31 -19.58 0.45
N LEU D 29 5.48 -20.29 -0.30
CA LEU D 29 4.23 -20.80 0.23
C LEU D 29 4.51 -21.89 1.26
N ASP D 30 3.87 -21.79 2.42
CA ASP D 30 4.05 -22.71 3.53
C ASP D 30 2.67 -23.14 4.00
N VAL D 31 2.46 -24.46 4.09
CA VAL D 31 1.16 -25.00 4.48
C VAL D 31 0.97 -25.06 5.99
N VAL D 32 1.98 -24.71 6.77
CA VAL D 32 1.84 -24.68 8.22
C VAL D 32 1.73 -23.23 8.68
N GLY D 33 2.81 -22.48 8.56
CA GLY D 33 2.82 -21.09 8.99
C GLY D 33 3.07 -20.99 10.49
N GLN D 34 3.04 -19.76 10.98
CA GLN D 34 3.21 -19.50 12.41
C GLN D 34 1.86 -19.36 13.13
N SER D 35 1.12 -18.29 12.82
CA SER D 35 -0.19 -18.10 13.44
C SER D 35 -1.23 -19.04 12.86
N THR D 36 -0.95 -19.65 11.72
CA THR D 36 -1.82 -20.62 11.06
C THR D 36 -1.41 -22.05 11.32
N SER D 37 -0.48 -22.29 12.25
CA SER D 37 0.01 -23.65 12.48
C SER D 37 -1.12 -24.58 12.86
N ASP D 38 -2.17 -24.06 13.51
CA ASP D 38 -3.27 -24.87 14.00
C ASP D 38 -4.45 -24.95 13.05
N ASN D 39 -4.32 -24.47 11.82
CA ASN D 39 -5.42 -24.55 10.86
C ASN D 39 -4.89 -24.87 9.47
N ALA D 40 -5.81 -25.01 8.52
CA ALA D 40 -5.53 -25.50 7.19
C ALA D 40 -5.00 -24.43 6.23
N MET D 41 -4.80 -23.21 6.69
CA MET D 41 -4.40 -22.12 5.81
C MET D 41 -3.00 -22.33 5.26
N VAL D 42 -2.82 -21.91 4.00
CA VAL D 42 -1.53 -21.88 3.32
C VAL D 42 -1.13 -20.42 3.15
N VAL D 43 0.09 -20.08 3.58
CA VAL D 43 0.48 -18.67 3.69
C VAL D 43 1.85 -18.45 3.07
N GLN D 44 2.16 -17.19 2.77
CA GLN D 44 3.50 -16.81 2.35
C GLN D 44 4.42 -16.71 3.57
N TYR D 45 5.54 -17.43 3.53
CA TYR D 45 6.45 -17.55 4.66
C TYR D 45 7.89 -17.56 4.16
N SER D 46 8.82 -17.15 5.03
CA SER D 46 10.23 -17.15 4.65
C SER D 46 10.73 -18.56 4.44
N ILE D 47 11.83 -18.69 3.70
CA ILE D 47 12.39 -20.01 3.43
C ILE D 47 12.74 -20.71 4.73
N ASN D 48 12.28 -21.94 4.88
CA ASN D 48 12.61 -22.77 6.03
C ASN D 48 13.28 -24.09 5.64
N ASN D 49 13.28 -24.44 4.35
CA ASN D 49 13.89 -25.68 3.87
C ASN D 49 13.28 -26.90 4.54
N LYS D 50 11.96 -26.90 4.67
CA LYS D 50 11.20 -27.97 5.28
C LYS D 50 10.18 -28.47 4.26
N PRO D 51 9.66 -29.69 4.43
CA PRO D 51 8.69 -30.20 3.46
C PRO D 51 7.39 -29.41 3.39
N ASN D 52 7.03 -28.65 4.43
CA ASN D 52 5.79 -27.88 4.35
C ASN D 52 5.84 -26.87 3.21
N GLN D 53 7.04 -26.53 2.73
CA GLN D 53 7.19 -25.66 1.57
C GLN D 53 7.46 -26.42 0.27
N ASN D 54 7.46 -27.76 0.29
CA ASN D 54 7.71 -28.57 -0.90
C ASN D 54 6.41 -29.07 -1.52
N PHE D 55 6.34 -29.02 -2.84
CA PHE D 55 5.14 -29.44 -3.56
C PHE D 55 5.50 -30.32 -4.76
N LEU D 56 4.50 -31.08 -5.19
CA LEU D 56 4.51 -31.89 -6.39
C LEU D 56 3.43 -31.35 -7.32
N VAL D 57 3.74 -31.27 -8.61
CA VAL D 57 2.80 -30.78 -9.61
C VAL D 57 2.41 -31.94 -10.53
N PHE D 58 1.12 -32.26 -10.57
CA PHE D 58 0.56 -33.35 -11.35
C PHE D 58 -0.25 -32.78 -12.51
N THR D 59 0.25 -32.89 -13.74
CA THR D 59 -0.45 -32.29 -14.86
C THR D 59 -1.41 -33.30 -15.47
N LEU D 60 -2.67 -32.89 -15.62
CA LEU D 60 -3.74 -33.74 -16.11
C LEU D 60 -3.89 -33.60 -17.62
N ASP D 61 -4.81 -34.38 -18.19
CA ASP D 61 -5.05 -34.34 -19.63
C ASP D 61 -5.54 -32.97 -20.08
N ASP D 62 -6.38 -32.31 -19.28
CA ASP D 62 -6.92 -31.02 -19.69
C ASP D 62 -5.90 -29.89 -19.65
N GLY D 63 -4.69 -30.14 -19.18
CA GLY D 63 -3.66 -29.13 -19.11
C GLY D 63 -3.56 -28.49 -17.74
N TYR D 64 -4.58 -28.67 -16.92
CA TYR D 64 -4.59 -28.19 -15.54
C TYR D 64 -3.84 -29.17 -14.65
N SER D 65 -3.25 -28.64 -13.59
CA SER D 65 -2.38 -29.42 -12.71
C SER D 65 -2.88 -29.41 -11.27
N ILE D 66 -2.51 -30.46 -10.54
CA ILE D 66 -2.79 -30.64 -9.12
C ILE D 66 -1.49 -30.40 -8.36
N ILE D 67 -1.54 -29.53 -7.36
CA ILE D 67 -0.37 -29.21 -6.54
C ILE D 67 -0.54 -29.83 -5.16
N ALA D 68 0.38 -30.74 -4.81
CA ALA D 68 0.33 -31.50 -3.57
C ALA D 68 1.50 -31.13 -2.68
N ALA D 69 1.23 -30.86 -1.40
CA ALA D 69 2.28 -30.55 -0.45
C ALA D 69 2.91 -31.82 0.10
N GLU D 70 4.21 -31.74 0.41
CA GLU D 70 4.93 -32.91 0.94
C GLU D 70 4.59 -33.18 2.40
N ASN D 71 4.16 -32.17 3.15
CA ASN D 71 3.96 -32.35 4.59
C ASN D 71 2.82 -33.32 4.88
N SER D 72 1.84 -33.41 3.99
CA SER D 72 0.77 -34.38 4.09
C SER D 72 0.38 -34.82 2.69
N GLY D 73 -0.54 -35.76 2.61
CA GLY D 73 -1.00 -36.17 1.29
C GLY D 73 -1.94 -35.19 0.65
N LYS D 74 -2.34 -34.15 1.39
CA LYS D 74 -3.32 -33.19 0.95
C LYS D 74 -2.76 -32.22 -0.09
N VAL D 75 -3.67 -31.59 -0.83
CA VAL D 75 -3.37 -30.72 -1.97
C VAL D 75 -3.91 -29.31 -1.71
N LEU D 76 -3.46 -28.38 -2.55
CA LEU D 76 -3.95 -27.01 -2.47
C LEU D 76 -5.43 -26.95 -2.86
N ASP D 77 -6.19 -26.13 -2.13
CA ASP D 77 -7.63 -26.03 -2.29
C ASP D 77 -8.06 -24.58 -2.10
N ILE D 78 -8.98 -24.11 -2.94
CA ILE D 78 -9.56 -22.77 -2.83
C ILE D 78 -10.95 -22.92 -2.22
N SER D 79 -11.14 -22.34 -1.03
CA SER D 79 -12.38 -22.56 -0.31
C SER D 79 -13.55 -21.91 -1.03
N GLU D 80 -14.67 -22.64 -1.07
CA GLU D 80 -15.94 -22.11 -1.53
C GLU D 80 -16.85 -21.79 -0.36
N ASP D 81 -16.29 -21.77 0.85
CA ASP D 81 -17.06 -21.48 2.04
C ASP D 81 -17.65 -20.07 1.94
N PHE D 82 -18.91 -19.94 2.36
CA PHE D 82 -19.56 -18.64 2.33
C PHE D 82 -18.73 -17.59 3.07
N PHE D 83 -18.23 -17.95 4.25
CA PHE D 83 -17.52 -17.02 5.11
C PHE D 83 -16.06 -16.80 4.70
N PHE D 84 -15.39 -17.80 4.14
CA PHE D 84 -13.99 -17.69 3.75
C PHE D 84 -13.77 -17.93 2.26
N LYS D 85 -14.71 -17.48 1.42
CA LYS D 85 -14.61 -17.73 -0.01
C LYS D 85 -13.32 -17.15 -0.58
N GLY D 86 -12.61 -17.94 -1.37
CA GLY D 86 -11.41 -17.52 -2.06
C GLY D 86 -10.09 -17.77 -1.34
N MET D 87 -10.13 -18.25 -0.11
CA MET D 87 -8.91 -18.51 0.66
C MET D 87 -8.21 -19.77 0.13
N LEU D 88 -6.89 -19.78 0.21
CA LEU D 88 -6.10 -20.96 -0.15
C LEU D 88 -5.77 -21.77 1.10
N ILE D 89 -6.17 -23.05 1.09
CA ILE D 89 -6.02 -23.95 2.22
C ILE D 89 -5.47 -25.28 1.72
N GLN D 90 -5.13 -26.16 2.65
CA GLN D 90 -4.70 -27.51 2.32
C GLN D 90 -5.83 -28.48 2.65
N TYR D 91 -6.23 -29.26 1.65
CA TYR D 91 -7.39 -30.14 1.74
C TYR D 91 -7.10 -31.39 0.93
N HIS D 92 -7.69 -32.51 1.35
CA HIS D 92 -7.44 -33.75 0.64
C HIS D 92 -7.95 -33.65 -0.79
N PHE D 93 -7.32 -34.39 -1.69
CA PHE D 93 -7.70 -34.36 -3.09
C PHE D 93 -9.13 -34.87 -3.26
N ALA D 94 -9.94 -34.12 -4.00
CA ALA D 94 -11.31 -34.52 -4.29
C ALA D 94 -11.67 -34.39 -5.77
N ASN D 95 -10.69 -34.17 -6.64
CA ASN D 95 -10.92 -34.01 -8.07
C ASN D 95 -12.01 -32.97 -8.33
N SER D 96 -11.79 -31.77 -7.79
CA SER D 96 -12.71 -30.66 -7.92
C SER D 96 -12.00 -29.49 -8.60
N ASP D 97 -12.77 -28.70 -9.36
CA ASP D 97 -12.18 -27.66 -10.19
C ASP D 97 -11.44 -26.61 -9.36
N ASN D 98 -11.87 -26.37 -8.11
CA ASN D 98 -11.14 -25.42 -7.28
C ASN D 98 -9.76 -25.94 -6.91
N GLN D 99 -9.56 -27.26 -6.98
CA GLN D 99 -8.26 -27.88 -6.76
C GLN D 99 -7.41 -28.00 -8.02
N LYS D 100 -7.95 -27.67 -9.19
CA LYS D 100 -7.24 -27.76 -10.46
C LYS D 100 -6.72 -26.38 -10.86
N PHE D 101 -5.42 -26.29 -11.13
CA PHE D 101 -4.78 -25.00 -11.40
C PHE D 101 -4.00 -25.01 -12.71
N LEU D 102 -4.01 -23.86 -13.37
CA LEU D 102 -3.33 -23.65 -14.65
C LEU D 102 -2.10 -22.77 -14.40
N ILE D 103 -0.91 -23.36 -14.61
CA ILE D 103 0.35 -22.66 -14.45
C ILE D 103 0.84 -22.17 -15.81
N SER D 104 1.09 -20.86 -15.92
CA SER D 104 1.45 -20.25 -17.20
C SER D 104 2.83 -19.62 -17.14
N ASN D 105 3.41 -19.42 -18.33
CA ASN D 105 4.73 -18.81 -18.44
C ASN D 105 4.74 -17.38 -17.89
N ASN D 106 3.59 -16.70 -17.92
CA ASN D 106 3.53 -15.36 -17.36
C ASN D 106 3.79 -15.35 -15.87
N GLY D 107 3.68 -16.51 -15.22
CA GLY D 107 3.97 -16.65 -13.80
C GLY D 107 2.73 -16.83 -12.95
N THR D 108 1.55 -16.85 -13.57
CA THR D 108 0.28 -16.89 -12.87
C THR D 108 -0.20 -18.31 -12.64
N ILE D 109 -0.73 -18.56 -11.45
CA ILE D 109 -1.44 -19.79 -11.12
C ILE D 109 -2.93 -19.48 -11.10
N ALA D 110 -3.67 -20.07 -12.03
CA ALA D 110 -5.08 -19.74 -12.24
C ALA D 110 -5.97 -20.86 -11.74
N VAL D 111 -7.03 -20.50 -11.03
CA VAL D 111 -8.01 -21.47 -10.56
C VAL D 111 -8.87 -21.93 -11.74
N LYS D 112 -9.13 -23.23 -11.82
CA LYS D 112 -9.95 -23.74 -12.92
C LYS D 112 -11.39 -23.29 -12.79
N ARG D 113 -11.96 -23.39 -11.59
CA ARG D 113 -13.39 -23.13 -11.40
C ARG D 113 -13.76 -21.73 -11.85
N SER D 114 -12.95 -20.76 -11.48
CA SER D 114 -13.20 -19.35 -11.72
C SER D 114 -12.08 -18.83 -12.61
N GLY D 115 -12.11 -17.54 -12.90
CA GLY D 115 -11.01 -16.99 -13.66
C GLY D 115 -9.91 -16.48 -12.76
N LYS D 116 -10.20 -16.42 -11.46
CA LYS D 116 -9.30 -15.80 -10.50
C LYS D 116 -7.99 -16.58 -10.38
N VAL D 117 -6.94 -15.85 -10.03
CA VAL D 117 -5.58 -16.36 -9.91
C VAL D 117 -5.09 -16.14 -8.49
N PHE D 118 -3.99 -16.82 -8.17
CA PHE D 118 -3.35 -16.66 -6.86
C PHE D 118 -2.89 -15.22 -6.66
N ASP D 119 -3.13 -14.68 -5.47
CA ASP D 119 -2.77 -13.30 -5.20
C ASP D 119 -2.36 -13.19 -3.74
N ILE D 120 -1.31 -12.42 -3.48
CA ILE D 120 -0.92 -12.08 -2.11
C ILE D 120 -1.62 -10.78 -1.76
N PRO D 121 -2.57 -10.79 -0.82
CA PRO D 121 -3.37 -9.59 -0.55
C PRO D 121 -2.50 -8.41 -0.16
N GLY D 122 -2.77 -7.27 -0.78
CA GLY D 122 -2.04 -6.04 -0.50
C GLY D 122 -0.55 -6.15 -0.73
N ALA D 123 -0.12 -7.12 -1.53
CA ALA D 123 1.31 -7.36 -1.76
C ALA D 123 2.07 -7.45 -0.44
N SER D 124 1.49 -8.17 0.51
CA SER D 124 2.11 -8.30 1.82
C SER D 124 3.46 -9.00 1.70
N THR D 125 4.43 -8.50 2.45
CA THR D 125 5.74 -9.10 2.57
C THR D 125 5.89 -9.84 3.89
N SER D 126 4.78 -10.05 4.59
CA SER D 126 4.81 -10.63 5.92
C SER D 126 5.01 -12.14 5.85
N ASN D 127 5.42 -12.72 6.99
CA ASN D 127 5.65 -14.15 7.09
C ASN D 127 4.38 -14.98 7.21
N ASP D 128 3.22 -14.38 7.46
CA ASP D 128 1.99 -15.14 7.52
C ASP D 128 0.93 -14.60 6.57
N ALA D 129 1.38 -13.98 5.48
CA ALA D 129 0.47 -13.43 4.50
C ALA D 129 -0.35 -14.54 3.85
N PRO D 130 -1.67 -14.43 3.80
CA PRO D 130 -2.50 -15.47 3.20
C PRO D 130 -2.46 -15.36 1.68
N VAL D 131 -3.08 -16.34 1.02
CA VAL D 131 -3.24 -16.34 -0.42
C VAL D 131 -4.72 -16.36 -0.72
N ILE D 132 -5.18 -15.40 -1.53
CA ILE D 132 -6.58 -15.28 -1.88
C ILE D 132 -6.69 -15.20 -3.40
N ALA D 133 -7.65 -15.94 -3.96
CA ALA D 133 -7.87 -15.88 -5.39
C ALA D 133 -8.44 -14.52 -5.76
N TYR D 134 -7.88 -13.90 -6.79
CA TYR D 134 -8.25 -12.54 -7.18
C TYR D 134 -8.21 -12.46 -8.70
N ASN D 135 -9.01 -11.57 -9.26
CA ASN D 135 -9.03 -11.44 -10.71
C ASN D 135 -7.67 -11.01 -11.22
N PHE D 136 -7.26 -11.57 -12.36
CA PHE D 136 -5.94 -11.27 -12.90
C PHE D 136 -5.84 -9.80 -13.28
N ASN D 137 -4.78 -9.15 -12.79
CA ASN D 137 -4.51 -7.75 -13.11
C ASN D 137 -3.05 -7.53 -13.48
N ASN D 138 -2.27 -8.60 -13.65
CA ASN D 138 -0.88 -8.53 -14.06
C ASN D 138 0.00 -7.83 -13.03
N ALA D 139 -0.42 -7.85 -11.77
CA ALA D 139 0.39 -7.29 -10.70
C ALA D 139 1.44 -8.30 -10.26
N ALA D 140 2.52 -7.78 -9.68
CA ALA D 140 3.63 -8.65 -9.27
C ALA D 140 3.18 -9.66 -8.21
N ASN D 141 2.28 -9.26 -7.31
CA ASN D 141 1.86 -10.14 -6.23
C ASN D 141 1.08 -11.35 -6.73
N GLN D 142 0.66 -11.37 -8.00
CA GLN D 142 -0.01 -12.53 -8.57
C GLN D 142 0.92 -13.52 -9.26
N LYS D 143 2.21 -13.24 -9.37
CA LYS D 143 3.15 -14.08 -10.12
C LYS D 143 4.01 -14.90 -9.17
N PHE D 144 4.20 -16.18 -9.50
CA PHE D 144 4.95 -17.12 -8.68
C PHE D 144 5.91 -17.92 -9.56
N THR D 145 7.03 -18.34 -8.97
CA THR D 145 8.02 -19.11 -9.71
C THR D 145 8.26 -20.44 -9.00
N PHE D 146 8.34 -21.50 -9.79
CA PHE D 146 8.59 -22.84 -9.27
C PHE D 146 10.08 -23.13 -9.36
N GLU D 147 10.67 -23.51 -8.24
CA GLU D 147 12.09 -23.84 -8.15
C GLU D 147 12.26 -25.31 -7.80
N ARG D 148 13.18 -25.98 -8.48
CA ARG D 148 13.47 -27.38 -8.19
C ARG D 148 14.16 -27.49 -6.84
N VAL D 149 13.63 -28.32 -5.95
CA VAL D 149 14.20 -28.54 -4.62
C VAL D 149 14.98 -29.85 -4.55
N LYS D 150 14.33 -30.96 -4.89
CA LYS D 150 14.97 -32.27 -4.85
C LYS D 150 14.27 -33.14 -5.88
N THR D 151 14.94 -34.18 -6.35
CA THR D 151 14.41 -35.01 -7.42
C THR D 151 14.54 -36.48 -7.05
N PHE D 152 13.62 -37.29 -7.56
CA PHE D 152 13.64 -38.73 -7.35
C PHE D 152 13.38 -39.45 -8.67
N GLN D 153 13.71 -40.73 -8.70
CA GLN D 153 13.58 -41.54 -9.91
C GLN D 153 12.51 -42.60 -9.67
N VAL D 154 11.77 -42.91 -10.73
CA VAL D 154 10.75 -43.95 -10.72
C VAL D 154 11.27 -45.15 -11.51
N PRO D 155 11.49 -46.30 -10.88
CA PRO D 155 12.01 -47.46 -11.62
C PRO D 155 11.07 -47.87 -12.76
N SER D 156 11.67 -48.29 -13.87
CA SER D 156 10.91 -48.78 -15.01
C SER D 156 11.05 -50.30 -15.10
N PRO D 157 9.93 -51.02 -15.21
CA PRO D 157 10.01 -52.48 -15.30
C PRO D 157 10.56 -52.92 -16.65
N SER D 158 11.16 -54.11 -16.65
CA SER D 158 11.67 -54.68 -17.89
C SER D 158 10.50 -54.93 -18.84
N ILE D 159 10.66 -54.51 -20.10
CA ILE D 159 9.61 -54.56 -21.11
C ILE D 159 9.97 -55.61 -22.13
N GLY D 160 8.99 -56.43 -22.50
CA GLY D 160 9.20 -57.46 -23.50
C GLY D 160 8.05 -57.50 -24.48
N THR D 161 8.35 -57.93 -25.69
CA THR D 161 7.33 -58.04 -26.71
C THR D 161 6.54 -59.33 -26.55
N LEU D 162 5.31 -59.32 -27.05
CA LEU D 162 4.49 -60.51 -27.01
C LEU D 162 5.10 -61.56 -27.95
N PRO D 163 5.36 -62.77 -27.48
CA PRO D 163 5.87 -63.80 -28.36
C PRO D 163 4.75 -64.35 -29.24
N PRO D 164 5.09 -64.94 -30.37
CA PRO D 164 4.04 -65.56 -31.19
C PRO D 164 3.57 -66.83 -30.51
N ALA D 165 2.32 -67.18 -30.75
CA ALA D 165 1.79 -68.39 -30.14
C ALA D 165 2.60 -69.60 -30.60
N PRO D 166 2.87 -70.55 -29.72
CA PRO D 166 3.67 -71.73 -30.11
C PRO D 166 2.94 -72.64 -31.06
N ASP D 167 3.70 -73.34 -31.90
CA ASP D 167 3.16 -74.21 -32.94
C ASP D 167 3.75 -75.61 -32.79
N PHE D 168 3.07 -76.58 -33.42
CA PHE D 168 3.57 -77.95 -33.40
C PHE D 168 4.89 -78.02 -34.16
N LYS D 169 5.78 -78.89 -33.70
CA LYS D 169 7.10 -79.06 -34.29
C LYS D 169 7.21 -80.50 -34.74
N ASN D 170 7.47 -80.70 -36.03
CA ASN D 170 7.65 -82.01 -36.65
C ASN D 170 6.39 -82.85 -36.61
N ASP D 171 5.23 -82.25 -36.35
CA ASP D 171 3.98 -82.98 -36.25
C ASP D 171 4.11 -84.16 -35.29
N ILE D 172 4.93 -83.98 -34.25
CA ILE D 172 5.13 -85.01 -33.24
C ILE D 172 3.87 -85.20 -32.42
N ASN D 173 2.98 -84.20 -32.42
CA ASN D 173 1.74 -84.25 -31.65
C ASN D 173 2.04 -84.19 -30.16
N GLU D 174 3.09 -83.44 -29.82
CA GLU D 174 3.51 -83.21 -28.45
C GLU D 174 2.50 -82.30 -27.77
N GLN D 175 2.55 -82.26 -26.44
CA GLN D 175 1.67 -81.39 -25.68
C GLN D 175 2.29 -80.00 -25.60
N LEU D 176 1.58 -79.02 -26.15
CA LEU D 176 2.07 -77.65 -26.24
C LEU D 176 1.94 -76.94 -24.90
N PRO D 177 2.76 -75.90 -24.68
CA PRO D 177 2.70 -75.21 -23.39
C PRO D 177 1.30 -74.64 -23.14
N ASP D 178 0.87 -74.75 -21.88
CA ASP D 178 -0.42 -74.18 -21.50
C ASP D 178 -0.44 -72.67 -21.64
N LYS D 179 0.69 -72.01 -21.37
CA LYS D 179 0.78 -70.57 -21.55
C LYS D 179 2.20 -70.18 -21.92
N THR D 180 2.30 -69.09 -22.68
CA THR D 180 3.60 -68.53 -23.00
C THR D 180 4.13 -67.78 -21.78
N ASN D 181 5.45 -67.58 -21.75
CA ASN D 181 6.02 -66.85 -20.63
C ASN D 181 5.44 -65.44 -20.61
N PRO D 182 4.84 -65.02 -19.51
CA PRO D 182 4.28 -63.67 -19.46
C PRO D 182 5.35 -62.60 -19.65
N VAL D 183 5.00 -61.56 -20.40
CA VAL D 183 5.90 -60.45 -20.68
C VAL D 183 5.17 -59.15 -20.37
N ILE D 184 5.91 -58.18 -19.81
CA ILE D 184 5.36 -56.87 -19.52
C ILE D 184 5.42 -56.03 -20.78
N THR D 185 4.28 -55.90 -21.47
CA THR D 185 4.26 -55.12 -22.70
C THR D 185 4.10 -53.63 -22.41
N HIS D 186 3.31 -53.24 -21.40
CA HIS D 186 3.09 -51.83 -21.17
C HIS D 186 3.03 -51.51 -19.67
N PHE D 187 3.24 -50.24 -19.34
CA PHE D 187 3.02 -49.74 -17.99
C PHE D 187 2.73 -48.24 -18.02
N SER D 188 1.98 -47.78 -17.01
CA SER D 188 1.52 -46.40 -16.90
C SER D 188 1.90 -45.82 -15.53
N THR D 189 2.54 -44.65 -15.54
CA THR D 189 2.93 -43.98 -14.31
C THR D 189 1.88 -42.93 -13.94
N ILE D 190 1.27 -43.09 -12.76
CA ILE D 190 0.18 -42.22 -12.32
C ILE D 190 0.48 -41.73 -10.91
N PRO D 191 -0.06 -40.56 -10.53
CA PRO D 191 0.19 -40.02 -9.19
C PRO D 191 -0.59 -40.74 -8.09
N TYR D 192 -0.05 -40.66 -6.88
CA TYR D 192 -0.67 -41.32 -5.73
C TYR D 192 -2.11 -40.88 -5.51
N ILE D 193 -2.47 -39.66 -5.92
CA ILE D 193 -3.83 -39.18 -5.69
C ILE D 193 -4.85 -40.06 -6.41
N MET D 194 -4.43 -40.69 -7.50
CA MET D 194 -5.34 -41.56 -8.26
C MET D 194 -5.48 -42.94 -7.63
N ALA D 195 -4.45 -43.41 -6.94
CA ALA D 195 -4.41 -44.78 -6.43
C ALA D 195 -4.86 -44.85 -4.98
N ASN D 196 -5.71 -45.84 -4.68
CA ASN D 196 -6.19 -46.10 -3.33
C ASN D 196 -5.39 -47.26 -2.75
N ASP D 197 -4.48 -46.95 -1.81
CA ASP D 197 -3.58 -47.93 -1.22
C ASP D 197 -4.06 -48.22 0.20
N ALA D 198 -4.42 -49.48 0.46
CA ALA D 198 -4.95 -49.85 1.77
C ALA D 198 -3.90 -49.69 2.87
N THR D 199 -2.64 -49.94 2.55
CA THR D 199 -1.59 -50.03 3.55
C THR D 199 -0.76 -48.74 3.69
N PHE D 200 -1.04 -47.73 2.88
CA PHE D 200 -0.41 -46.42 2.99
C PHE D 200 -1.46 -45.32 3.01
N ASN D 201 -1.37 -44.42 3.99
CA ASN D 201 -2.23 -43.26 3.98
C ASN D 201 -1.66 -42.18 3.06
N SER D 202 -2.47 -41.17 2.79
CA SER D 202 -2.10 -40.16 1.78
C SER D 202 -0.75 -39.53 2.11
N HIS D 203 -0.50 -39.26 3.39
CA HIS D 203 0.77 -38.67 3.78
C HIS D 203 1.91 -39.62 3.47
N GLN D 204 1.75 -40.89 3.86
CA GLN D 204 2.77 -41.90 3.60
C GLN D 204 3.02 -42.02 2.10
N GLN D 205 1.95 -41.97 1.30
CA GLN D 205 2.06 -42.15 -0.14
C GLN D 205 3.02 -41.14 -0.74
N ILE D 206 2.76 -39.85 -0.50
CA ILE D 206 3.58 -38.82 -1.13
C ILE D 206 5.02 -38.90 -0.63
N GLN D 207 5.21 -39.39 0.59
CA GLN D 207 6.57 -39.53 1.12
C GLN D 207 7.34 -40.63 0.39
N TYR D 208 6.73 -41.79 0.20
CA TYR D 208 7.46 -42.97 -0.26
C TYR D 208 7.09 -43.45 -1.66
N SER D 209 5.87 -43.20 -2.12
CA SER D 209 5.44 -43.62 -3.46
C SER D 209 4.64 -42.50 -4.11
N PRO D 210 5.31 -41.40 -4.47
CA PRO D 210 4.58 -40.29 -5.13
C PRO D 210 3.82 -40.72 -6.36
N TYR D 211 4.38 -41.61 -7.16
CA TYR D 211 3.73 -42.16 -8.34
C TYR D 211 3.57 -43.67 -8.16
N TYR D 212 2.40 -44.18 -8.54
CA TYR D 212 2.13 -45.61 -8.63
C TYR D 212 2.23 -46.04 -10.09
N LYS D 213 2.44 -47.33 -10.30
CA LYS D 213 2.58 -47.89 -11.64
C LYS D 213 1.50 -48.92 -11.91
N LEU D 214 0.83 -48.80 -13.05
CA LEU D 214 -0.16 -49.76 -13.53
C LEU D 214 0.45 -50.56 -14.68
N VAL D 215 0.62 -51.86 -14.50
CA VAL D 215 1.43 -52.69 -15.38
C VAL D 215 0.54 -53.67 -16.13
N ARG D 216 0.80 -53.81 -17.44
CA ARG D 216 0.06 -54.67 -18.34
C ARG D 216 0.97 -55.78 -18.86
N ILE D 217 0.55 -57.02 -18.62
CA ILE D 217 1.26 -58.23 -19.04
C ILE D 217 0.40 -58.96 -20.06
N GLN D 218 0.98 -59.41 -21.15
CA GLN D 218 0.26 -60.18 -22.15
C GLN D 218 0.91 -61.54 -22.34
N TYR D 219 0.09 -62.56 -22.50
CA TYR D 219 0.59 -63.89 -22.87
C TYR D 219 -0.52 -64.71 -23.48
N TRP D 220 -0.14 -65.75 -24.22
CA TRP D 220 -1.11 -66.65 -24.84
C TRP D 220 -1.46 -67.78 -23.88
N GLU D 221 -2.76 -68.07 -23.79
CA GLU D 221 -3.27 -69.15 -22.95
C GLU D 221 -3.90 -70.21 -23.82
N LYS D 222 -3.58 -71.48 -23.58
CA LYS D 222 -4.05 -72.57 -24.42
C LYS D 222 -5.49 -72.88 -24.02
N VAL D 223 -6.44 -72.59 -24.91
CA VAL D 223 -7.83 -72.89 -24.61
C VAL D 223 -8.08 -74.39 -24.67
N THR D 224 -7.57 -75.05 -25.71
CA THR D 224 -7.73 -76.49 -25.81
C THR D 224 -6.68 -77.08 -26.76
N GLN D 225 -6.35 -78.34 -26.51
CA GLN D 225 -5.54 -79.14 -27.42
C GLN D 225 -6.09 -80.55 -27.42
N ARG D 226 -6.37 -81.10 -28.59
CA ARG D 226 -6.87 -82.47 -28.67
C ARG D 226 -6.54 -83.06 -30.03
N ILE D 227 -6.38 -84.38 -30.04
CA ILE D 227 -6.14 -85.17 -31.25
C ILE D 227 -7.37 -86.02 -31.49
N LEU D 228 -7.94 -85.94 -32.70
CA LEU D 228 -9.18 -86.62 -33.00
C LEU D 228 -9.15 -87.18 -34.41
N GLY D 229 -9.99 -88.18 -34.65
CA GLY D 229 -10.01 -88.88 -35.90
C GLY D 229 -10.81 -88.15 -36.95
N PRO D 230 -10.89 -88.76 -38.13
CA PRO D 230 -11.67 -88.14 -39.21
C PRO D 230 -13.08 -87.87 -38.78
N ARG D 231 -13.49 -86.63 -38.86
CA ARG D 231 -14.89 -86.37 -38.66
C ARG D 231 -15.35 -86.73 -37.27
N ASP D 232 -14.60 -86.32 -36.29
CA ASP D 232 -15.00 -86.57 -34.93
C ASP D 232 -15.33 -85.20 -34.38
N ASP D 233 -16.30 -85.14 -33.49
CA ASP D 233 -16.67 -83.86 -32.93
C ASP D 233 -16.58 -83.94 -31.41
N TYR D 234 -16.21 -82.81 -30.83
CA TYR D 234 -16.14 -82.69 -29.38
C TYR D 234 -16.43 -81.26 -28.95
N GLU D 235 -16.86 -81.13 -27.71
CA GLU D 235 -17.17 -79.85 -27.09
C GLU D 235 -16.17 -79.57 -25.98
N TYR D 236 -15.59 -78.37 -26.01
CA TYR D 236 -14.60 -77.94 -25.03
C TYR D 236 -15.00 -76.58 -24.46
N ASN D 237 -14.69 -76.37 -23.18
CA ASN D 237 -14.97 -75.09 -22.54
C ASN D 237 -13.95 -74.03 -22.96
N LYS D 238 -14.44 -72.80 -23.11
CA LYS D 238 -13.68 -71.61 -23.45
C LYS D 238 -14.13 -70.48 -22.52
N THR D 239 -13.20 -69.65 -22.07
CA THR D 239 -13.54 -68.58 -21.14
C THR D 239 -13.03 -67.23 -21.66
N LYS D 240 -13.89 -66.21 -21.55
CA LYS D 240 -13.60 -64.87 -22.03
C LYS D 240 -13.95 -63.87 -20.94
N GLY D 241 -13.33 -62.70 -21.00
CA GLY D 241 -13.73 -61.60 -20.14
C GLY D 241 -12.90 -61.49 -18.88
N ILE D 242 -13.46 -60.73 -17.94
CA ILE D 242 -12.80 -60.40 -16.68
C ILE D 242 -13.77 -60.69 -15.53
N SER D 243 -13.22 -61.22 -14.44
CA SER D 243 -14.05 -61.60 -13.29
C SER D 243 -14.60 -60.37 -12.57
N LYS D 244 -15.74 -60.56 -11.87
CA LYS D 244 -16.30 -59.47 -11.09
C LYS D 244 -15.34 -59.03 -9.98
N THR D 245 -14.67 -59.99 -9.33
CA THR D 245 -13.74 -59.62 -8.28
C THR D 245 -12.66 -58.69 -8.81
N ASP D 246 -12.13 -59.00 -10.00
CA ASP D 246 -11.15 -58.12 -10.62
C ASP D 246 -11.75 -56.77 -10.99
N GLN D 247 -13.00 -56.76 -11.47
CA GLN D 247 -13.66 -55.49 -11.79
C GLN D 247 -13.80 -54.63 -10.54
N VAL D 248 -14.24 -55.25 -9.45
CA VAL D 248 -14.43 -54.51 -8.20
C VAL D 248 -13.08 -54.02 -7.67
N SER D 249 -12.09 -54.91 -7.67
CA SER D 249 -10.77 -54.53 -7.19
C SER D 249 -10.18 -53.41 -8.03
N MET D 250 -10.33 -53.48 -9.35
CA MET D 250 -9.84 -52.42 -10.21
C MET D 250 -10.54 -51.10 -9.90
N THR D 251 -11.86 -51.12 -9.74
CA THR D 251 -12.53 -49.86 -9.40
C THR D 251 -12.11 -49.38 -8.01
N GLU D 252 -12.01 -50.30 -7.05
CA GLU D 252 -11.64 -49.94 -5.69
C GLU D 252 -10.25 -49.31 -5.64
N THR D 253 -9.32 -49.82 -6.44
CA THR D 253 -7.93 -49.37 -6.35
C THR D 253 -7.68 -48.12 -7.19
N VAL D 254 -8.13 -48.11 -8.44
CA VAL D 254 -7.80 -47.00 -9.34
C VAL D 254 -9.04 -46.45 -10.02
N SER D 255 -10.22 -46.79 -9.52
CA SER D 255 -11.48 -46.28 -10.05
C SER D 255 -11.56 -46.53 -11.55
N MET D 256 -11.23 -47.77 -11.94
CA MET D 256 -11.34 -48.21 -13.31
C MET D 256 -12.11 -49.52 -13.36
N SER D 257 -12.69 -49.80 -14.52
CA SER D 257 -13.33 -51.07 -14.79
C SER D 257 -13.16 -51.34 -16.27
N VAL D 258 -13.43 -52.56 -16.71
CA VAL D 258 -13.32 -52.93 -18.12
C VAL D 258 -14.72 -53.04 -18.70
N GLY D 259 -14.96 -52.32 -19.79
CA GLY D 259 -16.25 -52.36 -20.45
C GLY D 259 -16.41 -53.56 -21.37
N ALA D 260 -17.66 -53.83 -21.75
CA ALA D 260 -17.97 -54.99 -22.57
C ALA D 260 -17.29 -54.94 -23.93
N ASP D 261 -16.85 -53.77 -24.38
CA ASP D 261 -16.21 -53.65 -25.68
C ASP D 261 -14.69 -53.80 -25.59
N PHE D 262 -14.20 -54.33 -24.48
CA PHE D 262 -12.78 -54.58 -24.22
C PHE D 262 -12.01 -53.29 -24.02
N GLY D 263 -12.72 -52.17 -23.86
CA GLY D 263 -12.10 -50.90 -23.56
C GLY D 263 -12.16 -50.65 -22.07
N PHE D 264 -11.30 -49.74 -21.60
CA PHE D 264 -11.30 -49.36 -20.20
C PHE D 264 -12.30 -48.24 -19.93
N MET D 265 -13.02 -48.36 -18.82
CA MET D 265 -13.96 -47.37 -18.34
C MET D 265 -13.27 -46.59 -17.22
N PHE D 266 -13.16 -45.28 -17.39
CA PHE D 266 -12.51 -44.42 -16.42
C PHE D 266 -13.58 -43.70 -15.62
N LYS D 267 -13.59 -43.91 -14.31
CA LYS D 267 -14.62 -43.38 -13.44
C LYS D 267 -13.98 -42.51 -12.38
N GLY D 268 -14.74 -41.50 -11.96
CA GLY D 268 -14.25 -40.64 -10.90
C GLY D 268 -12.90 -40.04 -11.24
N PHE D 269 -11.97 -40.16 -10.30
CA PHE D 269 -10.69 -39.48 -10.42
C PHE D 269 -9.98 -39.89 -11.70
N SER D 270 -10.09 -41.17 -12.06
CA SER D 270 -9.31 -41.73 -13.16
C SER D 270 -9.54 -40.98 -14.46
N ALA D 271 -10.75 -40.45 -14.66
CA ALA D 271 -11.08 -39.83 -15.94
C ALA D 271 -10.08 -38.74 -16.30
N SER D 272 -9.54 -38.04 -15.29
CA SER D 272 -8.69 -36.90 -15.58
C SER D 272 -7.48 -37.30 -16.40
N LEU D 273 -6.98 -38.52 -16.24
CA LEU D 273 -5.81 -39.00 -16.96
C LEU D 273 -6.16 -40.00 -18.04
N SER D 274 -7.44 -40.09 -18.42
CA SER D 274 -7.86 -41.13 -19.34
C SER D 274 -6.96 -41.19 -20.56
N ALA D 275 -6.74 -40.05 -21.21
CA ALA D 275 -5.95 -40.05 -22.42
C ALA D 275 -4.54 -40.55 -22.13
N GLN D 276 -3.92 -40.02 -21.08
CA GLN D 276 -2.53 -40.41 -20.82
C GLN D 276 -2.47 -41.91 -20.61
N ILE D 277 -3.34 -42.44 -19.76
CA ILE D 277 -3.25 -43.85 -19.42
C ILE D 277 -3.45 -44.68 -20.68
N THR D 278 -4.49 -44.37 -21.46
CA THR D 278 -4.76 -45.18 -22.64
C THR D 278 -3.54 -45.18 -23.56
N LYS D 279 -2.91 -44.00 -23.71
CA LYS D 279 -1.77 -43.91 -24.61
C LYS D 279 -0.61 -44.73 -24.07
N GLU D 280 -0.37 -44.67 -22.76
CA GLU D 280 0.78 -45.35 -22.20
C GLU D 280 0.59 -46.86 -22.20
N LEU D 281 -0.65 -47.34 -22.04
CA LEU D 281 -0.91 -48.76 -22.05
C LEU D 281 -1.31 -49.29 -23.43
N SER D 282 -1.50 -48.41 -24.41
CA SER D 282 -1.94 -48.81 -25.75
C SER D 282 -3.27 -49.57 -25.67
N VAL D 283 -4.21 -49.01 -24.91
CA VAL D 283 -5.53 -49.59 -24.72
C VAL D 283 -6.59 -48.58 -25.15
N THR D 284 -7.78 -49.09 -25.46
CA THR D 284 -8.86 -48.28 -25.98
C THR D 284 -9.80 -47.82 -24.86
N LYS D 285 -10.21 -46.56 -24.96
CA LYS D 285 -11.20 -46.04 -24.02
C LYS D 285 -12.56 -46.65 -24.35
N SER D 286 -13.26 -47.13 -23.33
CA SER D 286 -14.48 -47.88 -23.56
C SER D 286 -15.60 -46.98 -24.09
N THR D 287 -16.40 -47.54 -25.00
CA THR D 287 -17.63 -46.92 -25.45
C THR D 287 -18.86 -47.68 -24.97
N SER D 288 -18.68 -48.62 -24.05
CA SER D 288 -19.76 -49.51 -23.61
C SER D 288 -20.47 -48.95 -22.39
N THR D 289 -21.79 -49.09 -22.39
CA THR D 289 -22.58 -48.68 -21.25
C THR D 289 -22.36 -49.62 -20.05
N THR D 290 -22.30 -50.92 -20.32
CA THR D 290 -22.20 -51.95 -19.30
C THR D 290 -20.77 -52.47 -19.14
N GLU D 291 -20.45 -52.95 -17.95
CA GLU D 291 -19.13 -53.51 -17.65
C GLU D 291 -19.07 -54.99 -18.03
N MET D 292 -17.88 -55.44 -18.43
CA MET D 292 -17.70 -56.82 -18.87
C MET D 292 -17.73 -57.80 -17.68
N THR D 293 -18.14 -59.03 -17.98
CA THR D 293 -18.18 -60.13 -17.02
C THR D 293 -17.45 -61.32 -17.60
N GLU D 294 -16.91 -62.17 -16.72
CA GLU D 294 -16.26 -63.40 -17.18
C GLU D 294 -17.34 -64.41 -17.55
N GLU D 295 -17.21 -65.01 -18.73
CA GLU D 295 -18.15 -65.98 -19.25
C GLU D 295 -17.39 -67.22 -19.67
N THR D 296 -17.88 -68.39 -19.26
CA THR D 296 -17.33 -69.66 -19.68
C THR D 296 -18.39 -70.42 -20.46
N TYR D 297 -18.07 -70.80 -21.69
CA TYR D 297 -19.03 -71.38 -22.60
C TYR D 297 -18.40 -72.53 -23.37
N LYS D 298 -19.22 -73.46 -23.83
CA LYS D 298 -18.76 -74.59 -24.61
C LYS D 298 -18.69 -74.22 -26.09
N GLU D 299 -17.63 -74.65 -26.77
CA GLU D 299 -17.46 -74.50 -28.20
C GLU D 299 -17.16 -75.85 -28.83
N LYS D 300 -17.75 -76.13 -29.99
CA LYS D 300 -17.70 -77.45 -30.60
C LYS D 300 -16.87 -77.44 -31.89
N TYR D 301 -15.97 -78.44 -32.02
CA TYR D 301 -15.17 -78.56 -33.24
C TYR D 301 -15.40 -79.93 -33.86
N THR D 302 -15.50 -79.96 -35.18
CA THR D 302 -15.67 -81.18 -35.97
C THR D 302 -14.48 -81.23 -36.93
N ASN D 303 -13.80 -82.37 -36.97
CA ASN D 303 -12.65 -82.52 -37.84
C ASN D 303 -13.15 -82.55 -39.28
N PRO D 304 -12.81 -81.54 -40.09
CA PRO D 304 -13.23 -81.59 -41.50
C PRO D 304 -12.30 -82.40 -42.39
N PHE D 305 -11.11 -82.74 -41.91
CA PHE D 305 -10.14 -83.42 -42.75
C PHE D 305 -10.26 -84.92 -42.51
N ASN D 306 -10.16 -85.68 -43.59
CA ASN D 306 -10.27 -87.13 -43.52
C ASN D 306 -8.99 -87.79 -43.03
N TYR D 307 -8.54 -87.43 -41.84
CA TYR D 307 -7.36 -88.05 -41.24
C TYR D 307 -7.22 -87.54 -39.82
N GLU D 308 -6.44 -88.27 -39.03
CA GLU D 308 -6.15 -87.86 -37.67
C GLU D 308 -5.51 -86.47 -37.66
N LEU D 309 -6.01 -85.60 -36.79
CA LEU D 309 -5.65 -84.20 -36.78
C LEU D 309 -5.46 -83.73 -35.35
N ALA D 310 -4.48 -82.85 -35.15
CA ALA D 310 -4.21 -82.25 -33.85
C ALA D 310 -4.47 -80.76 -33.94
N ARG D 311 -5.33 -80.24 -33.04
CA ARG D 311 -5.75 -78.84 -33.05
C ARG D 311 -5.45 -78.22 -31.69
N ALA D 312 -4.78 -77.07 -31.68
CA ALA D 312 -4.52 -76.32 -30.46
C ALA D 312 -4.86 -74.85 -30.68
N GLN D 313 -5.61 -74.26 -29.75
CA GLN D 313 -6.03 -72.87 -29.85
C GLN D 313 -5.53 -72.08 -28.64
N TYR D 314 -5.01 -70.89 -28.90
CA TYR D 314 -4.50 -69.98 -27.88
C TYR D 314 -5.33 -68.70 -27.86
N MET D 315 -5.56 -68.17 -26.66
CA MET D 315 -6.25 -66.91 -26.46
C MET D 315 -5.32 -65.90 -25.78
N LEU D 316 -5.37 -64.65 -26.24
CA LEU D 316 -4.60 -63.59 -25.62
C LEU D 316 -5.16 -63.26 -24.24
N VAL D 317 -4.27 -63.18 -23.25
CA VAL D 317 -4.64 -62.89 -21.87
C VAL D 317 -3.86 -61.68 -21.40
N ASN D 318 -4.56 -60.73 -20.78
CA ASN D 318 -3.99 -59.53 -20.22
C ASN D 318 -4.10 -59.61 -18.70
N GLU D 319 -3.02 -59.26 -18.00
CA GLU D 319 -3.03 -59.15 -16.56
C GLU D 319 -2.60 -57.74 -16.19
N PHE D 320 -3.42 -57.07 -15.39
CA PHE D 320 -3.17 -55.70 -14.96
C PHE D 320 -2.99 -55.67 -13.46
N TYR D 321 -1.97 -54.96 -12.99
CA TYR D 321 -1.78 -54.84 -11.55
C TYR D 321 -1.10 -53.51 -11.23
N VAL D 322 -1.24 -53.10 -9.98
CA VAL D 322 -0.75 -51.81 -9.51
C VAL D 322 0.37 -52.04 -8.50
N THR D 323 1.46 -51.30 -8.64
CA THR D 323 2.58 -51.36 -7.72
C THR D 323 2.91 -49.96 -7.22
N ARG D 324 3.63 -49.91 -6.10
CA ARG D 324 4.17 -48.66 -5.60
C ARG D 324 5.41 -48.29 -6.39
N MET D 325 5.91 -47.07 -6.16
CA MET D 325 7.04 -46.57 -6.94
C MET D 325 8.23 -47.52 -6.84
N ASP D 326 8.52 -48.02 -5.63
CA ASP D 326 9.66 -48.91 -5.46
C ASP D 326 9.45 -50.24 -6.17
N GLY D 327 8.21 -50.60 -6.44
CA GLY D 327 7.86 -51.85 -7.09
C GLY D 327 7.01 -52.77 -6.24
N THR D 328 6.77 -52.42 -4.98
CA THR D 328 5.94 -53.25 -4.13
C THR D 328 4.55 -53.37 -4.74
N ARG D 329 4.09 -54.60 -4.90
CA ARG D 329 2.79 -54.85 -5.52
C ARG D 329 1.72 -54.82 -4.44
N ILE D 330 0.68 -54.00 -4.66
CA ILE D 330 -0.37 -53.79 -3.67
C ILE D 330 -1.66 -54.51 -4.03
N THR D 331 -1.73 -55.14 -5.20
CA THR D 331 -2.94 -55.84 -5.60
C THR D 331 -2.58 -57.03 -6.47
N ALA D 332 -3.49 -58.01 -6.48
CA ALA D 332 -3.31 -59.19 -7.31
C ALA D 332 -3.52 -58.83 -8.77
N ASN D 333 -2.99 -59.68 -9.64
CA ASN D 333 -3.18 -59.45 -11.07
C ASN D 333 -4.65 -59.55 -11.44
N TRP D 334 -5.13 -58.59 -12.22
CA TRP D 334 -6.50 -58.53 -12.70
C TRP D 334 -6.52 -59.13 -14.11
N THR D 335 -7.23 -60.22 -14.29
CA THR D 335 -7.11 -61.03 -15.50
C THR D 335 -8.26 -60.72 -16.46
N LEU D 336 -7.89 -60.36 -17.68
CA LEU D 336 -8.83 -60.10 -18.77
C LEU D 336 -8.44 -61.00 -19.94
N ARG D 337 -9.37 -61.84 -20.37
CA ARG D 337 -9.15 -62.76 -21.48
C ARG D 337 -9.80 -62.18 -22.72
N ASP D 338 -8.99 -61.94 -23.76
CA ASP D 338 -9.46 -61.26 -24.96
C ASP D 338 -9.95 -62.31 -25.95
N ASN D 339 -11.28 -62.44 -26.04
CA ASN D 339 -11.89 -63.38 -26.97
C ASN D 339 -11.60 -63.00 -28.41
N THR D 340 -11.50 -61.69 -28.69
CA THR D 340 -11.27 -61.23 -30.06
C THR D 340 -9.94 -61.72 -30.62
N GLN D 341 -8.88 -61.69 -29.81
CA GLN D 341 -7.54 -62.09 -30.22
C GLN D 341 -7.28 -63.55 -29.89
N THR D 342 -7.37 -64.42 -30.89
CA THR D 342 -7.14 -65.86 -30.72
C THR D 342 -6.43 -66.42 -31.94
N VAL D 343 -5.64 -67.47 -31.71
CA VAL D 343 -4.86 -68.13 -32.75
C VAL D 343 -5.18 -69.63 -32.69
N THR D 344 -5.50 -70.23 -33.84
CA THR D 344 -5.74 -71.66 -33.95
C THR D 344 -4.70 -72.31 -34.84
N ARG D 345 -4.11 -73.40 -34.36
CA ARG D 345 -3.02 -74.07 -35.07
C ARG D 345 -3.24 -75.57 -35.19
N ILE D 346 -2.75 -76.13 -36.29
CA ILE D 346 -2.88 -77.55 -36.59
C ILE D 346 -1.53 -78.15 -36.94
N NH4 E . -12.68 -0.56 0.98
C1 EDO F . 2.88 -13.62 14.05
O1 EDO F . 2.67 -14.92 13.48
C2 EDO F . 2.42 -13.63 15.49
O2 EDO F . 3.01 -12.54 16.21
N NH4 G . 0.04 6.44 -15.13
C1 EDO H . 13.64 9.46 10.58
O1 EDO H . 12.27 9.56 10.98
C2 EDO H . 14.48 8.90 11.71
O2 EDO H . 14.42 7.47 11.69
N NH4 I . 13.13 18.62 17.37
C1 EDO J . -1.44 8.60 -2.70
O1 EDO J . -2.69 8.97 -3.29
C2 EDO J . -0.33 8.85 -3.72
O2 EDO J . 0.65 7.81 -3.61
C1 EDO K . -4.50 -6.22 -3.85
O1 EDO K . -5.75 -6.07 -3.15
C2 EDO K . -4.41 -7.64 -4.39
O2 EDO K . -3.95 -7.58 -5.75
N NH4 L . 7.20 -22.35 9.31
#